data_3H6O
#
_entry.id   3H6O
#
_cell.length_a   81.343
_cell.length_b   155.690
_cell.length_c   101.789
_cell.angle_alpha   90.000
_cell.angle_beta   108.040
_cell.angle_gamma   90.000
#
_symmetry.space_group_name_H-M   'P 1 21 1'
#
loop_
_entity.id
_entity.type
_entity.pdbx_description
1 polymer 'Pyruvate kinase isozymes M1/M2'
2 non-polymer 1,6-di-O-phosphono-beta-D-fructofuranose
3 non-polymer 'UNKNOWN ATOM OR ION'
4 non-polymer "6-(2-fluorobenzyl)-2,4-dimethyl-4,6-dihydro-5H-thieno[2',3':4,5]pyrrolo[2,3-d]pyridazin-5-one"
5 water water
#
_entity_poly.entity_id   1
_entity_poly.type   'polypeptide(L)'
_entity_poly.pdbx_seq_one_letter_code
;MGSSHHHHHHSSGLVPRGSMSKPHSEAGTAFIQTQQLHAAMADTFLEHMCRLDIDSPPITARNTGIICTIGPASRSVETL
KEMIKSGMNVARLNFSHGTHEYHAETIKNVRTATESFASDPILYRPVAVALDTKGPEIRTGLIKGSGTAEVELKKGATLK
ITLDNAYMEKCDENILWLDYKNICKVVEVGSKIYVDDGLISLQVKQKGADFLVTEVENGGSLGSKKGVNLPGAAVDLPAV
SEKDIQDLKFGVEQDVDMVFASFIRKASDVHEVRKVLGEKGKNIKIISKIENHEGVRRFDEILEASDGIMVARGDLGIEI
PAEKVFLAQKMMIGRCNRAGKPVICATQMLESMIKKPRPTRAEGSDVANAVLDGADCIMLSGETAKGDYPLEAVRMQHLI
AREAEAAIYHLQLFEELRRLAPITSDPTEATAVGAVEASFKCCSGAIIVLTKSGRSAHQVARYRPRAPIIAVTRNPQTAR
QAHLYRGIFPVLCKDPVQEAWAEDVDLRVNFAMNVGKARGFFKKGDVVIVLTGWRPGSGFTNTMRVVPVP
;
_entity_poly.pdbx_strand_id   A,B,C,D
#
loop_
_chem_comp.id
_chem_comp.type
_chem_comp.name
_chem_comp.formula
D8G non-polymer 6-(2-fluorobenzyl)-2,4-dimethyl-4,6-dihydro-5H-thieno[2',3':4,5]pyrrolo[2,3-d]pyridazin-5-one 'C17 H14 F N3 O S'
FBP D-saccharide, beta linking 1,6-di-O-phosphono-beta-D-fructofuranose 'C6 H14 O12 P2'
UNX non-polymer 'UNKNOWN ATOM OR ION' ?
#
# COMPACT_ATOMS: atom_id res chain seq x y z
N GLN A 33 0.39 6.38 24.18
CA GLN A 33 1.60 6.80 24.95
C GLN A 33 2.50 5.62 25.29
N THR A 34 2.01 4.39 25.11
CA THR A 34 2.80 3.19 25.41
C THR A 34 2.92 2.31 24.19
N GLN A 35 3.87 1.38 24.27
CA GLN A 35 3.97 0.29 23.32
C GLN A 35 4.14 0.78 21.87
N GLN A 36 4.61 2.02 21.71
CA GLN A 36 4.75 2.66 20.39
C GLN A 36 3.44 2.61 19.58
N LEU A 37 2.30 2.85 20.24
CA LEU A 37 0.99 2.82 19.57
C LEU A 37 0.68 4.05 18.69
N HIS A 38 1.31 5.19 18.98
CA HIS A 38 1.27 6.32 18.07
C HIS A 38 2.00 5.98 16.76
N ALA A 39 3.20 5.42 16.88
CA ALA A 39 3.94 4.96 15.69
C ALA A 39 3.22 3.84 14.96
N ALA A 40 2.46 3.03 15.69
CA ALA A 40 1.72 1.90 15.09
C ALA A 40 0.63 2.34 14.10
N MET A 41 0.00 3.49 14.37
CA MET A 41 -1.09 4.03 13.55
C MET A 41 -0.63 4.81 12.29
N ALA A 42 0.67 4.93 12.06
CA ALA A 42 1.19 5.71 10.93
C ALA A 42 0.81 5.06 9.61
N ASP A 43 0.38 5.89 8.64
CA ASP A 43 -0.08 5.40 7.33
C ASP A 43 1.05 4.95 6.43
N THR A 44 2.26 5.38 6.75
CA THR A 44 3.46 5.05 5.98
C THR A 44 4.55 4.52 6.90
N PHE A 45 5.46 3.70 6.37
CA PHE A 45 6.59 3.25 7.12
C PHE A 45 7.47 4.42 7.51
N LEU A 46 7.66 5.37 6.60
CA LEU A 46 8.47 6.59 6.92
C LEU A 46 7.94 7.34 8.12
N GLU A 47 6.65 7.65 8.12
CA GLU A 47 6.04 8.26 9.32
C GLU A 47 6.15 7.36 10.55
N HIS A 48 5.95 6.05 10.36
CA HIS A 48 6.13 5.07 11.43
C HIS A 48 7.50 5.22 12.10
N MET A 49 8.55 5.34 11.29
CA MET A 49 9.92 5.64 11.77
C MET A 49 9.97 6.97 12.54
N CYS A 50 9.45 8.03 11.91
CA CYS A 50 9.43 9.38 12.55
C CYS A 50 8.75 9.39 13.91
N ARG A 51 7.73 8.55 14.10
CA ARG A 51 6.97 8.48 15.37
C ARG A 51 7.57 7.62 16.49
N LEU A 52 8.59 6.83 16.19
CA LEU A 52 9.28 6.03 17.21
C LEU A 52 9.77 6.94 18.35
N ASP A 53 9.51 6.50 19.58
CA ASP A 53 9.51 7.33 20.75
C ASP A 53 10.15 6.66 21.94
N ILE A 54 11.29 7.20 22.39
CA ILE A 54 12.02 6.61 23.53
C ILE A 54 11.25 6.75 24.83
N ASP A 55 10.33 7.72 24.87
CA ASP A 55 9.48 7.92 26.04
C ASP A 55 8.19 7.10 25.98
N SER A 56 8.08 6.18 25.03
CA SER A 56 6.93 5.26 24.98
C SER A 56 7.30 3.86 25.49
N PRO A 57 6.83 3.52 26.72
CA PRO A 57 7.25 2.25 27.34
C PRO A 57 6.65 0.99 26.72
N PRO A 58 7.46 -0.07 26.59
CA PRO A 58 6.92 -1.34 26.13
C PRO A 58 6.03 -2.00 27.17
N ILE A 59 5.32 -3.04 26.74
CA ILE A 59 4.59 -3.91 27.67
C ILE A 59 5.57 -4.81 28.42
N THR A 60 5.06 -5.51 29.42
CA THR A 60 5.84 -6.44 30.21
C THR A 60 6.31 -7.61 29.38
N ALA A 61 5.41 -8.16 28.57
CA ALA A 61 5.65 -9.43 27.85
C ALA A 61 6.68 -9.28 26.73
N ARG A 62 7.64 -10.20 26.67
CA ARG A 62 8.65 -10.23 25.62
C ARG A 62 8.49 -11.49 24.73
N ASN A 63 8.22 -11.27 23.44
CA ASN A 63 7.81 -12.31 22.48
C ASN A 63 8.94 -13.10 21.85
N THR A 64 10.11 -12.46 21.71
CA THR A 64 11.23 -13.11 21.04
C THR A 64 11.99 -14.02 21.98
N GLY A 65 12.04 -15.31 21.63
CA GLY A 65 12.67 -16.31 22.46
C GLY A 65 14.18 -16.10 22.58
N ILE A 66 14.72 -16.36 23.77
CA ILE A 66 16.16 -16.25 23.99
C ILE A 66 16.82 -17.62 24.23
N ILE A 67 17.84 -17.86 23.43
CA ILE A 67 18.55 -19.12 23.36
C ILE A 67 19.96 -18.85 23.88
N CYS A 68 20.36 -19.60 24.92
CA CYS A 68 21.57 -19.37 25.65
C CYS A 68 22.45 -20.57 25.57
N THR A 69 23.68 -20.33 25.12
CA THR A 69 24.66 -21.40 25.12
C THR A 69 25.17 -21.61 26.55
N ILE A 70 25.10 -22.84 27.03
CA ILE A 70 25.57 -23.17 28.37
C ILE A 70 27.02 -23.65 28.27
N GLY A 71 27.83 -23.22 29.22
CA GLY A 71 29.23 -23.59 29.27
C GLY A 71 29.76 -23.28 30.67
N PRO A 72 31.09 -23.20 30.83
CA PRO A 72 31.68 -22.98 32.17
C PRO A 72 31.11 -21.80 32.97
N ALA A 73 30.65 -20.75 32.28
CA ALA A 73 30.16 -19.55 32.96
C ALA A 73 28.73 -19.74 33.50
N SER A 74 27.98 -20.72 33.00
CA SER A 74 26.52 -20.75 33.20
C SER A 74 25.96 -22.12 33.49
N ARG A 75 26.85 -23.02 33.87
CA ARG A 75 26.54 -24.42 34.00
C ARG A 75 26.00 -24.78 35.40
N SER A 76 26.43 -24.04 36.42
CA SER A 76 26.03 -24.33 37.82
C SER A 76 24.53 -24.18 37.99
N VAL A 77 23.94 -25.02 38.84
CA VAL A 77 22.49 -24.96 39.10
C VAL A 77 22.08 -23.55 39.55
N GLU A 78 22.85 -22.96 40.46
CA GLU A 78 22.55 -21.62 40.97
C GLU A 78 22.54 -20.54 39.86
N THR A 79 23.49 -20.61 38.94
CA THR A 79 23.57 -19.62 37.86
C THR A 79 22.39 -19.78 36.89
N LEU A 80 22.08 -21.01 36.52
CA LEU A 80 20.96 -21.33 35.66
C LEU A 80 19.63 -20.85 36.22
N LYS A 81 19.44 -20.91 37.54
CA LYS A 81 18.21 -20.41 38.16
C LYS A 81 18.09 -18.93 37.80
N GLU A 82 19.22 -18.22 37.85
CA GLU A 82 19.28 -16.80 37.47
C GLU A 82 19.20 -16.58 35.94
N MET A 83 19.73 -17.50 35.14
CA MET A 83 19.53 -17.41 33.67
C MET A 83 18.03 -17.46 33.36
N ILE A 84 17.31 -18.39 34.00
CA ILE A 84 15.86 -18.51 33.81
C ILE A 84 15.16 -17.22 34.24
N LYS A 85 15.48 -16.73 35.43
CA LYS A 85 14.88 -15.50 35.95
C LYS A 85 15.17 -14.28 35.05
N SER A 86 16.37 -14.25 34.48
CA SER A 86 16.76 -13.22 33.51
C SER A 86 16.11 -13.28 32.11
N GLY A 87 15.59 -14.45 31.73
CA GLY A 87 14.83 -14.64 30.49
C GLY A 87 15.25 -15.77 29.55
N MET A 88 16.23 -16.58 29.90
CA MET A 88 16.61 -17.72 29.04
C MET A 88 15.42 -18.67 28.85
N ASN A 89 15.08 -18.99 27.60
CA ASN A 89 14.02 -19.96 27.27
C ASN A 89 14.50 -21.29 26.75
N VAL A 90 15.70 -21.31 26.18
CA VAL A 90 16.28 -22.51 25.58
C VAL A 90 17.75 -22.58 25.95
N ALA A 91 18.15 -23.77 26.40
CA ALA A 91 19.53 -24.07 26.74
C ALA A 91 20.16 -24.84 25.59
N ARG A 92 21.16 -24.20 24.97
CA ARG A 92 21.89 -24.75 23.85
C ARG A 92 23.20 -25.37 24.36
N LEU A 93 23.41 -26.65 24.02
CA LEU A 93 24.66 -27.34 24.26
C LEU A 93 25.36 -27.53 22.93
N ASN A 94 26.62 -27.10 22.87
CA ASN A 94 27.40 -27.12 21.65
C ASN A 94 28.31 -28.32 21.70
N PHE A 95 28.01 -29.32 20.89
CA PHE A 95 28.76 -30.57 20.89
C PHE A 95 30.06 -30.54 20.05
N SER A 96 30.55 -29.36 19.69
CA SER A 96 31.88 -29.20 19.10
C SER A 96 32.99 -29.52 20.10
N HIS A 97 32.72 -29.23 21.36
CA HIS A 97 33.61 -29.59 22.46
C HIS A 97 32.74 -30.15 23.56
N GLY A 98 33.34 -30.96 24.42
CA GLY A 98 32.67 -31.53 25.59
C GLY A 98 32.55 -33.06 25.53
N THR A 99 32.63 -33.70 26.69
CA THR A 99 32.30 -35.14 26.78
C THR A 99 30.79 -35.27 26.97
N HIS A 100 30.25 -36.41 26.59
CA HIS A 100 28.88 -36.79 26.92
C HIS A 100 28.55 -36.69 28.42
N GLU A 101 29.48 -37.12 29.28
CA GLU A 101 29.31 -36.97 30.72
C GLU A 101 29.21 -35.48 31.10
N TYR A 102 30.07 -34.65 30.52
CA TYR A 102 29.99 -33.19 30.75
C TYR A 102 28.62 -32.64 30.34
N HIS A 103 28.19 -32.98 29.13
CA HIS A 103 26.89 -32.52 28.62
C HIS A 103 25.71 -33.08 29.42
N ALA A 104 25.77 -34.36 29.79
CA ALA A 104 24.76 -35.00 30.64
C ALA A 104 24.57 -34.28 31.98
N GLU A 105 25.67 -33.87 32.60
CA GLU A 105 25.60 -33.08 33.83
C GLU A 105 25.03 -31.66 33.60
N THR A 106 25.36 -31.05 32.46
CA THR A 106 24.82 -29.72 32.11
C THR A 106 23.30 -29.77 31.97
N ILE A 107 22.82 -30.73 31.19
CA ILE A 107 21.39 -31.00 31.04
C ILE A 107 20.69 -31.27 32.39
N LYS A 108 21.37 -32.02 33.25
CA LYS A 108 20.84 -32.34 34.57
C LYS A 108 20.76 -31.04 35.39
N ASN A 109 21.81 -30.24 35.34
CA ASN A 109 21.80 -28.96 36.02
C ASN A 109 20.68 -28.02 35.45
N VAL A 110 20.45 -28.06 34.14
CA VAL A 110 19.36 -27.26 33.54
C VAL A 110 17.99 -27.74 34.02
N ARG A 111 17.81 -29.05 34.14
CA ARG A 111 16.54 -29.58 34.64
C ARG A 111 16.29 -29.28 36.13
N THR A 112 17.34 -29.34 36.95
CA THR A 112 17.25 -28.97 38.37
C THR A 112 16.85 -27.49 38.55
N ALA A 113 17.52 -26.60 37.85
CA ALA A 113 17.21 -25.18 37.93
C ALA A 113 15.78 -24.93 37.44
N THR A 114 15.38 -25.59 36.34
CA THR A 114 14.01 -25.45 35.80
C THR A 114 12.93 -25.94 36.76
N GLU A 115 13.09 -27.16 37.28
CA GLU A 115 12.07 -27.75 38.14
C GLU A 115 12.03 -27.19 39.55
N SER A 116 13.06 -26.42 39.93
CA SER A 116 13.03 -25.71 41.21
C SER A 116 11.96 -24.60 41.25
N PHE A 117 11.39 -24.29 40.08
CA PHE A 117 10.24 -23.37 39.99
C PHE A 117 8.91 -24.10 39.76
N ALA A 118 8.93 -25.43 39.75
CA ALA A 118 7.76 -26.23 39.35
C ALA A 118 6.65 -26.26 40.40
N SER A 119 6.98 -25.92 41.64
CA SER A 119 6.02 -25.97 42.74
C SER A 119 4.80 -25.08 42.51
N ASP A 120 5.01 -23.97 41.80
CA ASP A 120 3.94 -23.07 41.40
C ASP A 120 3.84 -23.07 39.86
N PRO A 121 2.89 -23.85 39.32
CA PRO A 121 2.71 -23.95 37.86
C PRO A 121 2.30 -22.62 37.20
N ILE A 122 1.71 -21.71 37.97
CA ILE A 122 1.31 -20.42 37.44
C ILE A 122 2.56 -19.60 37.04
N LEU A 123 3.63 -19.72 37.82
CA LEU A 123 4.89 -19.03 37.51
C LEU A 123 5.96 -19.92 36.84
N TYR A 124 5.76 -21.24 36.83
CA TYR A 124 6.70 -22.13 36.16
C TYR A 124 6.93 -21.71 34.70
N ARG A 125 8.20 -21.51 34.33
CA ARG A 125 8.59 -21.19 32.95
C ARG A 125 9.27 -22.43 32.33
N PRO A 126 8.65 -23.03 31.28
CA PRO A 126 9.37 -24.15 30.62
C PRO A 126 10.69 -23.73 29.97
N VAL A 127 11.64 -24.65 29.91
CA VAL A 127 12.94 -24.37 29.31
C VAL A 127 13.26 -25.55 28.42
N ALA A 128 13.55 -25.30 27.15
CA ALA A 128 13.84 -26.39 26.24
C ALA A 128 15.35 -26.67 26.24
N VAL A 129 15.70 -27.80 25.65
CA VAL A 129 17.08 -28.26 25.61
C VAL A 129 17.45 -28.58 24.17
N ALA A 130 18.46 -27.86 23.67
CA ALA A 130 18.89 -27.94 22.26
C ALA A 130 20.31 -28.50 22.16
N LEU A 131 20.47 -29.53 21.32
CA LEU A 131 21.76 -30.11 21.00
C LEU A 131 22.28 -29.53 19.68
N ASP A 132 23.44 -28.88 19.70
CA ASP A 132 24.01 -28.26 18.51
C ASP A 132 25.25 -29.08 18.12
N THR A 133 25.15 -29.73 16.95
CA THR A 133 26.14 -30.74 16.56
C THR A 133 27.46 -30.11 16.14
N LYS A 134 28.55 -30.87 16.26
CA LYS A 134 29.84 -30.47 15.71
C LYS A 134 29.71 -30.38 14.19
N GLY A 135 29.27 -31.48 13.57
CA GLY A 135 29.04 -31.49 12.14
C GLY A 135 30.30 -31.81 11.35
N PRO A 136 30.21 -31.79 10.01
CA PRO A 136 31.37 -32.07 9.16
C PRO A 136 32.37 -30.90 9.11
N GLU A 137 33.66 -31.21 9.18
CA GLU A 137 34.72 -30.21 9.18
C GLU A 137 35.87 -30.62 8.30
N ILE A 138 36.65 -29.63 7.85
CA ILE A 138 37.94 -29.91 7.20
C ILE A 138 39.04 -29.36 8.12
N ARG A 139 40.08 -30.16 8.34
CA ARG A 139 41.15 -29.86 9.30
C ARG A 139 42.52 -30.00 8.67
N THR A 140 43.46 -29.20 9.16
CA THR A 140 44.85 -29.28 8.72
C THR A 140 45.60 -30.32 9.58
N GLY A 141 46.87 -30.56 9.24
CA GLY A 141 47.73 -31.47 10.00
C GLY A 141 48.38 -30.79 11.19
N ILE A 161 49.42 -28.70 -0.85
CA ILE A 161 48.27 -29.32 -0.19
C ILE A 161 48.14 -30.80 -0.57
N THR A 162 48.80 -31.68 0.19
CA THR A 162 48.76 -33.12 -0.10
C THR A 162 47.54 -33.80 0.53
N LEU A 163 47.28 -35.03 0.10
CA LEU A 163 46.15 -35.82 0.61
C LEU A 163 46.61 -37.23 0.96
N CYS A 171 53.75 -30.59 7.88
CA CYS A 171 52.98 -29.37 7.67
C CYS A 171 53.85 -28.14 7.93
N ASP A 172 54.16 -27.41 6.86
CA ASP A 172 55.06 -26.26 6.93
C ASP A 172 54.72 -25.21 5.85
N GLU A 173 55.61 -24.24 5.66
CA GLU A 173 55.47 -23.24 4.61
C GLU A 173 55.38 -23.87 3.22
N ASN A 174 56.10 -24.99 3.04
CA ASN A 174 56.07 -25.73 1.78
C ASN A 174 54.75 -26.48 1.58
N ILE A 175 54.57 -27.58 2.30
CA ILE A 175 53.45 -28.49 2.08
C ILE A 175 52.47 -28.48 3.27
N LEU A 176 51.16 -28.56 2.98
CA LEU A 176 50.14 -28.65 4.02
C LEU A 176 49.21 -29.86 3.78
N TRP A 177 48.89 -30.57 4.86
CA TRP A 177 48.07 -31.79 4.77
C TRP A 177 46.65 -31.52 5.28
N LEU A 178 45.64 -32.05 4.56
CA LEU A 178 44.22 -31.91 4.96
C LEU A 178 43.52 -33.26 5.03
N ASP A 179 42.57 -33.38 5.95
CA ASP A 179 41.87 -34.65 6.19
C ASP A 179 40.74 -34.98 5.20
N TYR A 180 40.34 -33.97 4.41
CA TYR A 180 39.28 -34.13 3.40
C TYR A 180 39.89 -34.63 2.08
N LYS A 181 39.54 -35.86 1.71
CA LYS A 181 40.22 -36.56 0.61
C LYS A 181 39.65 -36.24 -0.77
N ASN A 182 38.34 -35.94 -0.83
CA ASN A 182 37.69 -35.56 -2.08
C ASN A 182 37.79 -34.07 -2.42
N ILE A 183 38.79 -33.37 -1.88
CA ILE A 183 38.90 -31.90 -2.08
C ILE A 183 39.24 -31.52 -3.53
N CYS A 184 40.09 -32.31 -4.19
CA CYS A 184 40.49 -32.03 -5.57
C CYS A 184 39.33 -32.16 -6.55
N LYS A 185 38.35 -33.00 -6.21
CA LYS A 185 37.17 -33.18 -7.05
C LYS A 185 36.18 -32.03 -6.87
N VAL A 186 36.21 -31.40 -5.70
CA VAL A 186 35.27 -30.33 -5.34
C VAL A 186 35.78 -28.92 -5.71
N VAL A 187 37.09 -28.78 -5.91
CA VAL A 187 37.71 -27.49 -6.24
C VAL A 187 38.08 -27.36 -7.74
N GLU A 188 38.46 -26.14 -8.13
CA GLU A 188 38.94 -25.85 -9.48
C GLU A 188 40.05 -24.79 -9.41
N VAL A 189 40.82 -24.64 -10.50
CA VAL A 189 41.82 -23.58 -10.58
C VAL A 189 41.11 -22.23 -10.39
N GLY A 190 41.67 -21.38 -9.52
CA GLY A 190 41.06 -20.08 -9.20
C GLY A 190 40.16 -20.12 -7.97
N SER A 191 39.73 -21.32 -7.57
CA SER A 191 38.87 -21.51 -6.41
C SER A 191 39.60 -21.11 -5.13
N LYS A 192 38.87 -20.54 -4.17
CA LYS A 192 39.47 -20.03 -2.94
C LYS A 192 39.38 -21.06 -1.80
N ILE A 193 40.42 -21.08 -0.96
CA ILE A 193 40.49 -21.97 0.21
C ILE A 193 40.93 -21.16 1.43
N TYR A 194 40.10 -21.18 2.46
CA TYR A 194 40.39 -20.42 3.67
C TYR A 194 40.84 -21.36 4.76
N VAL A 195 41.77 -20.90 5.60
CA VAL A 195 42.33 -21.73 6.67
C VAL A 195 42.28 -21.00 8.02
N ASP A 196 42.00 -21.76 9.08
CA ASP A 196 41.77 -21.25 10.45
C ASP A 196 40.76 -20.10 10.51
N ASP A 197 39.49 -20.46 10.34
CA ASP A 197 38.35 -19.52 10.36
C ASP A 197 38.55 -18.27 9.46
N GLY A 198 39.02 -18.51 8.23
CA GLY A 198 39.19 -17.45 7.24
C GLY A 198 40.36 -16.51 7.47
N LEU A 199 41.32 -16.93 8.32
CA LEU A 199 42.52 -16.14 8.65
C LEU A 199 43.45 -16.05 7.45
N ILE A 200 43.73 -17.22 6.86
CA ILE A 200 44.59 -17.36 5.68
C ILE A 200 43.70 -17.67 4.47
N SER A 201 44.06 -17.08 3.32
CA SER A 201 43.33 -17.30 2.06
C SER A 201 44.26 -17.88 0.98
N LEU A 202 43.73 -18.79 0.18
CA LEU A 202 44.50 -19.48 -0.86
C LEU A 202 43.72 -19.59 -2.17
N GLN A 203 44.40 -19.40 -3.29
CA GLN A 203 43.81 -19.59 -4.62
C GLN A 203 44.58 -20.68 -5.36
N VAL A 204 43.87 -21.73 -5.77
CA VAL A 204 44.49 -22.86 -6.49
C VAL A 204 44.93 -22.42 -7.89
N LYS A 205 46.22 -22.62 -8.17
CA LYS A 205 46.79 -22.31 -9.47
C LYS A 205 46.89 -23.56 -10.36
N GLN A 206 47.00 -24.73 -9.73
CA GLN A 206 47.00 -26.01 -10.45
C GLN A 206 46.46 -27.14 -9.55
N LYS A 207 45.52 -27.92 -10.09
CA LYS A 207 44.97 -29.10 -9.42
C LYS A 207 45.61 -30.38 -9.96
N GLY A 208 45.84 -31.36 -9.10
CA GLY A 208 46.46 -32.63 -9.49
C GLY A 208 45.69 -33.84 -9.00
N ALA A 209 46.41 -34.95 -8.78
CA ALA A 209 45.80 -36.20 -8.30
C ALA A 209 45.42 -36.09 -6.82
N ASP A 210 46.43 -35.98 -5.96
CA ASP A 210 46.23 -35.75 -4.52
C ASP A 210 46.97 -34.49 -4.07
N PHE A 211 47.10 -33.52 -4.99
CA PHE A 211 47.87 -32.31 -4.76
C PHE A 211 47.14 -31.07 -5.29
N LEU A 212 47.21 -29.98 -4.54
CA LEU A 212 46.81 -28.66 -5.01
C LEU A 212 47.99 -27.70 -4.84
N VAL A 213 48.28 -26.91 -5.88
CA VAL A 213 49.31 -25.88 -5.82
C VAL A 213 48.60 -24.53 -5.74
N THR A 214 48.89 -23.78 -4.69
CA THR A 214 48.21 -22.50 -4.43
C THR A 214 49.21 -21.33 -4.34
N GLU A 215 48.68 -20.13 -4.54
CA GLU A 215 49.38 -18.88 -4.20
C GLU A 215 48.63 -18.26 -3.03
N VAL A 216 49.35 -17.91 -1.97
CA VAL A 216 48.73 -17.31 -0.78
C VAL A 216 48.29 -15.87 -1.06
N GLU A 217 47.05 -15.55 -0.72
CA GLU A 217 46.53 -14.18 -0.87
C GLU A 217 46.72 -13.40 0.43
N ASN A 218 46.13 -13.89 1.52
CA ASN A 218 46.35 -13.32 2.86
C ASN A 218 47.06 -14.34 3.76
N GLY A 219 48.16 -13.90 4.40
CA GLY A 219 48.98 -14.78 5.24
C GLY A 219 48.68 -14.66 6.73
N GLY A 220 49.71 -14.82 7.56
CA GLY A 220 49.59 -14.69 9.03
C GLY A 220 49.36 -16.01 9.73
N GLY A 223 49.16 -22.64 12.20
CA GLY A 223 49.09 -23.54 13.35
C GLY A 223 48.67 -24.96 13.01
N SER A 224 48.43 -25.76 14.04
CA SER A 224 48.09 -27.20 13.90
C SER A 224 46.59 -27.43 14.04
N LYS A 225 46.06 -28.40 13.26
CA LYS A 225 44.66 -28.85 13.38
C LYS A 225 43.60 -27.75 13.07
N LYS A 226 43.93 -26.80 12.22
CA LYS A 226 43.06 -25.64 11.97
C LYS A 226 41.95 -25.91 10.95
N GLY A 227 40.84 -25.20 11.12
CA GLY A 227 39.65 -25.36 10.26
C GLY A 227 39.80 -24.76 8.86
N VAL A 228 39.33 -25.50 7.86
CA VAL A 228 39.39 -25.06 6.47
C VAL A 228 37.97 -24.85 5.96
N ASN A 229 37.77 -23.74 5.24
CA ASN A 229 36.54 -23.43 4.51
C ASN A 229 36.83 -23.32 3.02
N LEU A 230 35.91 -23.82 2.18
CA LEU A 230 36.08 -23.83 0.71
C LEU A 230 34.93 -23.05 0.05
N PRO A 231 35.01 -21.70 0.07
CA PRO A 231 33.91 -20.83 -0.38
C PRO A 231 33.37 -21.13 -1.79
N GLY A 232 32.04 -21.19 -1.91
CA GLY A 232 31.36 -21.41 -3.18
C GLY A 232 31.44 -22.82 -3.73
N ALA A 233 31.96 -23.76 -2.93
CA ALA A 233 32.15 -25.15 -3.36
C ALA A 233 31.00 -26.00 -2.83
N ALA A 234 30.64 -27.02 -3.61
CA ALA A 234 29.75 -28.10 -3.16
C ALA A 234 30.59 -29.15 -2.45
N VAL A 235 30.73 -29.00 -1.13
CA VAL A 235 31.44 -29.97 -0.31
C VAL A 235 30.59 -31.25 -0.19
N ASP A 236 31.20 -32.40 -0.48
CA ASP A 236 30.50 -33.70 -0.43
C ASP A 236 30.78 -34.50 0.88
N LEU A 237 31.32 -33.80 1.90
CA LEU A 237 31.43 -34.36 3.26
C LEU A 237 30.06 -34.90 3.69
N PRO A 238 30.02 -36.04 4.38
CA PRO A 238 28.69 -36.59 4.76
C PRO A 238 27.81 -35.64 5.58
N ALA A 239 26.50 -35.69 5.33
CA ALA A 239 25.48 -34.99 6.11
C ALA A 239 25.75 -35.04 7.62
N VAL A 240 26.01 -36.24 8.13
CA VAL A 240 26.18 -36.50 9.55
C VAL A 240 27.51 -37.22 9.77
N SER A 241 28.48 -36.58 10.43
CA SER A 241 29.79 -37.22 10.73
C SER A 241 29.70 -38.41 11.72
N GLU A 242 30.84 -39.09 11.92
CA GLU A 242 30.92 -40.23 12.82
C GLU A 242 30.61 -39.81 14.27
N LYS A 243 31.24 -38.73 14.71
CA LYS A 243 30.91 -38.15 16.02
C LYS A 243 29.45 -37.67 16.10
N ASP A 244 28.92 -37.12 15.01
CA ASP A 244 27.53 -36.67 14.99
C ASP A 244 26.57 -37.80 15.31
N ILE A 245 26.81 -38.97 14.73
CA ILE A 245 25.97 -40.15 14.96
C ILE A 245 25.85 -40.46 16.45
N GLN A 246 26.99 -40.48 17.13
CA GLN A 246 27.04 -40.86 18.55
C GLN A 246 26.28 -39.82 19.37
N ASP A 247 26.44 -38.56 18.98
CA ASP A 247 25.84 -37.43 19.71
C ASP A 247 24.32 -37.32 19.55
N LEU A 248 23.80 -37.57 18.36
CA LEU A 248 22.35 -37.62 18.13
C LEU A 248 21.67 -38.74 18.93
N LYS A 249 22.34 -39.88 19.05
CA LYS A 249 21.88 -40.99 19.90
C LYS A 249 21.81 -40.54 21.37
N PHE A 250 22.81 -39.77 21.81
CA PHE A 250 22.85 -39.26 23.19
C PHE A 250 21.69 -38.25 23.36
N GLY A 251 21.52 -37.38 22.37
CA GLY A 251 20.36 -36.47 22.32
C GLY A 251 19.00 -37.14 22.51
N VAL A 252 18.77 -38.26 21.82
CA VAL A 252 17.54 -39.05 21.98
C VAL A 252 17.41 -39.57 23.41
N GLU A 253 18.49 -40.19 23.87
CA GLU A 253 18.59 -40.75 25.21
C GLU A 253 18.30 -39.72 26.28
N GLN A 254 18.83 -38.50 26.09
CA GLN A 254 18.66 -37.41 27.04
C GLN A 254 17.41 -36.56 26.79
N ASP A 255 16.51 -36.99 25.91
CA ASP A 255 15.20 -36.32 25.75
C ASP A 255 15.32 -34.86 25.33
N VAL A 256 16.30 -34.54 24.50
CA VAL A 256 16.44 -33.19 23.97
C VAL A 256 15.18 -32.83 23.15
N ASP A 257 14.85 -31.55 23.13
CA ASP A 257 13.67 -31.04 22.41
C ASP A 257 13.92 -30.76 20.97
N MET A 258 15.14 -30.34 20.65
CA MET A 258 15.51 -29.92 19.31
C MET A 258 16.97 -30.22 19.08
N VAL A 259 17.31 -30.49 17.82
CA VAL A 259 18.68 -30.57 17.31
C VAL A 259 18.90 -29.37 16.37
N PHE A 260 20.01 -28.66 16.59
CA PHE A 260 20.50 -27.64 15.67
C PHE A 260 21.58 -28.30 14.81
N ALA A 261 21.27 -28.52 13.53
CA ALA A 261 22.11 -29.35 12.66
C ALA A 261 23.08 -28.53 11.81
N SER A 262 24.37 -28.74 12.05
CA SER A 262 25.43 -27.89 11.48
C SER A 262 25.66 -28.17 10.02
N PHE A 263 26.02 -27.11 9.30
CA PHE A 263 26.53 -27.19 7.92
C PHE A 263 25.57 -27.93 6.98
N ILE A 264 24.28 -27.69 7.14
CA ILE A 264 23.29 -28.20 6.19
C ILE A 264 23.41 -27.46 4.86
N ARG A 265 23.63 -28.24 3.81
CA ARG A 265 23.87 -27.73 2.46
C ARG A 265 22.75 -28.04 1.45
N LYS A 266 21.81 -28.93 1.83
CA LYS A 266 20.78 -29.40 0.90
C LYS A 266 19.71 -30.22 1.63
N ALA A 267 18.65 -30.57 0.92
CA ALA A 267 17.50 -31.23 1.55
C ALA A 267 17.91 -32.61 2.09
N SER A 268 18.62 -33.36 1.26
CA SER A 268 19.05 -34.72 1.61
C SER A 268 19.85 -34.74 2.93
N ASP A 269 20.49 -33.62 3.30
CA ASP A 269 21.23 -33.55 4.59
C ASP A 269 20.26 -33.56 5.78
N VAL A 270 19.14 -32.85 5.64
CA VAL A 270 18.10 -32.81 6.68
C VAL A 270 17.38 -34.14 6.79
N HIS A 271 17.21 -34.82 5.66
CA HIS A 271 16.52 -36.10 5.62
C HIS A 271 17.37 -37.15 6.29
N GLU A 272 18.67 -37.06 6.10
CA GLU A 272 19.65 -37.87 6.80
C GLU A 272 19.67 -37.61 8.29
N VAL A 273 19.59 -36.35 8.75
CA VAL A 273 19.52 -36.12 10.17
C VAL A 273 18.20 -36.76 10.70
N ARG A 274 17.09 -36.48 10.03
CA ARG A 274 15.77 -37.07 10.34
C ARG A 274 15.80 -38.63 10.40
N LYS A 275 16.44 -39.25 9.43
CA LYS A 275 16.58 -40.72 9.38
C LYS A 275 17.41 -41.24 10.55
N VAL A 276 18.48 -40.53 10.90
CA VAL A 276 19.35 -40.96 12.01
C VAL A 276 18.61 -40.83 13.33
N LEU A 277 17.88 -39.73 13.50
CA LEU A 277 17.06 -39.61 14.69
C LEU A 277 15.99 -40.69 14.67
N GLY A 278 15.45 -40.97 13.49
CA GLY A 278 14.53 -42.09 13.28
C GLY A 278 13.26 -42.00 14.11
N GLU A 279 12.64 -43.16 14.33
CA GLU A 279 11.33 -43.25 14.96
C GLU A 279 11.33 -42.84 16.46
N LYS A 280 12.38 -43.20 17.20
CA LYS A 280 12.57 -42.73 18.58
C LYS A 280 12.70 -41.18 18.68
N GLY A 281 13.30 -40.54 17.69
CA GLY A 281 13.51 -39.09 17.73
C GLY A 281 12.59 -38.26 16.87
N LYS A 282 11.48 -38.87 16.46
CA LYS A 282 10.58 -38.30 15.44
C LYS A 282 9.89 -37.01 15.93
N ASN A 283 9.90 -36.77 17.24
CA ASN A 283 9.35 -35.53 17.79
C ASN A 283 10.40 -34.48 18.15
N ILE A 284 11.67 -34.81 17.94
CA ILE A 284 12.72 -33.83 18.09
C ILE A 284 12.69 -32.99 16.82
N LYS A 285 12.62 -31.67 17.00
CA LYS A 285 12.58 -30.72 15.91
C LYS A 285 14.00 -30.54 15.39
N ILE A 286 14.13 -30.50 14.07
CA ILE A 286 15.41 -30.23 13.42
C ILE A 286 15.43 -28.77 12.91
N ILE A 287 16.42 -28.01 13.40
CA ILE A 287 16.67 -26.65 12.98
C ILE A 287 17.96 -26.72 12.19
N SER A 288 17.88 -26.43 10.89
CA SER A 288 19.04 -26.49 10.03
C SER A 288 19.84 -25.17 10.16
N LYS A 289 21.15 -25.31 10.31
CA LYS A 289 22.06 -24.20 10.46
C LYS A 289 22.63 -23.97 9.10
N ILE A 290 22.37 -22.76 8.58
CA ILE A 290 22.86 -22.31 7.28
C ILE A 290 24.14 -21.52 7.50
N GLU A 291 25.22 -22.04 6.94
CA GLU A 291 26.57 -21.65 7.32
C GLU A 291 27.50 -21.51 6.14
N ASN A 292 27.00 -21.72 4.91
CA ASN A 292 27.85 -21.67 3.72
C ASN A 292 27.04 -21.28 2.49
N HIS A 293 27.72 -21.03 1.38
CA HIS A 293 27.06 -20.53 0.19
C HIS A 293 25.99 -21.50 -0.33
N GLU A 294 26.28 -22.80 -0.29
CA GLU A 294 25.40 -23.79 -0.88
C GLU A 294 24.07 -23.82 -0.14
N GLY A 295 24.13 -23.68 1.19
CA GLY A 295 22.93 -23.69 2.03
C GLY A 295 22.08 -22.43 1.86
N VAL A 296 22.71 -21.33 1.50
CA VAL A 296 21.94 -20.15 1.08
C VAL A 296 21.29 -20.44 -0.29
N ARG A 297 22.09 -20.91 -1.24
CA ARG A 297 21.56 -21.24 -2.58
C ARG A 297 20.39 -22.22 -2.54
N ARG A 298 20.52 -23.26 -1.73
CA ARG A 298 19.55 -24.37 -1.69
C ARG A 298 18.61 -24.25 -0.50
N PHE A 299 18.40 -23.01 -0.08
CA PHE A 299 17.67 -22.71 1.12
C PHE A 299 16.21 -23.17 1.10
N ASP A 300 15.55 -23.05 -0.05
CA ASP A 300 14.13 -23.38 -0.14
C ASP A 300 13.83 -24.85 0.13
N GLU A 301 14.64 -25.74 -0.42
CA GLU A 301 14.47 -27.16 -0.18
C GLU A 301 14.86 -27.53 1.25
N ILE A 302 15.92 -26.93 1.76
CA ILE A 302 16.35 -27.14 3.14
C ILE A 302 15.26 -26.69 4.14
N LEU A 303 14.65 -25.54 3.86
CA LEU A 303 13.57 -25.04 4.70
C LEU A 303 12.38 -25.98 4.66
N GLU A 304 12.02 -26.46 3.47
CA GLU A 304 10.88 -27.36 3.36
C GLU A 304 11.04 -28.61 4.21
N ALA A 305 12.26 -29.16 4.22
CA ALA A 305 12.55 -30.38 4.96
C ALA A 305 12.76 -30.16 6.46
N SER A 306 12.96 -28.91 6.89
CA SER A 306 13.33 -28.62 8.27
C SER A 306 12.14 -28.16 9.09
N ASP A 307 12.30 -28.19 10.41
CA ASP A 307 11.29 -27.68 11.35
C ASP A 307 11.52 -26.21 11.67
N GLY A 308 12.70 -25.72 11.31
CA GLY A 308 13.08 -24.31 11.51
C GLY A 308 14.50 -24.11 11.05
N ILE A 309 15.02 -22.90 11.26
CA ILE A 309 16.28 -22.45 10.63
C ILE A 309 17.10 -21.61 11.60
N MET A 310 18.42 -21.81 11.58
CA MET A 310 19.33 -20.93 12.28
C MET A 310 20.19 -20.17 11.27
N VAL A 311 20.18 -18.85 11.39
CA VAL A 311 21.08 -18.03 10.61
C VAL A 311 22.43 -18.07 11.32
N ALA A 312 23.25 -19.02 10.92
CA ALA A 312 24.51 -19.33 11.62
C ALA A 312 25.59 -18.35 11.15
N ARG A 313 25.44 -17.09 11.57
CA ARG A 313 26.21 -15.98 10.97
C ARG A 313 27.74 -16.09 11.11
N GLY A 314 28.22 -16.70 12.19
CA GLY A 314 29.66 -16.85 12.42
C GLY A 314 30.39 -17.46 11.25
N ASP A 315 30.07 -18.71 10.99
CA ASP A 315 30.66 -19.46 9.88
C ASP A 315 30.17 -18.95 8.54
N LEU A 316 28.88 -18.59 8.47
CA LEU A 316 28.35 -17.96 7.26
C LEU A 316 29.25 -16.83 6.81
N GLY A 317 29.67 -15.99 7.77
CA GLY A 317 30.57 -14.85 7.46
C GLY A 317 32.02 -15.23 7.13
N ILE A 318 32.41 -16.46 7.40
CA ILE A 318 33.74 -16.93 6.93
C ILE A 318 33.59 -17.41 5.49
N GLU A 319 32.44 -17.99 5.17
CA GLU A 319 32.17 -18.56 3.84
C GLU A 319 31.83 -17.53 2.78
N ILE A 320 31.02 -16.52 3.14
CA ILE A 320 30.65 -15.46 2.21
C ILE A 320 31.21 -14.15 2.69
N PRO A 321 31.41 -13.19 1.77
CA PRO A 321 31.88 -11.88 2.20
C PRO A 321 31.11 -11.34 3.37
N ALA A 322 31.83 -10.91 4.40
CA ALA A 322 31.19 -10.40 5.61
C ALA A 322 30.08 -9.39 5.29
N GLU A 323 30.32 -8.56 4.27
CA GLU A 323 29.36 -7.51 3.87
C GLU A 323 28.04 -8.01 3.24
N LYS A 324 27.94 -9.32 2.97
CA LYS A 324 26.69 -9.90 2.38
C LYS A 324 25.83 -10.62 3.40
N VAL A 325 26.34 -10.78 4.63
CA VAL A 325 25.66 -11.59 5.63
C VAL A 325 24.28 -11.05 5.97
N PHE A 326 24.14 -9.72 6.02
CA PHE A 326 22.83 -9.11 6.32
C PHE A 326 21.77 -9.46 5.24
N LEU A 327 22.20 -9.64 3.99
CA LEU A 327 21.33 -10.07 2.88
C LEU A 327 20.83 -11.50 3.09
N ALA A 328 21.77 -12.41 3.34
CA ALA A 328 21.41 -13.81 3.69
C ALA A 328 20.53 -13.90 4.92
N GLN A 329 20.81 -13.08 5.95
CA GLN A 329 19.98 -13.03 7.16
C GLN A 329 18.54 -12.62 6.88
N LYS A 330 18.39 -11.48 6.20
CA LYS A 330 17.07 -10.90 5.94
C LYS A 330 16.24 -11.78 4.98
N MET A 331 16.93 -12.42 4.05
CA MET A 331 16.30 -13.36 3.11
C MET A 331 15.76 -14.57 3.84
N MET A 332 16.56 -15.15 4.73
CA MET A 332 16.14 -16.38 5.43
C MET A 332 15.05 -16.05 6.42
N ILE A 333 15.16 -14.94 7.15
CA ILE A 333 14.08 -14.53 8.05
C ILE A 333 12.75 -14.32 7.28
N GLY A 334 12.79 -13.51 6.22
CA GLY A 334 11.60 -13.24 5.38
C GLY A 334 10.98 -14.52 4.86
N ARG A 335 11.81 -15.41 4.38
CA ARG A 335 11.29 -16.66 3.84
C ARG A 335 10.71 -17.60 4.91
N CYS A 336 11.30 -17.59 6.13
CA CYS A 336 10.77 -18.42 7.24
C CYS A 336 9.47 -17.83 7.76
N ASN A 337 9.44 -16.49 7.83
CA ASN A 337 8.24 -15.75 8.15
C ASN A 337 7.12 -16.05 7.15
N ARG A 338 7.45 -16.10 5.86
CA ARG A 338 6.49 -16.41 4.80
C ARG A 338 6.00 -17.86 4.96
N ALA A 339 6.86 -18.74 5.44
CA ALA A 339 6.52 -20.22 5.51
C ALA A 339 5.89 -20.65 6.83
N GLY A 340 5.92 -19.76 7.81
CA GLY A 340 5.43 -20.06 9.13
C GLY A 340 6.35 -20.97 9.95
N LYS A 341 7.66 -20.99 9.62
CA LYS A 341 8.62 -21.81 10.37
C LYS A 341 9.56 -20.94 11.21
N PRO A 342 9.93 -21.40 12.44
CA PRO A 342 10.84 -20.65 13.32
C PRO A 342 12.20 -20.35 12.68
N VAL A 343 12.68 -19.13 12.87
CA VAL A 343 14.02 -18.70 12.43
C VAL A 343 14.80 -18.10 13.61
N ILE A 344 16.05 -18.56 13.79
CA ILE A 344 16.93 -18.11 14.86
C ILE A 344 18.05 -17.25 14.23
N CYS A 345 18.23 -16.05 14.77
CA CYS A 345 19.40 -15.22 14.45
C CYS A 345 20.49 -15.51 15.50
N ALA A 346 21.71 -15.83 15.02
CA ALA A 346 22.77 -16.35 15.86
C ALA A 346 24.09 -15.65 15.62
N THR A 347 24.86 -15.53 16.70
CA THR A 347 26.32 -15.34 16.66
C THR A 347 26.79 -13.87 16.72
N GLN A 348 27.52 -13.58 17.79
CA GLN A 348 28.18 -12.29 18.04
C GLN A 348 27.19 -11.14 18.22
N MET A 349 25.98 -11.44 18.65
CA MET A 349 24.98 -10.38 18.77
C MET A 349 25.34 -9.37 19.88
N LEU A 350 25.90 -9.88 20.97
CA LEU A 350 26.39 -9.04 22.07
C LEU A 350 27.81 -9.45 22.43
N GLU A 351 28.62 -9.70 21.41
CA GLU A 351 29.98 -10.28 21.58
C GLU A 351 30.86 -9.56 22.60
N SER A 352 30.77 -8.24 22.66
CA SER A 352 31.67 -7.45 23.55
C SER A 352 31.39 -7.75 25.03
N MET A 353 30.19 -8.23 25.32
CA MET A 353 29.77 -8.54 26.69
C MET A 353 30.39 -9.84 27.25
N ILE A 354 31.20 -10.52 26.43
CA ILE A 354 32.02 -11.61 26.92
C ILE A 354 32.98 -11.07 27.97
N LYS A 355 33.51 -9.88 27.71
CA LYS A 355 34.46 -9.22 28.57
C LYS A 355 33.93 -7.93 29.25
N LYS A 356 32.83 -7.35 28.74
CA LYS A 356 32.29 -6.08 29.26
C LYS A 356 30.85 -6.19 29.80
N PRO A 357 30.54 -5.46 30.87
CA PRO A 357 29.19 -5.53 31.45
C PRO A 357 28.13 -4.77 30.63
N ARG A 358 28.53 -4.12 29.54
CA ARG A 358 27.60 -3.43 28.65
C ARG A 358 28.02 -3.55 27.17
N PRO A 359 27.04 -3.54 26.26
CA PRO A 359 27.34 -3.86 24.86
C PRO A 359 27.68 -2.61 24.05
N THR A 360 28.20 -2.80 22.84
CA THR A 360 28.48 -1.66 21.98
C THR A 360 27.16 -1.22 21.42
N ARG A 361 27.16 -0.05 20.79
CA ARG A 361 25.94 0.49 20.22
C ARG A 361 25.49 -0.27 18.98
N ALA A 362 26.45 -0.79 18.23
CA ALA A 362 26.18 -1.63 17.07
C ALA A 362 25.57 -2.98 17.48
N GLU A 363 25.88 -3.43 18.69
CA GLU A 363 25.36 -4.70 19.23
C GLU A 363 23.88 -4.59 19.65
N GLY A 364 23.52 -3.53 20.34
CA GLY A 364 22.10 -3.35 20.66
C GLY A 364 21.29 -3.00 19.41
N SER A 365 21.94 -2.41 18.42
CA SER A 365 21.35 -2.16 17.11
C SER A 365 21.00 -3.51 16.50
N ASP A 366 22.01 -4.36 16.38
CA ASP A 366 21.86 -5.70 15.74
C ASP A 366 20.73 -6.58 16.36
N VAL A 367 20.59 -6.52 17.67
CA VAL A 367 19.56 -7.32 18.34
C VAL A 367 18.17 -6.73 17.98
N ALA A 368 18.00 -5.42 18.12
CA ALA A 368 16.76 -4.73 17.74
C ALA A 368 16.37 -5.01 16.27
N ASN A 369 17.34 -4.88 15.35
CA ASN A 369 17.10 -5.10 13.91
C ASN A 369 16.80 -6.55 13.55
N ALA A 370 17.42 -7.47 14.26
CA ALA A 370 17.02 -8.90 14.19
C ALA A 370 15.55 -9.10 14.55
N VAL A 371 15.06 -8.42 15.58
CA VAL A 371 13.66 -8.59 15.99
C VAL A 371 12.78 -7.90 14.94
N LEU A 372 13.18 -6.70 14.54
CA LEU A 372 12.45 -6.01 13.49
C LEU A 372 12.44 -6.78 12.17
N ASP A 373 13.55 -7.47 11.84
CA ASP A 373 13.59 -8.34 10.63
C ASP A 373 12.49 -9.40 10.67
N GLY A 374 12.23 -9.92 11.88
CA GLY A 374 11.23 -10.96 12.07
C GLY A 374 11.74 -12.26 12.69
N ALA A 375 12.90 -12.25 13.35
CA ALA A 375 13.44 -13.50 13.96
C ALA A 375 12.52 -14.01 15.10
N ASP A 376 12.26 -15.31 15.13
CA ASP A 376 11.46 -15.86 16.23
C ASP A 376 12.23 -15.83 17.55
N CYS A 377 13.55 -16.05 17.43
CA CYS A 377 14.48 -16.24 18.53
C CYS A 377 15.81 -15.59 18.21
N ILE A 378 16.46 -15.09 19.24
CA ILE A 378 17.82 -14.56 19.17
C ILE A 378 18.70 -15.49 20.01
N MET A 379 20.02 -15.40 19.81
CA MET A 379 20.94 -16.31 20.48
C MET A 379 22.15 -15.61 21.07
N LEU A 380 22.67 -16.22 22.13
CA LEU A 380 23.94 -15.92 22.77
C LEU A 380 24.78 -17.15 22.77
N SER A 381 26.08 -16.97 22.50
CA SER A 381 27.01 -18.08 22.45
C SER A 381 28.06 -17.92 23.53
N GLY A 382 29.31 -17.56 23.18
CA GLY A 382 30.34 -17.31 24.18
C GLY A 382 29.91 -16.34 25.27
N GLU A 383 28.97 -15.44 24.94
CA GLU A 383 28.43 -14.45 25.90
C GLU A 383 27.86 -15.07 27.14
N THR A 384 27.28 -16.27 27.00
CA THR A 384 26.67 -16.97 28.12
C THR A 384 27.42 -18.28 28.46
N ALA A 385 28.10 -18.88 27.49
CA ALA A 385 28.91 -20.08 27.70
C ALA A 385 30.17 -19.84 28.53
N LYS A 386 30.91 -18.77 28.23
CA LYS A 386 32.19 -18.54 28.92
C LYS A 386 32.54 -17.10 29.30
N GLY A 387 31.68 -16.13 29.01
CA GLY A 387 32.03 -14.73 29.27
C GLY A 387 31.92 -14.32 30.74
N ASP A 388 32.30 -13.08 31.03
CA ASP A 388 32.35 -12.61 32.43
C ASP A 388 30.98 -12.13 32.94
N TYR A 389 30.03 -11.92 32.02
CA TYR A 389 28.74 -11.30 32.34
C TYR A 389 27.56 -11.94 31.61
N PRO A 390 27.31 -13.24 31.87
CA PRO A 390 26.28 -13.96 31.17
C PRO A 390 24.87 -13.54 31.51
N LEU A 391 24.58 -13.31 32.78
CA LEU A 391 23.23 -12.91 33.21
C LEU A 391 22.90 -11.55 32.61
N GLU A 392 23.90 -10.69 32.56
CA GLU A 392 23.76 -9.36 31.95
C GLU A 392 23.49 -9.43 30.45
N ALA A 393 24.16 -10.34 29.74
CA ALA A 393 23.94 -10.48 28.33
C ALA A 393 22.50 -10.89 28.08
N VAL A 394 22.02 -11.84 28.90
CA VAL A 394 20.64 -12.33 28.80
C VAL A 394 19.63 -11.21 29.05
N ARG A 395 19.81 -10.49 30.15
CA ARG A 395 18.95 -9.40 30.54
C ARG A 395 18.90 -8.30 29.48
N MET A 396 20.02 -8.08 28.80
CA MET A 396 20.12 -7.05 27.76
C MET A 396 19.32 -7.41 26.52
N GLN A 397 19.40 -8.69 26.10
CA GLN A 397 18.57 -9.20 24.99
C GLN A 397 17.09 -9.13 25.31
N HIS A 398 16.74 -9.35 26.57
CA HIS A 398 15.35 -9.24 26.98
C HIS A 398 14.86 -7.78 26.84
N LEU A 399 15.68 -6.83 27.26
CA LEU A 399 15.30 -5.39 27.21
C LEU A 399 15.13 -4.91 25.77
N ILE A 400 16.09 -5.23 24.91
CA ILE A 400 16.08 -4.76 23.53
C ILE A 400 14.96 -5.40 22.73
N ALA A 401 14.83 -6.72 22.85
CA ALA A 401 13.80 -7.45 22.13
C ALA A 401 12.44 -6.86 22.41
N ARG A 402 12.26 -6.40 23.64
CA ARG A 402 11.00 -5.91 24.10
C ARG A 402 10.74 -4.54 23.50
N GLU A 403 11.77 -3.68 23.50
CA GLU A 403 11.68 -2.37 22.83
C GLU A 403 11.39 -2.56 21.33
N ALA A 404 12.14 -3.44 20.67
CA ALA A 404 12.02 -3.66 19.22
C ALA A 404 10.68 -4.25 18.81
N GLU A 405 10.11 -5.11 19.66
CA GLU A 405 8.79 -5.70 19.36
C GLU A 405 7.71 -4.63 19.31
N ALA A 406 7.79 -3.63 20.20
CA ALA A 406 6.81 -2.55 20.16
C ALA A 406 6.97 -1.75 18.83
N ALA A 407 8.22 -1.67 18.38
CA ALA A 407 8.63 -0.90 17.23
C ALA A 407 8.30 -1.49 15.86
N ILE A 408 7.80 -2.72 15.83
CA ILE A 408 7.46 -3.34 14.59
C ILE A 408 6.26 -2.64 13.98
N TYR A 409 6.23 -2.56 12.65
CA TYR A 409 5.16 -1.88 11.95
C TYR A 409 4.08 -2.93 11.62
N HIS A 410 3.33 -3.29 12.66
CA HIS A 410 2.34 -4.38 12.59
C HIS A 410 1.32 -4.13 11.53
N LEU A 411 1.00 -2.85 11.32
CA LEU A 411 -0.02 -2.43 10.36
C LEU A 411 0.24 -3.01 8.98
N GLN A 412 1.45 -2.81 8.44
CA GLN A 412 1.79 -3.36 7.13
C GLN A 412 2.17 -4.84 7.17
N LEU A 413 2.81 -5.26 8.25
CA LEU A 413 3.24 -6.63 8.43
C LEU A 413 2.06 -7.58 8.38
N PHE A 414 1.03 -7.25 9.15
CA PHE A 414 -0.16 -8.06 9.20
C PHE A 414 -0.89 -8.01 7.84
N GLU A 415 -0.95 -6.83 7.25
CA GLU A 415 -1.53 -6.66 5.91
C GLU A 415 -0.88 -7.58 4.88
N GLU A 416 0.44 -7.61 4.86
CA GLU A 416 1.18 -8.38 3.88
C GLU A 416 1.11 -9.88 4.15
N LEU A 417 1.05 -10.29 5.42
CA LEU A 417 1.01 -11.73 5.78
C LEU A 417 -0.31 -12.36 5.38
N ARG A 418 -1.40 -11.63 5.58
CA ARG A 418 -2.72 -12.16 5.22
C ARG A 418 -2.97 -12.10 3.70
N ARG A 419 -2.33 -11.14 3.02
CA ARG A 419 -2.33 -11.10 1.55
C ARG A 419 -1.64 -12.34 0.94
N LEU A 420 -0.93 -13.12 1.77
CA LEU A 420 -0.41 -14.44 1.37
C LEU A 420 -1.19 -15.60 2.00
N ALA A 421 -1.83 -15.34 3.14
CA ALA A 421 -2.73 -16.30 3.80
C ALA A 421 -3.66 -16.96 2.76
N PRO A 422 -3.38 -18.23 2.39
CA PRO A 422 -4.21 -18.89 1.38
C PRO A 422 -5.66 -19.13 1.81
N ILE A 423 -6.56 -19.13 0.82
CA ILE A 423 -7.95 -19.39 1.08
C ILE A 423 -8.18 -20.90 1.07
N THR A 424 -7.58 -21.56 2.07
CA THR A 424 -7.82 -22.96 2.31
C THR A 424 -9.21 -23.07 2.93
N SER A 425 -9.69 -24.30 3.03
CA SER A 425 -10.97 -24.58 3.67
C SER A 425 -10.75 -24.88 5.15
N ASP A 426 -9.47 -24.88 5.55
CA ASP A 426 -9.02 -25.26 6.90
C ASP A 426 -9.59 -24.32 7.99
N PRO A 427 -10.49 -24.85 8.85
CA PRO A 427 -11.13 -24.02 9.89
C PRO A 427 -10.15 -23.51 10.94
N THR A 428 -9.12 -24.30 11.23
CA THR A 428 -8.15 -23.93 12.26
C THR A 428 -7.39 -22.65 11.90
N GLU A 429 -7.04 -22.49 10.61
CA GLU A 429 -6.32 -21.29 10.13
C GLU A 429 -7.22 -20.06 10.10
N ALA A 430 -8.48 -20.26 9.69
CA ALA A 430 -9.49 -19.22 9.70
C ALA A 430 -9.75 -18.68 11.12
N THR A 431 -9.77 -19.59 12.09
CA THR A 431 -9.95 -19.23 13.50
C THR A 431 -8.73 -18.51 14.06
N ALA A 432 -7.54 -18.97 13.64
CA ALA A 432 -6.29 -18.36 14.04
C ALA A 432 -6.16 -16.92 13.56
N VAL A 433 -6.52 -16.68 12.30
CA VAL A 433 -6.38 -15.34 11.71
C VAL A 433 -7.45 -14.36 12.23
N GLY A 434 -8.66 -14.85 12.45
CA GLY A 434 -9.72 -14.06 13.10
C GLY A 434 -9.30 -13.57 14.48
N ALA A 435 -8.67 -14.45 15.24
CA ALA A 435 -8.20 -14.15 16.60
C ALA A 435 -7.16 -13.04 16.60
N VAL A 436 -6.17 -13.13 15.71
CA VAL A 436 -5.14 -12.08 15.57
C VAL A 436 -5.75 -10.73 15.16
N GLU A 437 -6.67 -10.73 14.19
CA GLU A 437 -7.38 -9.49 13.82
C GLU A 437 -8.18 -8.93 15.01
N ALA A 438 -8.85 -9.81 15.75
CA ALA A 438 -9.61 -9.40 16.93
C ALA A 438 -8.67 -8.83 18.01
N SER A 439 -7.49 -9.43 18.17
CA SER A 439 -6.47 -8.93 19.12
C SER A 439 -5.98 -7.53 18.77
N PHE A 440 -5.86 -7.23 17.48
CA PHE A 440 -5.51 -5.87 17.03
C PHE A 440 -6.65 -4.90 17.25
N LYS A 441 -7.88 -5.39 17.03
CA LYS A 441 -9.06 -4.53 17.09
C LYS A 441 -9.35 -4.01 18.50
N CYS A 442 -9.18 -4.88 19.50
CA CYS A 442 -9.41 -4.49 20.90
C CYS A 442 -8.12 -4.30 21.69
N CYS A 443 -6.97 -4.40 21.01
CA CYS A 443 -5.68 -4.26 21.66
C CYS A 443 -5.63 -5.10 22.93
N SER A 444 -5.72 -6.42 22.74
CA SER A 444 -5.97 -7.34 23.84
C SER A 444 -4.70 -7.65 24.61
N GLY A 445 -4.88 -7.92 25.90
CA GLY A 445 -3.77 -8.25 26.78
C GLY A 445 -3.09 -9.53 26.35
N ALA A 446 -3.82 -10.41 25.65
CA ALA A 446 -3.29 -11.71 25.27
C ALA A 446 -4.17 -12.46 24.29
N ILE A 447 -3.55 -13.39 23.55
CA ILE A 447 -4.30 -14.47 22.92
C ILE A 447 -3.99 -15.78 23.67
N ILE A 448 -5.02 -16.39 24.21
CA ILE A 448 -4.90 -17.63 24.97
C ILE A 448 -5.32 -18.81 24.10
N VAL A 449 -4.44 -19.80 23.95
CA VAL A 449 -4.73 -20.93 23.05
C VAL A 449 -4.53 -22.30 23.75
N LEU A 450 -5.57 -23.14 23.73
CA LEU A 450 -5.44 -24.54 24.17
C LEU A 450 -4.84 -25.34 23.01
N THR A 451 -3.72 -25.97 23.26
CA THR A 451 -3.05 -26.77 22.24
C THR A 451 -2.41 -28.02 22.87
N LYS A 452 -2.66 -29.18 22.25
CA LYS A 452 -1.98 -30.42 22.61
C LYS A 452 -0.56 -30.46 21.98
N SER A 453 -0.49 -30.31 20.67
CA SER A 453 0.77 -30.39 19.91
C SER A 453 1.55 -29.05 19.78
N GLY A 454 0.91 -27.96 20.16
CA GLY A 454 1.42 -26.63 19.84
C GLY A 454 0.85 -26.05 18.55
N ARG A 455 0.43 -26.92 17.62
CA ARG A 455 0.05 -26.44 16.27
C ARG A 455 -0.94 -25.25 16.26
N SER A 456 -2.03 -25.34 17.02
CA SER A 456 -2.98 -24.21 17.14
C SER A 456 -2.32 -22.86 17.49
N ALA A 457 -1.36 -22.87 18.41
CA ALA A 457 -0.65 -21.63 18.79
C ALA A 457 0.39 -21.25 17.75
N HIS A 458 1.03 -22.24 17.11
CA HIS A 458 1.95 -21.93 16.00
C HIS A 458 1.21 -21.14 14.91
N GLN A 459 0.01 -21.59 14.58
CA GLN A 459 -0.82 -20.94 13.56
C GLN A 459 -1.16 -19.48 13.88
N VAL A 460 -1.33 -19.14 15.17
CA VAL A 460 -1.50 -17.75 15.60
C VAL A 460 -0.19 -16.93 15.48
N ALA A 461 0.89 -17.46 16.03
CA ALA A 461 2.22 -16.84 15.95
C ALA A 461 2.59 -16.49 14.51
N ARG A 462 2.17 -17.33 13.57
CA ARG A 462 2.44 -17.11 12.15
C ARG A 462 1.98 -15.73 11.63
N TYR A 463 0.96 -15.16 12.26
CA TYR A 463 0.41 -13.85 11.83
C TYR A 463 0.92 -12.68 12.63
N ARG A 464 1.80 -12.98 13.58
CA ARG A 464 2.58 -11.96 14.31
C ARG A 464 1.71 -10.96 15.11
N PRO A 465 0.85 -11.48 16.00
CA PRO A 465 0.13 -10.49 16.80
C PRO A 465 1.06 -9.67 17.71
N ARG A 466 0.58 -8.51 18.13
CA ARG A 466 1.27 -7.69 19.09
CA ARG A 466 1.27 -7.69 19.09
C ARG A 466 1.15 -8.33 20.48
N ALA A 467 -0.05 -8.81 20.78
CA ALA A 467 -0.38 -9.42 22.03
C ALA A 467 0.37 -10.75 22.23
N PRO A 468 0.75 -11.06 23.49
CA PRO A 468 1.38 -12.34 23.82
C PRO A 468 0.41 -13.52 23.62
N ILE A 469 0.94 -14.67 23.16
CA ILE A 469 0.17 -15.89 22.99
C ILE A 469 0.43 -16.83 24.17
N ILE A 470 -0.53 -16.92 25.08
CA ILE A 470 -0.41 -17.86 26.19
C ILE A 470 -0.89 -19.22 25.69
N ALA A 471 0.04 -20.11 25.39
CA ALA A 471 -0.30 -21.45 24.91
C ALA A 471 -0.43 -22.42 26.06
N VAL A 472 -1.65 -22.87 26.36
CA VAL A 472 -1.87 -23.82 27.48
C VAL A 472 -1.86 -25.26 26.97
N THR A 473 -1.02 -26.09 27.59
CA THR A 473 -0.83 -27.47 27.17
C THR A 473 -0.57 -28.37 28.39
N ARG A 474 -0.99 -29.62 28.31
CA ARG A 474 -0.58 -30.63 29.28
C ARG A 474 0.69 -31.38 28.83
N ASN A 475 1.17 -31.10 27.60
CA ASN A 475 2.32 -31.82 27.06
C ASN A 475 3.59 -31.06 27.38
N PRO A 476 4.50 -31.66 28.18
CA PRO A 476 5.74 -30.99 28.57
C PRO A 476 6.63 -30.61 27.35
N GLN A 477 6.75 -31.55 26.40
CA GLN A 477 7.55 -31.31 25.17
C GLN A 477 6.99 -30.17 24.33
N THR A 478 5.66 -30.21 24.07
CA THR A 478 4.93 -29.11 23.39
C THR A 478 5.24 -27.78 24.04
N ALA A 479 5.24 -27.75 25.38
CA ALA A 479 5.50 -26.50 26.11
C ALA A 479 6.94 -26.01 25.91
N ARG A 480 7.90 -26.92 25.97
CA ARG A 480 9.32 -26.56 25.79
C ARG A 480 9.63 -26.07 24.34
N GLN A 481 9.06 -26.76 23.34
CA GLN A 481 9.28 -26.48 21.92
C GLN A 481 8.55 -25.24 21.40
N ALA A 482 7.57 -24.73 22.15
CA ALA A 482 6.80 -23.55 21.77
C ALA A 482 7.66 -22.28 21.77
N HIS A 483 8.67 -22.27 22.62
CA HIS A 483 9.63 -21.17 22.71
C HIS A 483 10.29 -20.80 21.39
N LEU A 484 10.30 -21.72 20.42
CA LEU A 484 10.86 -21.44 19.11
C LEU A 484 10.05 -20.46 18.30
N TYR A 485 8.82 -20.17 18.74
CA TYR A 485 7.88 -19.34 17.99
C TYR A 485 7.70 -17.96 18.63
N ARG A 486 7.89 -16.91 17.85
CA ARG A 486 7.69 -15.54 18.31
C ARG A 486 6.34 -15.41 19.01
N GLY A 487 6.37 -14.87 20.22
CA GLY A 487 5.15 -14.51 20.93
C GLY A 487 4.49 -15.60 21.75
N ILE A 488 4.91 -16.85 21.58
CA ILE A 488 4.33 -17.94 22.40
C ILE A 488 4.96 -18.00 23.79
N PHE A 489 4.11 -17.87 24.80
CA PHE A 489 4.47 -18.11 26.17
C PHE A 489 3.76 -19.39 26.58
N PRO A 490 4.48 -20.52 26.56
CA PRO A 490 3.88 -21.81 26.90
C PRO A 490 3.75 -21.96 28.39
N VAL A 491 2.58 -22.38 28.83
CA VAL A 491 2.39 -22.71 30.22
C VAL A 491 1.95 -24.17 30.30
N LEU A 492 2.47 -24.86 31.30
CA LEU A 492 2.25 -26.28 31.46
C LEU A 492 1.26 -26.52 32.58
N CYS A 493 0.04 -26.87 32.19
CA CYS A 493 -1.01 -27.18 33.15
C CYS A 493 -0.71 -28.56 33.73
N LYS A 494 -0.83 -28.70 35.05
CA LYS A 494 -0.61 -29.99 35.72
C LYS A 494 -1.88 -30.55 36.39
N ASP A 495 -2.95 -29.76 36.39
CA ASP A 495 -4.25 -30.19 36.91
C ASP A 495 -4.71 -31.49 36.23
N PRO A 496 -5.36 -32.39 36.99
CA PRO A 496 -5.91 -33.59 36.37
C PRO A 496 -7.02 -33.29 35.37
N VAL A 497 -7.25 -34.24 34.47
CA VAL A 497 -8.33 -34.12 33.50
C VAL A 497 -9.66 -34.20 34.22
N GLN A 498 -10.46 -33.14 34.09
CA GLN A 498 -11.77 -33.11 34.74
C GLN A 498 -12.71 -34.11 34.08
N GLU A 499 -13.69 -34.61 34.86
CA GLU A 499 -14.65 -35.57 34.36
C GLU A 499 -15.38 -35.03 33.14
N ALA A 500 -15.96 -33.84 33.29
CA ALA A 500 -16.62 -33.16 32.17
C ALA A 500 -15.57 -32.42 31.36
N TRP A 501 -15.66 -32.53 30.04
CA TRP A 501 -14.70 -31.88 29.15
C TRP A 501 -14.83 -30.35 29.19
N ALA A 502 -16.05 -29.83 29.08
CA ALA A 502 -16.31 -28.37 29.14
C ALA A 502 -15.65 -27.73 30.36
N GLU A 503 -15.80 -28.37 31.52
CA GLU A 503 -15.15 -27.92 32.74
C GLU A 503 -13.64 -28.02 32.65
N ASP A 504 -13.15 -29.10 32.01
CA ASP A 504 -11.71 -29.25 31.76
C ASP A 504 -11.16 -28.13 30.88
N VAL A 505 -11.95 -27.73 29.89
CA VAL A 505 -11.55 -26.65 29.00
C VAL A 505 -11.47 -25.35 29.79
N ASP A 506 -12.56 -25.01 30.50
CA ASP A 506 -12.62 -23.77 31.30
C ASP A 506 -11.51 -23.68 32.37
N LEU A 507 -11.15 -24.84 32.92
CA LEU A 507 -10.10 -24.93 33.96
C LEU A 507 -8.74 -24.48 33.45
N ARG A 508 -8.43 -24.83 32.21
CA ARG A 508 -7.17 -24.43 31.59
C ARG A 508 -7.20 -23.00 31.09
N VAL A 509 -8.36 -22.51 30.69
CA VAL A 509 -8.50 -21.10 30.31
C VAL A 509 -8.28 -20.21 31.55
N ASN A 510 -8.84 -20.62 32.68
CA ASN A 510 -8.68 -19.89 33.94
C ASN A 510 -7.23 -19.96 34.41
N PHE A 511 -6.59 -21.11 34.17
CA PHE A 511 -5.16 -21.27 34.45
C PHE A 511 -4.32 -20.20 33.71
N ALA A 512 -4.59 -20.06 32.42
CA ALA A 512 -4.00 -19.01 31.58
C ALA A 512 -4.33 -17.58 32.05
N MET A 513 -5.56 -17.36 32.50
CA MET A 513 -5.92 -16.05 33.08
C MET A 513 -5.04 -15.72 34.30
N ASN A 514 -4.82 -16.72 35.15
CA ASN A 514 -4.04 -16.53 36.37
C ASN A 514 -2.55 -16.35 36.07
N VAL A 515 -2.07 -16.96 35.00
CA VAL A 515 -0.67 -16.80 34.57
C VAL A 515 -0.43 -15.37 34.11
N GLY A 516 -1.29 -14.87 33.22
CA GLY A 516 -1.19 -13.50 32.71
C GLY A 516 -1.27 -12.45 33.80
N LYS A 517 -2.20 -12.65 34.73
CA LYS A 517 -2.32 -11.77 35.89
C LYS A 517 -1.05 -11.81 36.75
N ALA A 518 -0.57 -13.02 37.05
CA ALA A 518 0.64 -13.22 37.88
C ALA A 518 1.92 -12.68 37.23
N ARG A 519 1.98 -12.68 35.90
CA ARG A 519 3.14 -12.18 35.15
C ARG A 519 3.04 -10.69 34.80
N GLY A 520 1.90 -10.08 35.12
CA GLY A 520 1.65 -8.68 34.77
C GLY A 520 1.39 -8.43 33.29
N PHE A 521 0.90 -9.44 32.57
CA PHE A 521 0.49 -9.22 31.18
C PHE A 521 -0.86 -8.53 31.08
N PHE A 522 -1.76 -8.80 32.01
CA PHE A 522 -3.06 -8.17 32.05
C PHE A 522 -3.63 -8.22 33.46
N LYS A 523 -4.75 -7.51 33.68
CA LYS A 523 -5.38 -7.46 35.00
C LYS A 523 -6.89 -7.64 34.86
N LYS A 524 -7.57 -7.90 35.97
CA LYS A 524 -9.04 -8.03 35.94
C LYS A 524 -9.66 -6.92 35.10
N GLY A 525 -10.63 -7.28 34.26
CA GLY A 525 -11.36 -6.30 33.45
C GLY A 525 -10.83 -6.07 32.05
N ASP A 526 -9.55 -6.40 31.81
CA ASP A 526 -8.97 -6.30 30.47
C ASP A 526 -9.65 -7.32 29.57
N VAL A 527 -9.50 -7.19 28.25
CA VAL A 527 -10.09 -8.17 27.30
C VAL A 527 -9.00 -9.00 26.65
N VAL A 528 -9.21 -10.30 26.63
CA VAL A 528 -8.28 -11.21 25.98
C VAL A 528 -9.06 -12.05 24.98
N ILE A 529 -8.31 -12.64 24.06
CA ILE A 529 -8.85 -13.57 23.08
C ILE A 529 -8.57 -14.98 23.56
N VAL A 530 -9.57 -15.86 23.47
CA VAL A 530 -9.41 -17.27 23.84
C VAL A 530 -9.75 -18.18 22.65
N LEU A 531 -8.79 -19.03 22.27
CA LEU A 531 -9.01 -20.02 21.24
C LEU A 531 -9.16 -21.44 21.84
N THR A 532 -10.29 -22.06 21.57
CA THR A 532 -10.56 -23.44 21.99
C THR A 532 -11.15 -24.17 20.79
N GLY A 533 -11.44 -25.46 20.98
CA GLY A 533 -12.04 -26.28 19.93
C GLY A 533 -13.36 -26.89 20.38
N TRP A 534 -14.03 -27.54 19.43
CA TRP A 534 -15.40 -28.03 19.64
C TRP A 534 -15.47 -29.45 20.23
N ARG A 535 -14.33 -30.14 20.25
CA ARG A 535 -14.25 -31.49 20.81
C ARG A 535 -12.78 -31.78 21.21
N PRO A 536 -12.55 -32.87 21.97
CA PRO A 536 -11.18 -33.19 22.44
C PRO A 536 -10.27 -33.72 21.34
N GLY A 537 -8.96 -33.73 21.62
CA GLY A 537 -7.95 -34.15 20.63
C GLY A 537 -7.48 -33.02 19.72
N SER A 538 -6.27 -33.16 19.16
CA SER A 538 -5.69 -32.20 18.20
C SER A 538 -6.48 -32.02 16.89
N GLY A 539 -6.43 -30.81 16.36
CA GLY A 539 -6.90 -30.52 15.00
C GLY A 539 -8.30 -30.00 14.91
N PHE A 540 -8.91 -29.62 16.04
CA PHE A 540 -10.31 -29.16 16.06
C PHE A 540 -10.52 -27.73 16.58
N THR A 541 -9.43 -26.97 16.68
CA THR A 541 -9.51 -25.55 17.04
C THR A 541 -10.39 -24.81 16.02
N ASN A 542 -11.49 -24.25 16.52
CA ASN A 542 -12.53 -23.59 15.69
C ASN A 542 -13.32 -22.47 16.39
N THR A 543 -12.94 -22.15 17.63
CA THR A 543 -13.76 -21.29 18.51
C THR A 543 -12.93 -20.18 19.09
N MET A 544 -13.32 -18.94 18.76
CA MET A 544 -12.65 -17.74 19.20
C MET A 544 -13.62 -16.92 20.01
N ARG A 545 -13.23 -16.58 21.23
CA ARG A 545 -14.05 -15.77 22.14
C ARG A 545 -13.30 -14.55 22.65
N VAL A 546 -13.99 -13.42 22.74
CA VAL A 546 -13.45 -12.23 23.37
C VAL A 546 -14.01 -12.18 24.79
N VAL A 547 -13.15 -12.37 25.78
CA VAL A 547 -13.59 -12.46 27.16
C VAL A 547 -12.86 -11.43 28.05
N PRO A 548 -13.51 -10.98 29.13
CA PRO A 548 -12.77 -10.15 30.05
C PRO A 548 -11.99 -11.00 31.05
N VAL A 549 -10.89 -10.45 31.58
CA VAL A 549 -10.12 -11.12 32.60
C VAL A 549 -10.93 -11.06 33.90
N PRO A 550 -11.23 -12.23 34.51
CA PRO A 550 -11.92 -12.22 35.79
C PRO A 550 -10.98 -11.73 36.90
N GLN B 33 19.92 -9.88 -12.55
CA GLN B 33 20.78 -10.64 -11.60
C GLN B 33 21.76 -9.71 -10.87
N THR B 34 21.61 -8.39 -11.03
CA THR B 34 22.51 -7.42 -10.38
C THR B 34 21.73 -6.35 -9.63
N GLN B 35 22.41 -5.69 -8.70
CA GLN B 35 21.88 -4.55 -7.93
C GLN B 35 20.57 -4.82 -7.13
N GLN B 36 20.31 -6.09 -6.82
CA GLN B 36 19.09 -6.53 -6.16
C GLN B 36 17.83 -6.10 -6.91
N LEU B 37 17.92 -6.07 -8.24
CA LEU B 37 16.80 -5.56 -9.06
C LEU B 37 15.60 -6.49 -9.04
N HIS B 38 15.82 -7.78 -8.79
CA HIS B 38 14.71 -8.71 -8.58
C HIS B 38 13.95 -8.33 -7.31
N ALA B 39 14.64 -8.25 -6.17
CA ALA B 39 14.01 -7.75 -4.92
C ALA B 39 13.38 -6.37 -5.08
N ALA B 40 13.99 -5.51 -5.91
CA ALA B 40 13.47 -4.17 -6.16
C ALA B 40 12.03 -4.18 -6.72
N MET B 41 11.72 -5.22 -7.49
CA MET B 41 10.42 -5.37 -8.13
C MET B 41 9.33 -5.91 -7.22
N ALA B 42 9.67 -6.37 -6.01
CA ALA B 42 8.69 -6.99 -5.11
C ALA B 42 7.58 -6.00 -4.72
N ASP B 43 6.32 -6.46 -4.81
CA ASP B 43 5.14 -5.64 -4.50
C ASP B 43 4.88 -5.44 -2.99
N THR B 44 5.61 -6.16 -2.16
CA THR B 44 5.47 -6.07 -0.70
C THR B 44 6.86 -6.08 -0.13
N PHE B 45 6.98 -5.57 1.09
CA PHE B 45 8.25 -5.57 1.78
C PHE B 45 8.70 -6.97 2.17
N LEU B 46 7.75 -7.83 2.58
CA LEU B 46 8.11 -9.22 2.89
C LEU B 46 8.78 -9.90 1.68
N GLU B 47 8.13 -9.86 0.52
CA GLU B 47 8.74 -10.45 -0.70
C GLU B 47 10.04 -9.75 -1.09
N HIS B 48 10.15 -8.45 -0.82
CA HIS B 48 11.39 -7.76 -1.01
C HIS B 48 12.51 -8.44 -0.20
N MET B 49 12.22 -8.71 1.08
CA MET B 49 13.17 -9.38 1.97
C MET B 49 13.52 -10.74 1.42
N CYS B 50 12.48 -11.50 1.12
CA CYS B 50 12.63 -12.83 0.57
C CYS B 50 13.49 -12.89 -0.67
N ARG B 51 13.57 -11.78 -1.41
CA ARG B 51 14.29 -11.79 -2.70
C ARG B 51 15.74 -11.39 -2.58
N LEU B 52 16.15 -10.94 -1.39
CA LEU B 52 17.52 -10.45 -1.22
C LEU B 52 18.48 -11.59 -1.53
N ASP B 53 19.48 -11.29 -2.35
CA ASP B 53 20.30 -12.27 -3.05
C ASP B 53 21.78 -11.96 -2.91
N ILE B 54 22.49 -12.85 -2.20
CA ILE B 54 23.95 -12.66 -1.98
C ILE B 54 24.73 -12.78 -3.28
N ASP B 55 24.13 -13.45 -4.28
CA ASP B 55 24.76 -13.55 -5.60
C ASP B 55 24.37 -12.44 -6.56
N SER B 56 23.69 -11.38 -6.08
CA SER B 56 23.35 -10.24 -6.93
C SER B 56 24.29 -9.07 -6.64
N PRO B 57 25.30 -8.85 -7.52
CA PRO B 57 26.34 -7.91 -7.16
C PRO B 57 25.87 -6.45 -7.26
N PRO B 58 26.37 -5.58 -6.37
CA PRO B 58 26.01 -4.14 -6.45
C PRO B 58 26.63 -3.44 -7.67
N ILE B 59 26.29 -2.16 -7.83
CA ILE B 59 26.97 -1.31 -8.82
C ILE B 59 28.32 -0.88 -8.23
N THR B 60 29.06 -0.10 -8.99
CA THR B 60 30.34 0.41 -8.52
C THR B 60 30.13 1.53 -7.49
N ALA B 61 29.27 2.49 -7.81
CA ALA B 61 29.17 3.71 -7.00
C ALA B 61 28.61 3.38 -5.62
N ARG B 62 29.23 3.95 -4.58
CA ARG B 62 28.76 3.83 -3.21
C ARG B 62 28.26 5.20 -2.77
N ASN B 63 26.99 5.29 -2.37
CA ASN B 63 26.29 6.60 -2.18
C ASN B 63 26.40 7.22 -0.77
N THR B 64 26.62 6.37 0.24
CA THR B 64 26.69 6.81 1.65
C THR B 64 28.05 7.39 1.96
N GLY B 65 28.08 8.63 2.45
CA GLY B 65 29.34 9.25 2.83
C GLY B 65 30.05 8.58 4.01
N ILE B 66 31.37 8.44 3.88
CA ILE B 66 32.18 7.92 4.97
C ILE B 66 32.99 9.01 5.65
N ILE B 67 32.70 9.21 6.93
CA ILE B 67 33.38 10.15 7.80
C ILE B 67 34.36 9.43 8.72
N CYS B 68 35.64 9.83 8.65
CA CYS B 68 36.70 9.19 9.40
C CYS B 68 37.36 10.15 10.37
N THR B 69 37.35 9.79 11.64
CA THR B 69 38.06 10.54 12.67
C THR B 69 39.55 10.30 12.51
N ILE B 70 40.32 11.39 12.51
CA ILE B 70 41.76 11.32 12.32
C ILE B 70 42.49 11.31 13.69
N GLY B 71 43.59 10.56 13.74
CA GLY B 71 44.37 10.43 14.97
C GLY B 71 45.70 9.82 14.63
N PRO B 72 46.44 9.34 15.66
CA PRO B 72 47.79 8.81 15.40
C PRO B 72 47.83 7.62 14.41
N ALA B 73 46.71 6.89 14.25
CA ALA B 73 46.66 5.77 13.31
C ALA B 73 46.64 6.20 11.84
N SER B 74 46.25 7.45 11.58
CA SER B 74 45.77 7.85 10.25
C SER B 74 46.09 9.31 9.89
N ARG B 75 47.13 9.85 10.51
CA ARG B 75 47.41 11.28 10.44
C ARG B 75 48.51 11.63 9.42
N SER B 76 49.39 10.68 9.11
CA SER B 76 50.46 10.93 8.12
C SER B 76 49.84 11.14 6.74
N VAL B 77 50.56 11.89 5.90
CA VAL B 77 50.17 12.14 4.52
C VAL B 77 49.99 10.82 3.77
N GLU B 78 50.97 9.93 3.91
CA GLU B 78 50.94 8.63 3.25
C GLU B 78 49.73 7.78 3.66
N THR B 79 49.41 7.76 4.95
CA THR B 79 48.25 7.00 5.41
C THR B 79 46.91 7.66 5.02
N LEU B 80 46.87 8.99 5.04
CA LEU B 80 45.69 9.74 4.55
C LEU B 80 45.42 9.48 3.03
N LYS B 81 46.48 9.35 2.23
CA LYS B 81 46.31 9.03 0.79
C LYS B 81 45.51 7.72 0.64
N GLU B 82 45.91 6.70 1.40
CA GLU B 82 45.25 5.40 1.34
C GLU B 82 43.85 5.47 1.96
N MET B 83 43.70 6.30 3.01
CA MET B 83 42.38 6.59 3.61
C MET B 83 41.43 7.13 2.54
N ILE B 84 41.96 7.99 1.67
CA ILE B 84 41.17 8.56 0.58
C ILE B 84 40.84 7.51 -0.46
N LYS B 85 41.86 6.74 -0.87
CA LYS B 85 41.67 5.69 -1.86
C LYS B 85 40.76 4.57 -1.36
N SER B 86 40.69 4.41 -0.03
CA SER B 86 39.88 3.38 0.57
C SER B 86 38.41 3.85 0.73
N GLY B 87 38.16 5.16 0.63
CA GLY B 87 36.79 5.68 0.64
C GLY B 87 36.44 6.81 1.60
N MET B 88 37.41 7.37 2.31
CA MET B 88 37.11 8.49 3.19
C MET B 88 36.68 9.70 2.36
N ASN B 89 35.52 10.27 2.70
CA ASN B 89 35.05 11.51 2.09
C ASN B 89 35.14 12.73 3.03
N VAL B 90 35.09 12.48 4.33
CA VAL B 90 35.18 13.54 5.35
C VAL B 90 36.17 13.15 6.47
N ALA B 91 37.15 14.03 6.66
CA ALA B 91 38.10 14.00 7.76
C ALA B 91 37.55 14.74 8.97
N ARG B 92 37.26 13.98 10.03
CA ARG B 92 36.78 14.51 11.31
C ARG B 92 37.94 14.80 12.28
N LEU B 93 38.01 16.03 12.78
CA LEU B 93 38.95 16.43 13.80
C LEU B 93 38.18 16.54 15.11
N ASN B 94 38.52 15.69 16.07
CA ASN B 94 37.87 15.75 17.38
C ASN B 94 38.64 16.73 18.28
N PHE B 95 37.98 17.81 18.69
CA PHE B 95 38.60 18.87 19.49
C PHE B 95 38.46 18.69 21.03
N SER B 96 38.03 17.49 21.46
CA SER B 96 38.06 17.12 22.88
C SER B 96 39.50 16.97 23.32
N HIS B 97 40.37 16.68 22.35
CA HIS B 97 41.80 16.53 22.57
C HIS B 97 42.60 17.22 21.48
N GLY B 98 43.88 17.42 21.74
CA GLY B 98 44.80 17.98 20.75
C GLY B 98 44.81 19.50 20.79
N THR B 99 45.96 20.09 20.53
CA THR B 99 46.10 21.55 20.52
C THR B 99 45.67 22.08 19.17
N HIS B 100 45.65 23.40 19.02
CA HIS B 100 45.34 24.01 17.74
C HIS B 100 46.44 23.70 16.71
N GLU B 101 47.71 23.78 17.12
CA GLU B 101 48.81 23.47 16.21
C GLU B 101 48.83 21.97 15.82
N TYR B 102 48.39 21.12 16.74
CA TYR B 102 48.22 19.72 16.45
C TYR B 102 47.15 19.59 15.35
N HIS B 103 46.03 20.27 15.53
CA HIS B 103 44.92 20.16 14.59
C HIS B 103 45.21 20.82 13.24
N ALA B 104 46.00 21.91 13.26
CA ALA B 104 46.41 22.60 12.03
C ALA B 104 47.32 21.73 11.18
N GLU B 105 48.17 20.95 11.81
CA GLU B 105 49.01 19.98 11.08
C GLU B 105 48.23 18.77 10.53
N THR B 106 47.19 18.33 11.25
CA THR B 106 46.31 17.28 10.74
C THR B 106 45.65 17.76 9.44
N ILE B 107 45.05 18.94 9.52
CA ILE B 107 44.38 19.63 8.39
C ILE B 107 45.32 19.85 7.21
N LYS B 108 46.55 20.25 7.49
CA LYS B 108 47.61 20.35 6.48
C LYS B 108 47.88 19.00 5.79
N ASN B 109 48.10 17.97 6.60
CA ASN B 109 48.34 16.63 6.07
C ASN B 109 47.20 16.16 5.20
N VAL B 110 45.97 16.47 5.62
CA VAL B 110 44.75 16.01 4.90
C VAL B 110 44.73 16.67 3.54
N ARG B 111 45.07 17.96 3.52
CA ARG B 111 45.08 18.73 2.29
C ARG B 111 46.24 18.36 1.36
N THR B 112 47.43 18.13 1.93
CA THR B 112 48.55 17.63 1.13
C THR B 112 48.16 16.31 0.40
N ALA B 113 47.59 15.37 1.14
CA ALA B 113 47.17 14.07 0.59
C ALA B 113 46.05 14.22 -0.46
N THR B 114 45.11 15.11 -0.17
CA THR B 114 43.95 15.33 -1.05
C THR B 114 44.37 15.98 -2.37
N GLU B 115 45.19 17.01 -2.31
CA GLU B 115 45.65 17.67 -3.52
C GLU B 115 46.71 16.89 -4.31
N SER B 116 47.23 15.79 -3.74
CA SER B 116 48.16 14.94 -4.48
C SER B 116 47.44 14.20 -5.63
N PHE B 117 46.12 14.32 -5.65
CA PHE B 117 45.27 13.77 -6.71
C PHE B 117 44.72 14.86 -7.66
N ALA B 118 45.10 16.12 -7.43
CA ALA B 118 44.47 17.26 -8.10
C ALA B 118 44.78 17.35 -9.59
N SER B 119 45.89 16.76 -10.02
CA SER B 119 46.36 16.90 -11.40
C SER B 119 45.33 16.48 -12.43
N ASP B 120 44.57 15.41 -12.13
CA ASP B 120 43.49 14.92 -13.01
C ASP B 120 42.15 15.16 -12.34
N PRO B 121 41.46 16.28 -12.67
CA PRO B 121 40.15 16.58 -12.12
C PRO B 121 39.11 15.48 -12.35
N ILE B 122 39.28 14.66 -13.39
CA ILE B 122 38.34 13.59 -13.66
C ILE B 122 38.38 12.53 -12.54
N LEU B 123 39.54 12.27 -11.96
CA LEU B 123 39.69 11.27 -10.88
C LEU B 123 39.71 11.87 -9.46
N TYR B 124 40.14 13.13 -9.36
CA TYR B 124 40.16 13.86 -8.10
C TYR B 124 38.89 13.64 -7.28
N ARG B 125 39.06 13.13 -6.05
CA ARG B 125 37.97 13.02 -5.08
C ARG B 125 38.11 14.14 -4.06
N PRO B 126 37.09 15.00 -3.96
CA PRO B 126 37.05 15.99 -2.90
C PRO B 126 36.97 15.35 -1.52
N VAL B 127 37.68 15.93 -0.56
CA VAL B 127 37.62 15.49 0.85
C VAL B 127 37.29 16.69 1.74
N ALA B 128 36.21 16.58 2.52
CA ALA B 128 35.80 17.64 3.44
C ALA B 128 36.54 17.54 4.78
N VAL B 129 36.52 18.64 5.52
CA VAL B 129 37.12 18.70 6.84
C VAL B 129 36.04 19.10 7.86
N ALA B 130 35.83 18.22 8.84
CA ALA B 130 34.83 18.44 9.90
C ALA B 130 35.53 18.67 11.24
N LEU B 131 35.16 19.79 11.88
CA LEU B 131 35.58 20.13 13.23
C LEU B 131 34.46 19.72 14.20
N ASP B 132 34.72 18.65 14.98
CA ASP B 132 33.80 18.17 16.01
C ASP B 132 34.22 18.80 17.37
N THR B 133 33.31 19.58 17.97
CA THR B 133 33.66 20.37 19.17
C THR B 133 33.65 19.51 20.44
N LYS B 134 34.52 19.85 21.39
CA LYS B 134 34.50 19.26 22.73
C LYS B 134 33.18 19.58 23.42
N GLY B 135 32.78 20.85 23.39
CA GLY B 135 31.49 21.26 23.96
C GLY B 135 31.49 21.37 25.47
N PRO B 136 30.34 21.78 26.05
CA PRO B 136 30.21 21.88 27.50
C PRO B 136 30.15 20.51 28.18
N GLU B 137 30.77 20.42 29.36
CA GLU B 137 30.87 19.17 30.13
C GLU B 137 30.65 19.45 31.60
N ILE B 138 30.38 18.39 32.35
CA ILE B 138 30.40 18.41 33.80
C ILE B 138 31.49 17.45 34.25
N ARG B 139 32.46 17.99 34.99
CA ARG B 139 33.57 17.21 35.50
C ARG B 139 33.53 17.23 37.02
N THR B 140 33.97 16.13 37.61
CA THR B 140 34.15 16.05 39.03
C THR B 140 35.58 16.48 39.32
N GLY B 141 35.90 16.62 40.60
CA GLY B 141 37.22 17.05 41.03
C GLY B 141 38.13 15.88 41.35
N LEU B 142 39.18 16.17 42.13
CA LEU B 142 40.25 15.22 42.42
C LEU B 142 39.95 14.39 43.67
N ILE B 143 40.31 13.11 43.62
CA ILE B 143 40.00 12.15 44.68
C ILE B 143 41.18 11.98 45.61
N ALA B 149 44.37 7.99 41.90
CA ALA B 149 43.71 7.70 43.17
C ALA B 149 42.21 7.44 42.93
N GLU B 150 41.70 6.36 43.54
CA GLU B 150 40.31 5.92 43.34
C GLU B 150 39.61 5.53 44.65
N VAL B 151 38.33 5.87 44.75
CA VAL B 151 37.49 5.48 45.88
C VAL B 151 36.47 4.42 45.44
N GLU B 152 36.21 3.45 46.31
CA GLU B 152 35.18 2.46 46.04
C GLU B 152 33.84 2.93 46.60
N LEU B 153 32.83 2.99 45.74
CA LEU B 153 31.46 3.33 46.16
C LEU B 153 30.64 2.05 46.34
N LYS B 154 29.98 1.92 47.50
CA LYS B 154 29.19 0.74 47.80
C LYS B 154 27.75 0.98 47.36
N LYS B 155 27.22 0.07 46.54
CA LYS B 155 25.82 0.14 46.11
C LYS B 155 24.93 0.25 47.35
N GLY B 156 24.14 1.31 47.39
CA GLY B 156 23.22 1.55 48.50
C GLY B 156 23.74 2.52 49.55
N ALA B 157 25.00 2.92 49.42
CA ALA B 157 25.62 3.87 50.33
C ALA B 157 25.18 5.29 49.99
N THR B 158 25.39 6.22 50.92
CA THR B 158 25.13 7.62 50.66
C THR B 158 26.36 8.27 50.01
N LEU B 159 26.12 9.22 49.11
CA LEU B 159 27.18 10.12 48.63
C LEU B 159 26.62 11.50 48.45
N LYS B 160 27.31 12.50 48.99
CA LYS B 160 26.90 13.89 48.88
C LYS B 160 27.65 14.61 47.75
N ILE B 161 26.90 15.23 46.83
CA ILE B 161 27.47 16.11 45.84
C ILE B 161 27.55 17.51 46.46
N THR B 162 28.70 18.17 46.32
CA THR B 162 28.89 19.52 46.86
C THR B 162 29.43 20.47 45.76
N LEU B 163 28.99 21.72 45.80
CA LEU B 163 29.52 22.74 44.90
C LEU B 163 30.52 23.64 45.64
N ASP B 164 30.75 23.33 46.92
CA ASP B 164 31.72 24.04 47.76
C ASP B 164 33.16 23.68 47.40
N ASN B 165 33.88 24.65 46.82
CA ASN B 165 35.23 24.46 46.29
C ASN B 165 36.32 24.01 47.27
N ALA B 166 36.03 24.00 48.57
CA ALA B 166 36.99 23.50 49.56
C ALA B 166 37.18 21.97 49.45
N TYR B 167 36.15 21.29 48.95
CA TYR B 167 36.21 19.85 48.66
C TYR B 167 36.57 19.56 47.18
N MET B 168 36.97 20.61 46.46
CA MET B 168 37.31 20.53 45.02
C MET B 168 38.44 19.55 44.69
N GLU B 169 39.42 19.44 45.58
CA GLU B 169 40.51 18.47 45.43
C GLU B 169 40.56 17.47 46.59
N LYS B 170 39.41 17.30 47.25
CA LYS B 170 39.27 16.38 48.38
C LYS B 170 38.03 15.48 48.23
N CYS B 171 37.83 14.93 47.03
CA CYS B 171 36.70 14.00 46.78
C CYS B 171 36.98 12.61 47.36
N ASP B 172 35.95 12.00 47.93
CA ASP B 172 36.06 10.64 48.48
C ASP B 172 34.71 9.91 48.41
N GLU B 173 34.62 8.73 49.04
CA GLU B 173 33.40 7.92 49.01
C GLU B 173 32.21 8.50 49.81
N ASN B 174 32.47 9.57 50.57
CA ASN B 174 31.42 10.28 51.32
C ASN B 174 30.99 11.59 50.64
N ILE B 175 31.95 12.25 50.00
CA ILE B 175 31.74 13.59 49.45
C ILE B 175 32.38 13.72 48.07
N LEU B 176 31.61 14.27 47.11
CA LEU B 176 32.06 14.45 45.74
C LEU B 176 31.73 15.84 45.24
N TRP B 177 32.74 16.56 44.73
CA TRP B 177 32.57 17.92 44.23
C TRP B 177 32.42 17.95 42.71
N LEU B 178 31.49 18.78 42.22
CA LEU B 178 31.28 19.01 40.78
C LEU B 178 31.54 20.46 40.38
N ASP B 179 31.77 20.68 39.08
CA ASP B 179 31.99 22.03 38.53
C ASP B 179 30.78 22.65 37.81
N TYR B 180 29.63 22.01 37.93
CA TYR B 180 28.41 22.57 37.36
C TYR B 180 27.68 23.28 38.49
N LYS B 181 27.88 24.60 38.58
CA LYS B 181 27.42 25.35 39.73
C LYS B 181 25.89 25.47 39.81
N ASN B 182 25.19 25.10 38.75
CA ASN B 182 23.72 25.25 38.73
C ASN B 182 22.96 23.93 38.87
N ILE B 183 23.68 22.86 39.20
CA ILE B 183 23.12 21.49 39.20
C ILE B 183 21.87 21.33 40.08
N CYS B 184 21.83 22.03 41.20
CA CYS B 184 20.69 21.97 42.10
C CYS B 184 19.38 22.53 41.50
N LYS B 185 19.50 23.48 40.59
CA LYS B 185 18.33 24.05 39.92
C LYS B 185 17.73 23.12 38.84
N VAL B 186 18.52 22.16 38.36
CA VAL B 186 18.09 21.31 37.22
C VAL B 186 17.79 19.85 37.55
N VAL B 187 17.97 19.47 38.82
CA VAL B 187 17.69 18.11 39.28
C VAL B 187 16.62 18.13 40.38
N GLU B 188 15.97 16.99 40.59
CA GLU B 188 14.97 16.85 41.64
C GLU B 188 15.21 15.54 42.42
N VAL B 189 14.72 15.47 43.65
CA VAL B 189 14.73 14.22 44.39
C VAL B 189 14.14 13.16 43.47
N GLY B 190 14.85 12.04 43.31
CA GLY B 190 14.47 11.00 42.34
C GLY B 190 15.26 11.03 41.04
N SER B 191 15.84 12.19 40.69
CA SER B 191 16.67 12.33 39.48
C SER B 191 17.96 11.52 39.56
N LYS B 192 18.45 11.08 38.40
CA LYS B 192 19.61 10.22 38.33
C LYS B 192 20.81 11.02 37.88
N ILE B 193 21.97 10.70 38.42
CA ILE B 193 23.23 11.31 38.03
C ILE B 193 24.22 10.22 37.72
N TYR B 194 24.85 10.31 36.56
CA TYR B 194 25.76 9.28 36.09
C TYR B 194 27.16 9.83 36.11
N VAL B 195 28.10 9.06 36.66
CA VAL B 195 29.47 9.50 36.74
C VAL B 195 30.37 8.51 35.99
N ASP B 196 31.40 9.07 35.33
CA ASP B 196 32.36 8.32 34.51
C ASP B 196 31.71 7.52 33.38
N ASP B 197 31.20 8.24 32.39
CA ASP B 197 30.52 7.62 31.26
C ASP B 197 29.55 6.52 31.69
N GLY B 198 28.67 6.85 32.63
CA GLY B 198 27.60 5.94 33.06
C GLY B 198 27.99 4.75 33.92
N LEU B 199 29.27 4.66 34.29
CA LEU B 199 29.74 3.55 35.13
C LEU B 199 29.10 3.58 36.51
N ILE B 200 29.04 4.77 37.12
CA ILE B 200 28.38 4.93 38.42
C ILE B 200 27.02 5.65 38.25
N SER B 201 26.02 5.14 38.97
CA SER B 201 24.66 5.66 38.93
C SER B 201 24.23 6.15 40.34
N LEU B 202 23.88 7.43 40.46
CA LEU B 202 23.37 7.99 41.73
C LEU B 202 21.91 8.44 41.60
N GLN B 203 21.14 8.33 42.69
CA GLN B 203 19.77 8.87 42.72
C GLN B 203 19.63 9.92 43.83
N VAL B 204 19.26 11.14 43.44
CA VAL B 204 19.09 12.24 44.38
C VAL B 204 17.98 11.93 45.40
N LYS B 205 18.32 11.93 46.69
CA LYS B 205 17.37 11.63 47.75
C LYS B 205 16.95 12.88 48.51
N GLN B 206 17.80 13.91 48.49
CA GLN B 206 17.49 15.21 49.09
C GLN B 206 18.30 16.31 48.40
N LYS B 207 17.69 17.49 48.20
CA LYS B 207 18.36 18.65 47.59
C LYS B 207 18.48 19.77 48.60
N GLY B 208 19.63 20.47 48.55
CA GLY B 208 19.94 21.48 49.58
C GLY B 208 20.01 22.88 49.01
N ALA B 209 21.17 23.52 49.19
CA ALA B 209 21.42 24.88 48.67
C ALA B 209 22.49 24.77 47.60
N ASP B 210 23.69 24.38 48.04
CA ASP B 210 24.80 24.08 47.14
C ASP B 210 25.24 22.63 47.33
N PHE B 211 24.26 21.75 47.60
CA PHE B 211 24.53 20.32 47.74
C PHE B 211 23.29 19.44 47.50
N LEU B 212 23.54 18.19 47.12
CA LEU B 212 22.53 17.14 46.97
C LEU B 212 22.99 15.90 47.75
N VAL B 213 22.06 15.11 48.27
CA VAL B 213 22.38 13.83 48.93
C VAL B 213 21.84 12.66 48.10
N THR B 214 22.72 11.76 47.67
CA THR B 214 22.34 10.68 46.75
C THR B 214 22.52 9.29 47.34
N GLU B 215 21.81 8.34 46.76
CA GLU B 215 22.02 6.94 47.00
C GLU B 215 22.67 6.30 45.75
N VAL B 216 23.75 5.56 45.98
CA VAL B 216 24.44 4.83 44.92
C VAL B 216 23.61 3.60 44.48
N GLU B 217 23.09 3.65 43.25
CA GLU B 217 22.40 2.51 42.65
C GLU B 217 23.42 1.48 42.21
N ASN B 218 24.30 1.90 41.30
CA ASN B 218 25.35 1.07 40.77
C ASN B 218 26.69 1.63 41.18
N GLY B 219 27.36 0.92 42.08
CA GLY B 219 28.67 1.34 42.60
C GLY B 219 29.83 1.01 41.67
N GLY B 220 31.01 0.85 42.25
CA GLY B 220 32.23 0.63 41.49
C GLY B 220 33.30 1.65 41.82
N SER B 221 34.38 1.65 41.03
CA SER B 221 35.55 2.47 41.29
C SER B 221 35.39 3.90 40.79
N LEU B 222 35.33 4.84 41.74
CA LEU B 222 35.28 6.26 41.43
C LEU B 222 36.70 6.78 41.31
N GLY B 223 36.92 7.70 40.36
CA GLY B 223 38.23 8.30 40.12
C GLY B 223 38.16 9.82 40.14
N SER B 224 39.20 10.45 39.62
CA SER B 224 39.27 11.90 39.53
C SER B 224 38.85 12.41 38.15
N LYS B 225 38.29 13.62 38.11
CA LYS B 225 38.03 14.31 36.86
C LYS B 225 37.10 13.52 35.93
N LYS B 226 36.02 12.97 36.49
CA LYS B 226 35.13 12.08 35.72
C LYS B 226 33.95 12.81 35.09
N GLY B 227 33.61 12.39 33.87
CA GLY B 227 32.49 12.94 33.11
C GLY B 227 31.17 12.62 33.80
N VAL B 228 30.28 13.61 33.80
CA VAL B 228 29.01 13.50 34.50
C VAL B 228 27.84 13.87 33.60
N ASN B 229 26.79 13.04 33.67
CA ASN B 229 25.57 13.19 32.85
C ASN B 229 24.34 13.25 33.74
N LEU B 230 23.36 14.03 33.32
CA LEU B 230 22.10 14.21 34.08
C LEU B 230 20.90 13.72 33.26
N PRO B 231 20.66 12.40 33.25
CA PRO B 231 19.59 11.90 32.40
C PRO B 231 18.28 12.67 32.62
N GLY B 232 17.68 13.06 31.51
CA GLY B 232 16.38 13.71 31.52
C GLY B 232 16.33 15.15 31.99
N ALA B 233 17.47 15.75 32.34
CA ALA B 233 17.51 17.12 32.88
C ALA B 233 17.59 18.13 31.75
N ALA B 234 17.12 19.35 32.04
CA ALA B 234 17.31 20.49 31.17
C ALA B 234 18.58 21.22 31.63
N VAL B 235 19.73 20.80 31.09
CA VAL B 235 21.03 21.34 31.52
C VAL B 235 21.22 22.77 30.95
N ASP B 236 21.51 23.73 31.83
CA ASP B 236 21.58 25.12 31.41
C ASP B 236 23.02 25.61 31.17
N LEU B 237 23.93 24.69 30.85
CA LEU B 237 25.28 25.08 30.46
C LEU B 237 25.18 25.81 29.13
N PRO B 238 26.05 26.82 28.88
CA PRO B 238 25.95 27.56 27.61
C PRO B 238 26.07 26.64 26.39
N ALA B 239 25.54 27.11 25.26
CA ALA B 239 25.58 26.35 24.00
C ALA B 239 27.01 26.01 23.58
N VAL B 240 27.92 26.93 23.83
CA VAL B 240 29.34 26.78 23.48
C VAL B 240 30.21 27.23 24.65
N SER B 241 31.25 26.45 24.92
CA SER B 241 32.18 26.73 26.02
C SER B 241 33.18 27.83 25.64
N GLU B 242 33.97 28.25 26.60
CA GLU B 242 35.05 29.18 26.35
C GLU B 242 35.98 28.58 25.30
N LYS B 243 36.33 27.31 25.49
CA LYS B 243 37.18 26.58 24.54
C LYS B 243 36.55 26.39 23.15
N ASP B 244 35.26 26.03 23.08
CA ASP B 244 34.58 25.88 21.76
C ASP B 244 34.62 27.17 20.97
N ILE B 245 34.34 28.27 21.67
CA ILE B 245 34.36 29.62 21.08
C ILE B 245 35.70 29.86 20.37
N GLN B 246 36.80 29.50 21.01
CA GLN B 246 38.14 29.67 20.44
C GLN B 246 38.41 28.62 19.34
N ASP B 247 37.89 27.41 19.51
CA ASP B 247 38.07 26.33 18.52
C ASP B 247 37.24 26.63 17.25
N LEU B 248 36.02 27.11 17.43
CA LEU B 248 35.20 27.51 16.31
C LEU B 248 35.85 28.59 15.43
N LYS B 249 36.46 29.57 16.08
CA LYS B 249 37.12 30.67 15.37
C LYS B 249 38.39 30.19 14.67
N PHE B 250 39.02 29.16 15.24
CA PHE B 250 40.12 28.45 14.60
C PHE B 250 39.65 27.71 13.32
N GLY B 251 38.50 27.04 13.41
CA GLY B 251 37.86 26.39 12.25
C GLY B 251 37.58 27.32 11.06
N VAL B 252 37.24 28.58 11.38
CA VAL B 252 37.03 29.59 10.34
C VAL B 252 38.36 29.94 9.68
N GLU B 253 39.37 30.27 10.48
CA GLU B 253 40.72 30.53 9.97
C GLU B 253 41.31 29.38 9.14
N GLN B 254 40.98 28.15 9.56
CA GLN B 254 41.45 26.93 8.88
C GLN B 254 40.51 26.44 7.77
N ASP B 255 39.44 27.19 7.51
CA ASP B 255 38.55 26.97 6.33
C ASP B 255 37.85 25.63 6.33
N VAL B 256 37.42 25.18 7.51
CA VAL B 256 36.71 23.92 7.67
C VAL B 256 35.35 24.00 6.98
N ASP B 257 34.85 22.85 6.55
CA ASP B 257 33.63 22.79 5.74
C ASP B 257 32.36 22.70 6.56
N MET B 258 32.50 22.02 7.70
CA MET B 258 31.39 21.76 8.62
C MET B 258 31.86 21.70 10.08
N VAL B 259 30.95 22.07 10.96
CA VAL B 259 31.11 21.89 12.38
C VAL B 259 30.09 20.82 12.86
N PHE B 260 30.59 19.88 13.67
CA PHE B 260 29.74 18.94 14.42
C PHE B 260 29.65 19.52 15.82
N ALA B 261 28.51 20.15 16.16
CA ALA B 261 28.38 20.89 17.40
C ALA B 261 27.79 20.00 18.51
N SER B 262 28.55 19.87 19.60
CA SER B 262 28.24 18.91 20.63
C SER B 262 27.08 19.34 21.53
N PHE B 263 26.33 18.34 21.96
CA PHE B 263 25.43 18.46 23.11
C PHE B 263 24.39 19.54 22.83
N ILE B 264 23.80 19.50 21.64
CA ILE B 264 22.80 20.50 21.26
C ILE B 264 21.47 20.04 21.83
N ARG B 265 20.82 20.91 22.58
CA ARG B 265 19.62 20.55 23.36
C ARG B 265 18.35 21.29 22.94
N LYS B 266 18.52 22.35 22.12
CA LYS B 266 17.45 23.24 21.70
C LYS B 266 17.92 24.10 20.50
N ALA B 267 16.99 24.71 19.77
CA ALA B 267 17.31 25.54 18.58
C ALA B 267 18.21 26.73 18.94
N SER B 268 17.98 27.32 20.12
CA SER B 268 18.82 28.47 20.55
C SER B 268 20.30 28.07 20.63
N ASP B 269 20.60 26.82 20.99
CA ASP B 269 21.99 26.35 21.01
C ASP B 269 22.62 26.37 19.61
N VAL B 270 21.87 25.87 18.60
CA VAL B 270 22.27 25.97 17.18
C VAL B 270 22.50 27.45 16.79
N HIS B 271 21.61 28.33 17.20
CA HIS B 271 21.71 29.71 16.78
C HIS B 271 22.98 30.37 17.36
N GLU B 272 23.37 30.01 18.59
CA GLU B 272 24.63 30.50 19.17
C GLU B 272 25.85 30.00 18.39
N VAL B 273 25.83 28.75 17.94
CA VAL B 273 26.95 28.24 17.14
C VAL B 273 27.07 29.01 15.83
N ARG B 274 25.94 29.18 15.13
CA ARG B 274 25.84 30.03 13.93
C ARG B 274 26.42 31.42 14.20
N LYS B 275 25.98 32.03 15.28
CA LYS B 275 26.45 33.37 15.69
C LYS B 275 27.95 33.43 15.98
N VAL B 276 28.51 32.41 16.65
CA VAL B 276 29.93 32.42 16.95
C VAL B 276 30.79 32.36 15.66
N LEU B 277 30.39 31.48 14.75
CA LEU B 277 30.99 31.35 13.42
C LEU B 277 30.81 32.62 12.60
N GLY B 278 29.66 33.26 12.80
CA GLY B 278 29.41 34.59 12.30
C GLY B 278 29.52 34.80 10.80
N GLU B 279 29.83 36.03 10.43
CA GLU B 279 29.90 36.46 9.02
C GLU B 279 30.87 35.65 8.14
N LYS B 280 32.12 35.54 8.57
CA LYS B 280 33.12 34.85 7.76
C LYS B 280 32.86 33.34 7.71
N GLY B 281 32.10 32.81 8.69
CA GLY B 281 31.75 31.36 8.73
C GLY B 281 30.33 31.00 8.29
N LYS B 282 29.66 31.99 7.69
CA LYS B 282 28.26 31.88 7.27
C LYS B 282 27.97 30.69 6.32
N ASN B 283 28.99 30.20 5.61
CA ASN B 283 28.81 29.08 4.66
C ASN B 283 29.25 27.71 5.19
N ILE B 284 29.82 27.71 6.40
CA ILE B 284 30.17 26.49 7.11
C ILE B 284 28.88 25.82 7.61
N LYS B 285 28.73 24.53 7.31
CA LYS B 285 27.55 23.75 7.73
C LYS B 285 27.58 23.31 9.21
N ILE B 286 26.47 23.53 9.91
CA ILE B 286 26.31 23.15 11.33
C ILE B 286 25.50 21.84 11.46
N ILE B 287 26.20 20.78 11.83
CA ILE B 287 25.59 19.50 12.15
C ILE B 287 25.44 19.44 13.66
N SER B 288 24.20 19.39 14.13
CA SER B 288 23.95 19.28 15.53
C SER B 288 24.10 17.81 15.97
N LYS B 289 24.82 17.60 17.07
CA LYS B 289 24.98 16.29 17.70
C LYS B 289 23.93 16.13 18.79
N ILE B 290 23.10 15.10 18.64
CA ILE B 290 22.03 14.80 19.58
C ILE B 290 22.61 13.77 20.52
N GLU B 291 22.82 14.18 21.77
CA GLU B 291 23.56 13.40 22.73
C GLU B 291 22.83 13.15 24.04
N ASN B 292 21.57 13.58 24.16
CA ASN B 292 20.82 13.43 25.41
C ASN B 292 19.31 13.51 25.20
N HIS B 293 18.58 13.32 26.30
CA HIS B 293 17.12 13.27 26.24
C HIS B 293 16.50 14.57 25.76
N GLU B 294 16.98 15.72 26.25
CA GLU B 294 16.42 17.01 25.82
C GLU B 294 16.57 17.25 24.30
N GLY B 295 17.73 16.92 23.74
CA GLY B 295 17.94 17.00 22.31
C GLY B 295 17.03 16.10 21.47
N VAL B 296 16.73 14.89 21.96
CA VAL B 296 15.81 13.97 21.27
C VAL B 296 14.37 14.55 21.31
N ARG B 297 14.01 15.11 22.46
CA ARG B 297 12.66 15.62 22.67
C ARG B 297 12.42 16.96 21.94
N ARG B 298 13.46 17.79 21.88
CA ARG B 298 13.39 19.07 21.18
C ARG B 298 13.94 18.97 19.77
N PHE B 299 13.94 17.75 19.24
CA PHE B 299 14.57 17.45 17.97
C PHE B 299 14.06 18.31 16.80
N ASP B 300 12.75 18.55 16.76
CA ASP B 300 12.15 19.19 15.59
C ASP B 300 12.69 20.61 15.39
N GLU B 301 12.69 21.38 16.47
CA GLU B 301 13.25 22.73 16.49
C GLU B 301 14.76 22.73 16.22
N ILE B 302 15.47 21.72 16.73
CA ILE B 302 16.91 21.58 16.48
C ILE B 302 17.16 21.35 14.99
N LEU B 303 16.44 20.38 14.41
CA LEU B 303 16.59 20.03 13.01
C LEU B 303 16.30 21.22 12.10
N GLU B 304 15.26 21.99 12.44
CA GLU B 304 14.87 23.20 11.68
C GLU B 304 15.99 24.23 11.56
N ALA B 305 16.72 24.40 12.66
CA ALA B 305 17.75 25.40 12.71
C ALA B 305 19.07 24.88 12.19
N SER B 306 19.24 23.56 12.07
CA SER B 306 20.54 23.01 11.70
C SER B 306 20.64 22.76 10.21
N ASP B 307 21.85 22.54 9.73
CA ASP B 307 22.10 22.03 8.37
C ASP B 307 22.05 20.50 8.34
N GLY B 308 22.13 19.86 9.49
CA GLY B 308 22.20 18.42 9.56
C GLY B 308 22.30 17.93 10.98
N ILE B 309 22.41 16.60 11.13
CA ILE B 309 22.29 15.94 12.40
C ILE B 309 23.25 14.78 12.52
N MET B 310 23.83 14.65 13.71
CA MET B 310 24.59 13.49 14.08
C MET B 310 23.85 12.76 15.20
N VAL B 311 23.49 11.53 14.91
CA VAL B 311 23.01 10.63 15.92
C VAL B 311 24.26 10.17 16.69
N ALA B 312 24.66 10.97 17.69
CA ALA B 312 25.83 10.67 18.53
C ALA B 312 25.51 9.55 19.53
N ARG B 313 25.47 8.32 19.02
CA ARG B 313 25.01 7.18 19.81
C ARG B 313 25.82 6.90 21.08
N GLY B 314 27.12 7.20 21.04
CA GLY B 314 28.00 7.10 22.20
C GLY B 314 27.40 7.71 23.46
N ASP B 315 27.42 9.04 23.53
CA ASP B 315 26.90 9.80 24.68
C ASP B 315 25.41 9.64 24.88
N LEU B 316 24.65 9.58 23.78
CA LEU B 316 23.21 9.32 23.84
C LEU B 316 22.88 8.05 24.62
N GLY B 317 23.63 6.97 24.39
CA GLY B 317 23.40 5.72 25.12
C GLY B 317 23.98 5.69 26.54
N ILE B 318 24.65 6.77 26.93
CA ILE B 318 24.96 7.02 28.33
C ILE B 318 23.76 7.72 28.99
N GLU B 319 23.14 8.65 28.26
CA GLU B 319 22.07 9.49 28.82
C GLU B 319 20.77 8.77 28.88
N ILE B 320 20.56 7.89 27.90
CA ILE B 320 19.34 7.12 27.81
C ILE B 320 19.66 5.59 27.86
N PRO B 321 18.66 4.78 28.27
CA PRO B 321 18.79 3.33 28.27
C PRO B 321 19.32 2.84 26.91
N ALA B 322 20.33 2.01 26.94
CA ALA B 322 21.00 1.61 25.71
C ALA B 322 20.06 0.85 24.79
N GLU B 323 19.09 0.14 25.39
CA GLU B 323 18.12 -0.61 24.59
C GLU B 323 17.12 0.29 23.85
N LYS B 324 17.15 1.59 24.13
CA LYS B 324 16.28 2.55 23.46
C LYS B 324 17.00 3.32 22.37
N VAL B 325 18.31 3.15 22.23
CA VAL B 325 19.06 3.94 21.26
C VAL B 325 18.64 3.69 19.82
N PHE B 326 18.29 2.44 19.45
CA PHE B 326 17.85 2.18 18.06
C PHE B 326 16.58 2.97 17.66
N LEU B 327 15.75 3.33 18.65
CA LEU B 327 14.51 4.08 18.44
C LEU B 327 14.80 5.55 18.11
N ALA B 328 15.67 6.15 18.91
CA ALA B 328 16.13 7.49 18.66
C ALA B 328 16.84 7.58 17.30
N GLN B 329 17.65 6.58 16.94
CA GLN B 329 18.34 6.59 15.64
C GLN B 329 17.35 6.58 14.45
N LYS B 330 16.44 5.62 14.48
CA LYS B 330 15.42 5.47 13.42
C LYS B 330 14.46 6.66 13.37
N MET B 331 14.07 7.18 14.53
CA MET B 331 13.25 8.39 14.57
C MET B 331 14.00 9.53 13.90
N MET B 332 15.25 9.74 14.29
CA MET B 332 16.03 10.86 13.74
C MET B 332 16.35 10.69 12.24
N ILE B 333 16.77 9.49 11.82
CA ILE B 333 17.03 9.28 10.42
C ILE B 333 15.73 9.55 9.59
N GLY B 334 14.59 9.12 10.11
CA GLY B 334 13.28 9.28 9.45
C GLY B 334 12.90 10.71 9.27
N ARG B 335 13.03 11.49 10.36
CA ARG B 335 12.68 12.91 10.36
C ARG B 335 13.63 13.77 9.51
N CYS B 336 14.92 13.43 9.48
CA CYS B 336 15.88 14.13 8.60
C CYS B 336 15.59 13.79 7.13
N ASN B 337 15.30 12.53 6.87
CA ASN B 337 14.86 12.07 5.57
C ASN B 337 13.63 12.83 5.11
N ARG B 338 12.64 12.94 6.00
CA ARG B 338 11.42 13.66 5.72
C ARG B 338 11.67 15.18 5.48
N ALA B 339 12.68 15.75 6.14
CA ALA B 339 13.02 17.22 5.99
C ALA B 339 13.99 17.55 4.86
N GLY B 340 14.60 16.51 4.30
CA GLY B 340 15.59 16.66 3.29
C GLY B 340 16.95 17.08 3.82
N LYS B 341 17.19 16.91 5.14
CA LYS B 341 18.47 17.32 5.74
C LYS B 341 19.41 16.10 6.03
N PRO B 342 20.73 16.28 5.85
CA PRO B 342 21.67 15.17 6.05
C PRO B 342 21.68 14.61 7.50
N VAL B 343 21.77 13.29 7.62
CA VAL B 343 21.92 12.66 8.92
C VAL B 343 23.07 11.66 8.94
N ILE B 344 23.86 11.72 10.03
CA ILE B 344 25.02 10.88 10.24
C ILE B 344 24.75 9.90 11.39
N CYS B 345 24.93 8.61 11.11
CA CYS B 345 24.97 7.59 12.16
C CYS B 345 26.40 7.36 12.67
N ALA B 346 26.57 7.45 13.97
CA ALA B 346 27.91 7.48 14.54
C ALA B 346 28.11 6.57 15.73
N THR B 347 29.38 6.23 15.92
CA THR B 347 29.92 5.68 17.17
C THR B 347 29.76 4.16 17.29
N GLN B 348 30.89 3.45 17.38
CA GLN B 348 30.97 1.99 17.61
C GLN B 348 30.40 1.11 16.48
N MET B 349 30.34 1.69 15.27
CA MET B 349 29.81 0.96 14.14
C MET B 349 30.66 -0.28 13.81
N LEU B 350 32.00 -0.13 13.78
CA LEU B 350 32.91 -1.27 13.57
C LEU B 350 33.98 -1.35 14.70
N GLU B 351 33.50 -1.27 15.93
CA GLU B 351 34.36 -1.04 17.11
C GLU B 351 35.46 -2.08 17.31
N SER B 352 35.15 -3.38 17.10
CA SER B 352 36.14 -4.45 17.30
C SER B 352 37.32 -4.29 16.34
N MET B 353 37.07 -3.62 15.21
CA MET B 353 38.12 -3.43 14.21
C MET B 353 39.23 -2.53 14.70
N ILE B 354 39.07 -1.97 15.90
CA ILE B 354 40.19 -1.28 16.56
C ILE B 354 41.34 -2.24 16.83
N LYS B 355 41.03 -3.48 17.20
CA LYS B 355 42.04 -4.50 17.50
C LYS B 355 42.13 -5.60 16.43
N LYS B 356 40.99 -5.93 15.81
CA LYS B 356 40.89 -7.06 14.87
C LYS B 356 40.70 -6.59 13.42
N PRO B 357 41.22 -7.36 12.45
CA PRO B 357 41.17 -6.95 11.04
C PRO B 357 39.81 -7.19 10.35
N ARG B 358 38.84 -7.77 11.07
CA ARG B 358 37.51 -8.04 10.54
C ARG B 358 36.46 -7.71 11.61
N PRO B 359 35.28 -7.21 11.18
CA PRO B 359 34.22 -6.85 12.14
C PRO B 359 33.51 -8.05 12.72
N THR B 360 32.71 -7.81 13.76
CA THR B 360 31.81 -8.83 14.25
C THR B 360 30.60 -8.75 13.34
N ARG B 361 29.74 -9.74 13.46
CA ARG B 361 28.53 -9.82 12.64
C ARG B 361 27.50 -8.79 13.06
N ALA B 362 27.43 -8.51 14.36
CA ALA B 362 26.62 -7.40 14.88
C ALA B 362 27.00 -6.06 14.24
N GLU B 363 28.30 -5.85 14.04
CA GLU B 363 28.83 -4.59 13.49
C GLU B 363 28.53 -4.39 11.99
N GLY B 364 28.68 -5.44 11.20
CA GLY B 364 28.34 -5.35 9.79
C GLY B 364 26.85 -5.22 9.58
N SER B 365 26.08 -5.82 10.49
CA SER B 365 24.62 -5.68 10.55
C SER B 365 24.23 -4.23 10.80
N ASP B 366 24.89 -3.64 11.80
CA ASP B 366 24.68 -2.24 12.22
C ASP B 366 24.95 -1.23 11.09
N VAL B 367 26.05 -1.40 10.36
CA VAL B 367 26.34 -0.52 9.22
C VAL B 367 25.28 -0.68 8.10
N ALA B 368 24.98 -1.93 7.69
CA ALA B 368 23.97 -2.15 6.66
C ALA B 368 22.64 -1.52 7.06
N ASN B 369 22.24 -1.73 8.31
CA ASN B 369 20.94 -1.29 8.81
C ASN B 369 20.83 0.22 8.97
N ALA B 370 21.91 0.88 9.32
CA ALA B 370 21.95 2.38 9.27
C ALA B 370 21.68 2.92 7.84
N VAL B 371 22.29 2.30 6.83
CA VAL B 371 22.03 2.64 5.41
C VAL B 371 20.57 2.31 5.05
N LEU B 372 20.12 1.13 5.41
CA LEU B 372 18.71 0.80 5.17
C LEU B 372 17.77 1.81 5.90
N ASP B 373 18.12 2.24 7.11
CA ASP B 373 17.29 3.22 7.82
C ASP B 373 17.18 4.50 6.99
N GLY B 374 18.27 4.81 6.29
CA GLY B 374 18.34 5.96 5.40
C GLY B 374 19.37 7.00 5.83
N ALA B 375 20.42 6.60 6.58
CA ALA B 375 21.46 7.56 7.01
C ALA B 375 22.26 8.02 5.80
N ASP B 376 22.49 9.32 5.71
CA ASP B 376 23.26 9.86 4.59
C ASP B 376 24.74 9.47 4.68
N CYS B 377 25.22 9.41 5.92
CA CYS B 377 26.60 9.16 6.22
C CYS B 377 26.70 8.23 7.43
N ILE B 378 27.77 7.46 7.44
CA ILE B 378 28.18 6.59 8.52
C ILE B 378 29.60 7.03 8.96
N MET B 379 29.92 6.80 10.23
CA MET B 379 31.11 7.39 10.83
C MET B 379 32.00 6.36 11.50
N LEU B 380 33.29 6.65 11.44
CA LEU B 380 34.35 5.91 12.13
C LEU B 380 35.03 6.84 13.11
N SER B 381 35.22 6.36 14.34
CA SER B 381 35.87 7.14 15.38
C SER B 381 37.20 6.47 15.67
N GLY B 382 37.34 5.83 16.84
CA GLY B 382 38.55 5.09 17.21
C GLY B 382 39.05 4.09 16.16
N GLU B 383 38.14 3.57 15.35
CA GLU B 383 38.49 2.61 14.30
C GLU B 383 39.50 3.18 13.30
N THR B 384 39.44 4.49 13.04
CA THR B 384 40.39 5.17 12.15
C THR B 384 41.42 6.06 12.87
N ALA B 385 41.00 6.71 13.97
CA ALA B 385 41.89 7.58 14.79
C ALA B 385 43.07 6.88 15.47
N LYS B 386 42.81 5.77 16.15
CA LYS B 386 43.84 5.11 16.95
C LYS B 386 43.96 3.58 16.75
N GLY B 387 43.14 3.01 15.87
CA GLY B 387 43.04 1.55 15.71
C GLY B 387 44.23 0.95 14.99
N ASP B 388 44.30 -0.39 14.98
CA ASP B 388 45.39 -1.11 14.28
C ASP B 388 45.05 -1.33 12.81
N TYR B 389 43.79 -1.09 12.43
CA TYR B 389 43.28 -1.39 11.09
C TYR B 389 42.37 -0.26 10.55
N PRO B 390 42.88 0.99 10.54
CA PRO B 390 42.12 2.13 10.02
C PRO B 390 41.63 1.94 8.59
N LEU B 391 42.46 1.31 7.75
CA LEU B 391 42.15 1.15 6.32
C LEU B 391 41.15 0.05 6.04
N GLU B 392 41.23 -1.03 6.80
CA GLU B 392 40.30 -2.12 6.67
C GLU B 392 38.92 -1.67 7.11
N ALA B 393 38.88 -0.86 8.17
CA ALA B 393 37.61 -0.33 8.69
C ALA B 393 36.86 0.47 7.64
N VAL B 394 37.58 1.34 6.95
CA VAL B 394 37.02 2.19 5.89
C VAL B 394 36.56 1.31 4.73
N ARG B 395 37.48 0.48 4.24
CA ARG B 395 37.18 -0.41 3.14
C ARG B 395 35.95 -1.27 3.44
N MET B 396 35.70 -1.56 4.73
CA MET B 396 34.54 -2.41 5.12
C MET B 396 33.22 -1.62 5.11
N GLN B 397 33.23 -0.41 5.66
CA GLN B 397 32.06 0.49 5.54
C GLN B 397 31.68 0.74 4.09
N HIS B 398 32.68 0.89 3.23
CA HIS B 398 32.46 1.03 1.81
C HIS B 398 31.83 -0.23 1.19
N LEU B 399 32.31 -1.42 1.53
CA LEU B 399 31.71 -2.65 0.98
C LEU B 399 30.26 -2.84 1.46
N ILE B 400 30.04 -2.65 2.76
CA ILE B 400 28.72 -2.83 3.37
C ILE B 400 27.76 -1.77 2.85
N ALA B 401 28.17 -0.49 2.85
CA ALA B 401 27.31 0.61 2.37
C ALA B 401 26.70 0.30 1.01
N ARG B 402 27.56 -0.13 0.08
CA ARG B 402 27.15 -0.45 -1.28
C ARG B 402 26.19 -1.65 -1.35
N GLU B 403 26.47 -2.67 -0.57
CA GLU B 403 25.57 -3.83 -0.52
C GLU B 403 24.18 -3.43 0.00
N ALA B 404 24.15 -2.59 1.05
CA ALA B 404 22.89 -2.13 1.65
C ALA B 404 22.12 -1.17 0.76
N GLU B 405 22.83 -0.29 0.05
CA GLU B 405 22.17 0.66 -0.86
C GLU B 405 21.31 -0.07 -1.92
N ALA B 406 21.83 -1.17 -2.44
CA ALA B 406 21.03 -1.98 -3.38
C ALA B 406 19.80 -2.67 -2.75
N ALA B 407 19.87 -2.94 -1.43
CA ALA B 407 18.87 -3.74 -0.69
C ALA B 407 17.69 -2.89 -0.21
N ILE B 408 17.84 -1.57 -0.37
CA ILE B 408 16.80 -0.57 -0.08
C ILE B 408 15.59 -0.79 -0.96
N TYR B 409 14.43 -0.69 -0.36
CA TYR B 409 13.18 -0.93 -1.03
C TYR B 409 12.70 0.40 -1.58
N HIS B 410 13.36 0.80 -2.69
CA HIS B 410 13.12 2.03 -3.39
C HIS B 410 11.70 2.18 -3.84
N LEU B 411 11.05 1.06 -4.18
CA LEU B 411 9.69 1.10 -4.69
C LEU B 411 8.78 1.80 -3.68
N GLN B 412 8.75 1.32 -2.45
CA GLN B 412 7.91 1.99 -1.43
C GLN B 412 8.56 3.26 -0.87
N LEU B 413 9.87 3.28 -0.77
CA LEU B 413 10.55 4.47 -0.28
C LEU B 413 10.16 5.65 -1.14
N PHE B 414 10.38 5.55 -2.45
CA PHE B 414 10.07 6.66 -3.36
C PHE B 414 8.58 7.03 -3.37
N GLU B 415 7.72 6.02 -3.33
CA GLU B 415 6.29 6.27 -3.28
C GLU B 415 5.88 7.12 -2.08
N GLU B 416 6.48 6.81 -0.93
CA GLU B 416 6.16 7.48 0.31
C GLU B 416 6.71 8.92 0.31
N LEU B 417 7.94 9.11 -0.14
CA LEU B 417 8.52 10.47 -0.29
C LEU B 417 7.76 11.30 -1.35
N ARG B 418 7.35 10.64 -2.44
CA ARG B 418 6.49 11.26 -3.46
C ARG B 418 5.15 11.66 -2.83
N ARG B 419 4.45 10.69 -2.22
CA ARG B 419 3.25 11.01 -1.42
C ARG B 419 3.45 12.13 -0.41
N LEU B 420 4.58 12.15 0.26
CA LEU B 420 4.80 13.09 1.36
C LEU B 420 5.43 14.41 0.88
N ALA B 421 5.44 14.62 -0.46
CA ALA B 421 6.07 15.80 -1.07
C ALA B 421 5.03 16.92 -1.29
N PRO B 422 5.23 18.10 -0.65
CA PRO B 422 4.28 19.23 -0.83
C PRO B 422 4.02 19.60 -2.29
N ILE B 423 2.76 19.80 -2.63
CA ILE B 423 2.42 20.30 -3.95
C ILE B 423 2.65 21.80 -3.85
N THR B 424 3.73 22.28 -4.46
CA THR B 424 4.06 23.70 -4.47
C THR B 424 4.52 24.17 -5.83
N SER B 425 4.46 25.48 -6.03
CA SER B 425 4.76 26.09 -7.31
C SER B 425 6.25 26.05 -7.66
N ASP B 426 7.12 25.66 -6.72
CA ASP B 426 8.58 25.76 -6.92
C ASP B 426 9.07 24.88 -8.11
N PRO B 427 9.51 25.53 -9.22
CA PRO B 427 9.94 24.78 -10.42
C PRO B 427 11.16 23.86 -10.19
N THR B 428 12.04 24.28 -9.30
CA THR B 428 13.27 23.56 -9.04
C THR B 428 12.98 22.20 -8.36
N GLU B 429 12.05 22.17 -7.42
CA GLU B 429 11.57 20.90 -6.82
C GLU B 429 10.85 19.99 -7.82
N ALA B 430 9.93 20.56 -8.60
CA ALA B 430 9.25 19.84 -9.69
C ALA B 430 10.26 19.18 -10.64
N THR B 431 11.28 19.97 -11.04
CA THR B 431 12.38 19.46 -11.86
C THR B 431 13.16 18.32 -11.16
N ALA B 432 13.45 18.48 -9.86
CA ALA B 432 14.23 17.44 -9.11
C ALA B 432 13.52 16.10 -9.07
N VAL B 433 12.21 16.14 -8.81
CA VAL B 433 11.43 14.93 -8.58
C VAL B 433 11.22 14.25 -9.91
N GLY B 434 11.00 15.06 -10.95
CA GLY B 434 10.88 14.59 -12.31
C GLY B 434 12.09 13.80 -12.77
N ALA B 435 13.28 14.28 -12.41
CA ALA B 435 14.54 13.63 -12.76
C ALA B 435 14.74 12.28 -12.03
N VAL B 436 14.36 12.22 -10.77
CA VAL B 436 14.42 10.97 -10.01
C VAL B 436 13.41 9.96 -10.58
N GLU B 437 12.19 10.40 -10.83
CA GLU B 437 11.17 9.57 -11.50
C GLU B 437 11.73 9.01 -12.82
N ALA B 438 12.28 9.90 -13.63
CA ALA B 438 12.87 9.53 -14.93
C ALA B 438 13.99 8.51 -14.75
N SER B 439 14.80 8.66 -13.69
CA SER B 439 15.95 7.79 -13.44
C SER B 439 15.53 6.36 -13.08
N PHE B 440 14.44 6.24 -12.33
CA PHE B 440 13.87 4.92 -12.02
C PHE B 440 13.29 4.28 -13.28
N LYS B 441 12.58 5.08 -14.06
CA LYS B 441 11.91 4.59 -15.27
C LYS B 441 12.87 3.91 -16.25
N CYS B 442 14.01 4.55 -16.53
CA CYS B 442 15.04 4.00 -17.42
C CYS B 442 16.28 3.43 -16.73
N CYS B 443 16.22 3.21 -15.40
CA CYS B 443 17.34 2.65 -14.65
C CYS B 443 18.66 3.26 -15.07
N SER B 444 18.78 4.59 -14.94
CA SER B 444 19.90 5.31 -15.57
C SER B 444 21.21 5.14 -14.82
N GLY B 445 22.32 5.36 -15.52
CA GLY B 445 23.65 5.30 -14.91
C GLY B 445 23.94 6.42 -13.91
N ALA B 446 23.26 7.54 -14.03
CA ALA B 446 23.51 8.67 -13.15
C ALA B 446 22.51 9.77 -13.36
N ILE B 447 22.39 10.63 -12.35
CA ILE B 447 21.75 11.91 -12.50
C ILE B 447 22.84 12.97 -12.35
N ILE B 448 23.10 13.67 -13.46
CA ILE B 448 24.13 14.70 -13.51
C ILE B 448 23.47 16.01 -13.21
N VAL B 449 24.04 16.77 -12.27
CA VAL B 449 23.49 18.06 -11.83
C VAL B 449 24.56 19.14 -11.80
N LEU B 450 24.36 20.23 -12.56
CA LEU B 450 25.17 21.44 -12.37
C LEU B 450 24.64 22.18 -11.15
N THR B 451 25.55 22.53 -10.25
CA THR B 451 25.17 23.26 -9.05
C THR B 451 26.33 24.15 -8.59
N LYS B 452 26.00 25.36 -8.16
CA LYS B 452 26.97 26.28 -7.59
C LYS B 452 27.06 26.11 -6.07
N SER B 453 25.89 26.10 -5.42
CA SER B 453 25.77 26.01 -3.97
C SER B 453 25.64 24.57 -3.46
N GLY B 454 25.26 23.63 -4.33
CA GLY B 454 24.92 22.28 -3.93
C GLY B 454 23.44 21.98 -3.88
N ARG B 455 22.63 23.03 -3.80
CA ARG B 455 21.20 22.89 -3.48
C ARG B 455 20.38 22.08 -4.48
N SER B 456 20.71 22.19 -5.76
CA SER B 456 19.96 21.45 -6.79
C SER B 456 20.21 19.94 -6.68
N ALA B 457 21.45 19.59 -6.36
CA ALA B 457 21.86 18.21 -6.05
C ALA B 457 21.22 17.66 -4.77
N HIS B 458 21.18 18.50 -3.73
CA HIS B 458 20.54 18.14 -2.44
C HIS B 458 19.05 17.84 -2.68
N GLN B 459 18.41 18.64 -3.54
CA GLN B 459 16.98 18.48 -3.83
C GLN B 459 16.69 17.14 -4.51
N VAL B 460 17.62 16.67 -5.33
CA VAL B 460 17.56 15.35 -5.95
C VAL B 460 17.78 14.26 -4.92
N ALA B 461 18.83 14.42 -4.12
CA ALA B 461 19.20 13.45 -3.09
C ALA B 461 18.04 13.15 -2.13
N ARG B 462 17.21 14.15 -1.82
CA ARG B 462 16.11 13.93 -0.87
C ARG B 462 15.08 12.89 -1.35
N TYR B 463 15.03 12.63 -2.65
CA TYR B 463 14.08 11.63 -3.21
C TYR B 463 14.68 10.22 -3.32
N ARG B 464 15.93 10.09 -2.90
CA ARG B 464 16.64 8.82 -2.79
C ARG B 464 16.71 8.01 -4.07
N PRO B 465 17.25 8.61 -5.14
CA PRO B 465 17.41 7.82 -6.33
C PRO B 465 18.37 6.62 -6.08
N ARG B 466 18.21 5.58 -6.85
CA ARG B 466 19.17 4.49 -6.87
C ARG B 466 20.44 4.94 -7.59
N ALA B 467 20.29 5.61 -8.72
CA ALA B 467 21.44 6.07 -9.50
C ALA B 467 22.21 7.15 -8.75
N PRO B 468 23.53 7.20 -8.95
CA PRO B 468 24.41 8.13 -8.30
C PRO B 468 24.24 9.55 -8.87
N ILE B 469 24.32 10.55 -8.01
CA ILE B 469 24.14 11.95 -8.42
C ILE B 469 25.50 12.57 -8.59
N ILE B 470 25.91 12.84 -9.82
CA ILE B 470 27.16 13.54 -10.07
C ILE B 470 26.92 15.05 -10.02
N ALA B 471 27.44 15.71 -8.98
CA ALA B 471 27.25 17.12 -8.78
C ALA B 471 28.48 17.86 -9.30
N VAL B 472 28.35 18.42 -10.51
CA VAL B 472 29.43 19.16 -11.15
C VAL B 472 29.37 20.59 -10.62
N THR B 473 30.49 21.07 -10.08
CA THR B 473 30.57 22.43 -9.49
C THR B 473 31.96 22.99 -9.70
N ARG B 474 32.05 24.32 -9.82
CA ARG B 474 33.33 25.03 -9.80
C ARG B 474 33.67 25.50 -8.38
N ASN B 475 32.70 25.42 -7.46
CA ASN B 475 32.88 25.85 -6.07
C ASN B 475 33.51 24.71 -5.20
N PRO B 476 34.78 24.89 -4.77
CA PRO B 476 35.48 23.81 -4.07
C PRO B 476 34.84 23.46 -2.71
N GLN B 477 34.28 24.45 -2.03
CA GLN B 477 33.57 24.22 -0.77
C GLN B 477 32.30 23.40 -0.98
N THR B 478 31.52 23.76 -2.00
CA THR B 478 30.30 23.00 -2.38
C THR B 478 30.62 21.56 -2.65
N ALA B 479 31.75 21.33 -3.32
CA ALA B 479 32.16 19.97 -3.67
C ALA B 479 32.55 19.12 -2.43
N ARG B 480 33.20 19.75 -1.45
CA ARG B 480 33.56 19.03 -0.22
C ARG B 480 32.31 18.78 0.65
N GLN B 481 31.48 19.82 0.84
CA GLN B 481 30.26 19.72 1.66
C GLN B 481 29.19 18.80 1.06
N ALA B 482 29.21 18.59 -0.27
CA ALA B 482 28.22 17.77 -0.96
C ALA B 482 28.22 16.32 -0.45
N HIS B 483 29.36 15.89 0.11
CA HIS B 483 29.51 14.55 0.69
C HIS B 483 28.55 14.25 1.84
N LEU B 484 28.04 15.28 2.49
CA LEU B 484 27.03 15.08 3.52
C LEU B 484 25.75 14.37 3.03
N TYR B 485 25.43 14.45 1.73
CA TYR B 485 24.15 13.93 1.15
C TYR B 485 24.27 12.57 0.47
N ARG B 486 23.40 11.63 0.85
CA ARG B 486 23.34 10.33 0.19
C ARG B 486 23.25 10.50 -1.34
N GLY B 487 24.13 9.82 -2.07
CA GLY B 487 24.01 9.68 -3.51
C GLY B 487 24.84 10.70 -4.28
N ILE B 488 25.22 11.77 -3.62
CA ILE B 488 25.92 12.85 -4.30
C ILE B 488 27.39 12.51 -4.40
N PHE B 489 27.89 12.61 -5.65
CA PHE B 489 29.27 12.36 -6.00
C PHE B 489 29.83 13.64 -6.59
N PRO B 490 30.42 14.48 -5.74
CA PRO B 490 30.80 15.84 -6.14
C PRO B 490 32.04 15.83 -7.00
N VAL B 491 32.00 16.56 -8.10
CA VAL B 491 33.17 16.68 -8.95
C VAL B 491 33.53 18.14 -9.14
N LEU B 492 34.81 18.44 -8.96
CA LEU B 492 35.29 19.80 -9.02
C LEU B 492 35.84 20.17 -10.41
N CYS B 493 35.03 20.86 -11.19
CA CYS B 493 35.42 21.28 -12.53
C CYS B 493 36.39 22.44 -12.41
N LYS B 494 37.51 22.37 -13.13
CA LYS B 494 38.55 23.40 -13.08
C LYS B 494 38.73 24.14 -14.40
N ASP B 495 37.90 23.84 -15.40
CA ASP B 495 38.00 24.52 -16.71
C ASP B 495 37.64 26.00 -16.56
N PRO B 496 38.32 26.88 -17.32
CA PRO B 496 37.87 28.28 -17.38
C PRO B 496 36.42 28.40 -17.84
N VAL B 497 35.74 29.44 -17.36
CA VAL B 497 34.40 29.78 -17.81
C VAL B 497 34.44 30.18 -19.29
N GLN B 498 33.67 29.49 -20.12
CA GLN B 498 33.59 29.78 -21.55
C GLN B 498 32.69 30.99 -21.71
N GLU B 499 33.04 31.88 -22.64
CA GLU B 499 32.32 33.15 -22.84
C GLU B 499 30.87 32.93 -23.29
N ALA B 500 30.65 31.92 -24.13
CA ALA B 500 29.29 31.49 -24.43
C ALA B 500 28.82 30.57 -23.30
N TRP B 501 27.77 30.97 -22.61
CA TRP B 501 27.27 30.25 -21.43
C TRP B 501 26.81 28.83 -21.77
N ALA B 502 26.13 28.68 -22.89
CA ALA B 502 25.68 27.37 -23.40
C ALA B 502 26.84 26.38 -23.56
N GLU B 503 27.93 26.86 -24.17
CA GLU B 503 29.16 26.07 -24.28
C GLU B 503 29.69 25.67 -22.89
N ASP B 504 29.65 26.61 -21.96
CA ASP B 504 30.15 26.38 -20.61
C ASP B 504 29.34 25.35 -19.84
N VAL B 505 28.03 25.36 -20.05
CA VAL B 505 27.14 24.32 -19.51
C VAL B 505 27.53 22.96 -20.10
N ASP B 506 27.54 22.89 -21.43
CA ASP B 506 27.93 21.66 -22.15
C ASP B 506 29.29 21.14 -21.74
N LEU B 507 30.25 22.05 -21.54
CA LEU B 507 31.58 21.66 -21.09
C LEU B 507 31.55 20.92 -19.74
N ARG B 508 30.70 21.40 -18.82
CA ARG B 508 30.57 20.80 -17.50
C ARG B 508 29.77 19.50 -17.53
N VAL B 509 28.80 19.43 -18.43
CA VAL B 509 28.03 18.20 -18.61
C VAL B 509 28.95 17.09 -19.15
N ASN B 510 29.82 17.44 -20.09
CA ASN B 510 30.77 16.43 -20.61
C ASN B 510 31.85 16.04 -19.61
N PHE B 511 32.27 16.98 -18.77
CA PHE B 511 33.14 16.66 -17.63
C PHE B 511 32.52 15.55 -16.78
N ALA B 512 31.23 15.70 -16.48
CA ALA B 512 30.45 14.71 -15.74
C ALA B 512 30.40 13.34 -16.43
N MET B 513 30.28 13.34 -17.75
CA MET B 513 30.26 12.08 -18.52
C MET B 513 31.61 11.40 -18.48
N ASN B 514 32.67 12.19 -18.48
CA ASN B 514 34.02 11.65 -18.42
C ASN B 514 34.33 11.01 -17.07
N VAL B 515 33.97 11.72 -16.01
CA VAL B 515 34.04 11.19 -14.65
C VAL B 515 33.27 9.86 -14.50
N GLY B 516 32.05 9.81 -15.02
CA GLY B 516 31.26 8.58 -14.91
C GLY B 516 31.90 7.43 -15.66
N LYS B 517 32.41 7.70 -16.85
CA LYS B 517 33.07 6.66 -17.67
C LYS B 517 34.32 6.15 -16.97
N ALA B 518 35.18 7.09 -16.57
CA ALA B 518 36.45 6.80 -15.88
C ALA B 518 36.27 6.07 -14.57
N ARG B 519 35.26 6.47 -13.79
CA ARG B 519 35.01 5.84 -12.49
C ARG B 519 34.22 4.54 -12.61
N GLY B 520 33.71 4.27 -13.81
CA GLY B 520 32.99 3.03 -14.09
C GLY B 520 31.55 3.05 -13.66
N PHE B 521 30.93 4.22 -13.63
CA PHE B 521 29.49 4.32 -13.28
C PHE B 521 28.58 4.03 -14.47
N PHE B 522 29.06 4.34 -15.67
CA PHE B 522 28.32 4.06 -16.87
C PHE B 522 29.29 3.95 -18.03
N LYS B 523 28.77 3.59 -19.20
CA LYS B 523 29.58 3.48 -20.42
C LYS B 523 28.90 4.22 -21.55
N LYS B 524 29.67 4.61 -22.56
CA LYS B 524 29.14 5.15 -23.80
C LYS B 524 27.91 4.36 -24.25
N GLY B 525 26.80 5.05 -24.48
CA GLY B 525 25.56 4.40 -24.95
C GLY B 525 24.49 4.25 -23.90
N ASP B 526 24.92 4.19 -22.64
CA ASP B 526 24.00 4.17 -21.50
C ASP B 526 23.22 5.47 -21.46
N VAL B 527 22.06 5.48 -20.81
CA VAL B 527 21.29 6.73 -20.65
C VAL B 527 21.52 7.32 -19.29
N VAL B 528 21.69 8.64 -19.26
CA VAL B 528 21.85 9.38 -18.03
C VAL B 528 20.87 10.56 -18.06
N ILE B 529 20.58 11.08 -16.88
CA ILE B 529 19.69 12.21 -16.74
C ILE B 529 20.55 13.41 -16.38
N VAL B 530 20.26 14.56 -17.00
CA VAL B 530 21.07 15.79 -16.82
C VAL B 530 20.16 16.94 -16.41
N LEU B 531 20.51 17.58 -15.29
CA LEU B 531 19.77 18.76 -14.81
C LEU B 531 20.55 20.05 -14.98
N THR B 532 19.89 21.05 -15.58
CA THR B 532 20.43 22.37 -15.78
C THR B 532 19.34 23.43 -15.55
N GLY B 533 19.75 24.70 -15.55
CA GLY B 533 18.85 25.84 -15.37
C GLY B 533 18.80 26.72 -16.61
N TRP B 534 18.01 27.78 -16.53
CA TRP B 534 17.68 28.60 -17.70
C TRP B 534 18.53 29.89 -17.82
N ARG B 535 19.27 30.24 -16.76
CA ARG B 535 20.25 31.33 -16.81
C ARG B 535 21.37 31.04 -15.79
N PRO B 536 22.48 31.78 -15.84
CA PRO B 536 23.56 31.54 -14.86
C PRO B 536 23.17 31.99 -13.43
N GLY B 537 23.97 31.59 -12.45
CA GLY B 537 23.68 31.86 -11.04
C GLY B 537 22.80 30.82 -10.40
N SER B 538 22.68 30.87 -9.08
CA SER B 538 21.94 29.83 -8.32
C SER B 538 20.45 30.02 -8.40
N GLY B 539 19.72 28.92 -8.32
CA GLY B 539 18.29 28.96 -8.08
C GLY B 539 17.42 28.87 -9.32
N PHE B 540 18.01 28.61 -10.47
CA PHE B 540 17.28 28.57 -11.71
C PHE B 540 17.20 27.19 -12.36
N THR B 541 17.54 26.14 -11.62
CA THR B 541 17.42 24.79 -12.14
C THR B 541 15.96 24.56 -12.57
N ASN B 542 15.79 24.12 -13.81
CA ASN B 542 14.46 23.91 -14.40
C ASN B 542 14.39 22.92 -15.59
N THR B 543 15.54 22.32 -15.95
CA THR B 543 15.69 21.61 -17.21
C THR B 543 16.21 20.19 -16.99
N MET B 544 15.41 19.21 -17.40
CA MET B 544 15.76 17.80 -17.26
C MET B 544 15.85 17.15 -18.65
N ARG B 545 17.01 16.61 -18.97
CA ARG B 545 17.24 15.92 -20.22
C ARG B 545 17.63 14.45 -20.01
N VAL B 546 17.18 13.59 -20.90
CA VAL B 546 17.60 12.20 -20.91
C VAL B 546 18.56 12.08 -22.09
N VAL B 547 19.82 11.77 -21.81
CA VAL B 547 20.89 11.84 -22.83
C VAL B 547 21.65 10.54 -22.88
N PRO B 548 22.13 10.12 -24.07
CA PRO B 548 23.02 8.96 -24.05
C PRO B 548 24.43 9.39 -23.65
N VAL B 549 25.16 8.51 -22.98
CA VAL B 549 26.55 8.79 -22.66
C VAL B 549 27.35 8.75 -23.97
N PRO B 550 28.06 9.87 -24.32
CA PRO B 550 28.83 9.93 -25.56
C PRO B 550 30.08 9.05 -25.58
N GLN C 33 -12.59 -19.05 -9.78
CA GLN C 33 -13.33 -18.81 -11.06
C GLN C 33 -14.76 -18.27 -10.85
N THR C 34 -15.37 -18.51 -9.70
CA THR C 34 -16.69 -17.96 -9.42
C THR C 34 -16.56 -16.70 -8.56
N GLN C 35 -17.59 -15.87 -8.55
CA GLN C 35 -17.65 -14.65 -7.72
C GLN C 35 -16.46 -13.68 -7.92
N GLN C 36 -15.90 -13.64 -9.13
CA GLN C 36 -14.77 -12.74 -9.44
C GLN C 36 -13.59 -12.91 -8.48
N LEU C 37 -13.29 -14.16 -8.14
CA LEU C 37 -12.29 -14.45 -7.11
C LEU C 37 -10.87 -14.31 -7.65
N HIS C 38 -10.68 -14.49 -8.96
CA HIS C 38 -9.43 -14.16 -9.62
C HIS C 38 -9.16 -12.65 -9.51
N ALA C 39 -10.13 -11.82 -9.91
CA ALA C 39 -10.01 -10.36 -9.77
C ALA C 39 -9.81 -9.93 -8.31
N ALA C 40 -10.41 -10.67 -7.38
CA ALA C 40 -10.32 -10.37 -5.95
C ALA C 40 -8.90 -10.48 -5.42
N MET C 41 -8.07 -11.29 -6.08
CA MET C 41 -6.68 -11.55 -5.69
C MET C 41 -5.70 -10.53 -6.26
N ALA C 42 -6.19 -9.58 -7.08
CA ALA C 42 -5.31 -8.59 -7.70
C ALA C 42 -4.70 -7.70 -6.61
N ASP C 43 -3.39 -7.49 -6.69
CA ASP C 43 -2.66 -6.67 -5.72
C ASP C 43 -2.87 -5.17 -5.98
N THR C 44 -3.41 -4.83 -7.14
CA THR C 44 -3.71 -3.44 -7.48
C THR C 44 -5.14 -3.37 -7.98
N PHE C 45 -5.74 -2.18 -7.89
CA PHE C 45 -7.10 -1.96 -8.37
C PHE C 45 -7.15 -1.97 -9.91
N LEU C 46 -6.14 -1.41 -10.58
CA LEU C 46 -6.07 -1.53 -12.05
C LEU C 46 -6.14 -3.01 -12.46
N GLU C 47 -5.28 -3.86 -11.88
CA GLU C 47 -5.30 -5.30 -12.22
C GLU C 47 -6.60 -5.97 -11.79
N HIS C 48 -7.22 -5.46 -10.73
CA HIS C 48 -8.52 -5.93 -10.33
C HIS C 48 -9.56 -5.70 -11.45
N MET C 49 -9.58 -4.48 -11.99
CA MET C 49 -10.42 -4.15 -13.15
C MET C 49 -10.13 -5.03 -14.35
N CYS C 50 -8.85 -5.20 -14.70
CA CYS C 50 -8.45 -6.02 -15.83
C CYS C 50 -8.90 -7.49 -15.71
N ARG C 51 -9.09 -7.98 -14.49
CA ARG C 51 -9.48 -9.39 -14.29
C ARG C 51 -10.98 -9.62 -14.19
N LEU C 52 -11.77 -8.55 -14.20
CA LEU C 52 -13.23 -8.69 -14.09
C LEU C 52 -13.70 -9.50 -15.30
N ASP C 53 -14.52 -10.51 -15.04
CA ASP C 53 -14.75 -11.62 -15.99
C ASP C 53 -16.24 -11.97 -16.14
N ILE C 54 -16.81 -11.69 -17.31
CA ILE C 54 -18.22 -12.00 -17.57
C ILE C 54 -18.55 -13.49 -17.50
N ASP C 55 -17.53 -14.36 -17.56
CA ASP C 55 -17.73 -15.82 -17.42
C ASP C 55 -17.53 -16.31 -15.98
N SER C 56 -17.32 -15.39 -15.05
CA SER C 56 -17.27 -15.72 -13.63
C SER C 56 -18.63 -15.46 -13.02
N PRO C 57 -19.36 -16.53 -12.67
CA PRO C 57 -20.73 -16.30 -12.22
C PRO C 57 -20.83 -15.92 -10.75
N PRO C 58 -21.76 -15.01 -10.40
CA PRO C 58 -21.93 -14.64 -8.99
C PRO C 58 -22.44 -15.77 -8.11
N ILE C 59 -22.44 -15.54 -6.80
CA ILE C 59 -23.04 -16.48 -5.87
C ILE C 59 -24.55 -16.29 -5.98
N THR C 60 -25.29 -17.11 -5.27
CA THR C 60 -26.74 -17.05 -5.30
C THR C 60 -27.25 -15.85 -4.51
N ALA C 61 -26.58 -15.57 -3.38
CA ALA C 61 -27.02 -14.52 -2.46
C ALA C 61 -26.81 -13.11 -3.05
N ARG C 62 -27.81 -12.26 -2.84
CA ARG C 62 -27.73 -10.87 -3.25
C ARG C 62 -27.79 -9.95 -2.01
N ASN C 63 -26.70 -9.22 -1.76
CA ASN C 63 -26.49 -8.47 -0.50
C ASN C 63 -27.15 -7.10 -0.44
N THR C 64 -27.39 -6.49 -1.59
CA THR C 64 -27.89 -5.11 -1.63
C THR C 64 -29.40 -5.12 -1.54
N GLY C 65 -29.93 -4.47 -0.51
CA GLY C 65 -31.38 -4.39 -0.34
C GLY C 65 -32.05 -3.62 -1.47
N ILE C 66 -33.21 -4.10 -1.90
CA ILE C 66 -33.98 -3.39 -2.93
C ILE C 66 -35.23 -2.79 -2.33
N ILE C 67 -35.40 -1.49 -2.54
CA ILE C 67 -36.55 -0.73 -2.03
C ILE C 67 -37.45 -0.36 -3.20
N CYS C 68 -38.74 -0.67 -3.08
CA CYS C 68 -39.71 -0.42 -4.16
C CYS C 68 -40.81 0.50 -3.68
N THR C 69 -41.06 1.55 -4.48
CA THR C 69 -42.18 2.44 -4.24
C THR C 69 -43.42 1.79 -4.85
N ILE C 70 -44.52 1.84 -4.10
CA ILE C 70 -45.76 1.17 -4.50
C ILE C 70 -46.78 2.22 -4.96
N GLY C 71 -47.49 1.90 -6.04
CA GLY C 71 -48.52 2.76 -6.61
C GLY C 71 -49.50 1.88 -7.37
N PRO C 72 -50.21 2.45 -8.38
CA PRO C 72 -51.20 1.64 -9.14
C PRO C 72 -50.62 0.39 -9.80
N ALA C 73 -49.36 0.44 -10.22
CA ALA C 73 -48.71 -0.70 -10.88
C ALA C 73 -48.42 -1.88 -9.95
N SER C 74 -48.32 -1.64 -8.64
CA SER C 74 -47.69 -2.61 -7.74
C SER C 74 -48.37 -2.76 -6.38
N ARG C 75 -49.68 -2.52 -6.32
CA ARG C 75 -50.39 -2.38 -5.05
C ARG C 75 -51.38 -3.52 -4.77
N SER C 76 -51.80 -4.23 -5.82
CA SER C 76 -52.64 -5.41 -5.67
C SER C 76 -51.88 -6.48 -4.92
N VAL C 77 -52.60 -7.32 -4.18
CA VAL C 77 -51.98 -8.44 -3.45
C VAL C 77 -51.19 -9.33 -4.44
N GLU C 78 -51.81 -9.63 -5.59
CA GLU C 78 -51.20 -10.48 -6.63
C GLU C 78 -49.84 -9.97 -7.10
N THR C 79 -49.78 -8.69 -7.44
CA THR C 79 -48.54 -8.08 -7.93
C THR C 79 -47.48 -8.04 -6.84
N LEU C 80 -47.92 -7.79 -5.60
CA LEU C 80 -47.00 -7.71 -4.44
C LEU C 80 -46.31 -9.05 -4.09
N LYS C 81 -47.03 -10.17 -4.18
CA LYS C 81 -46.39 -11.48 -4.01
C LYS C 81 -45.27 -11.67 -5.03
N GLU C 82 -45.52 -11.25 -6.27
CA GLU C 82 -44.49 -11.32 -7.33
C GLU C 82 -43.35 -10.31 -7.13
N MET C 83 -43.66 -9.14 -6.58
CA MET C 83 -42.63 -8.16 -6.18
C MET C 83 -41.65 -8.77 -5.16
N ILE C 84 -42.22 -9.51 -4.20
CA ILE C 84 -41.45 -10.17 -3.14
C ILE C 84 -40.62 -11.32 -3.71
N LYS C 85 -41.25 -12.22 -4.45
CA LYS C 85 -40.53 -13.31 -5.13
C LYS C 85 -39.40 -12.79 -6.02
N SER C 86 -39.63 -11.63 -6.66
CA SER C 86 -38.61 -11.01 -7.52
C SER C 86 -37.43 -10.40 -6.73
N GLY C 87 -37.64 -10.00 -5.48
CA GLY C 87 -36.56 -9.49 -4.61
C GLY C 87 -36.84 -8.23 -3.79
N MET C 88 -38.11 -7.80 -3.72
CA MET C 88 -38.48 -6.64 -2.92
C MET C 88 -38.25 -6.91 -1.44
N ASN C 89 -37.42 -6.09 -0.82
CA ASN C 89 -37.17 -6.15 0.63
C ASN C 89 -37.91 -5.09 1.42
N VAL C 90 -38.19 -3.95 0.78
CA VAL C 90 -38.79 -2.78 1.44
C VAL C 90 -39.85 -2.11 0.55
N ALA C 91 -41.01 -1.83 1.15
CA ALA C 91 -42.12 -1.18 0.47
C ALA C 91 -42.16 0.28 0.86
N ARG C 92 -41.76 1.15 -0.08
CA ARG C 92 -41.79 2.59 0.13
C ARG C 92 -43.14 3.14 -0.25
N LEU C 93 -43.64 4.04 0.59
CA LEU C 93 -44.94 4.67 0.39
C LEU C 93 -44.70 6.18 0.33
N ASN C 94 -44.99 6.78 -0.82
CA ASN C 94 -44.70 8.21 -1.04
C ASN C 94 -45.89 9.08 -0.67
N PHE C 95 -45.79 9.74 0.48
CA PHE C 95 -46.88 10.59 0.99
C PHE C 95 -46.92 12.00 0.38
N SER C 96 -46.17 12.23 -0.70
CA SER C 96 -46.40 13.41 -1.54
C SER C 96 -47.82 13.41 -2.07
N HIS C 97 -48.35 12.22 -2.35
CA HIS C 97 -49.75 12.05 -2.77
C HIS C 97 -50.39 10.88 -2.06
N GLY C 98 -51.71 10.82 -2.14
CA GLY C 98 -52.51 9.75 -1.54
C GLY C 98 -53.06 10.11 -0.18
N THR C 99 -54.25 9.60 0.11
CA THR C 99 -54.90 9.76 1.40
C THR C 99 -54.41 8.71 2.39
N HIS C 100 -54.80 8.86 3.65
CA HIS C 100 -54.46 7.87 4.68
C HIS C 100 -55.16 6.53 4.45
N GLU C 101 -56.39 6.57 3.95
CA GLU C 101 -57.14 5.35 3.60
C GLU C 101 -56.43 4.59 2.48
N TYR C 102 -56.06 5.31 1.43
CA TYR C 102 -55.29 4.76 0.31
C TYR C 102 -54.05 4.04 0.83
N HIS C 103 -53.18 4.79 1.49
CA HIS C 103 -51.93 4.25 1.99
C HIS C 103 -52.16 3.12 3.00
N ALA C 104 -53.19 3.27 3.86
CA ALA C 104 -53.59 2.20 4.79
C ALA C 104 -53.83 0.85 4.11
N GLU C 105 -54.49 0.88 2.95
CA GLU C 105 -54.80 -0.34 2.21
C GLU C 105 -53.56 -0.90 1.45
N THR C 106 -52.66 -0.02 1.00
CA THR C 106 -51.38 -0.47 0.41
C THR C 106 -50.62 -1.33 1.43
N ILE C 107 -50.48 -0.81 2.66
CA ILE C 107 -49.80 -1.50 3.75
C ILE C 107 -50.52 -2.80 4.11
N LYS C 108 -51.84 -2.72 4.19
CA LYS C 108 -52.67 -3.91 4.40
C LYS C 108 -52.37 -5.00 3.36
N ASN C 109 -52.29 -4.60 2.08
CA ASN C 109 -51.99 -5.52 0.98
C ASN C 109 -50.53 -5.99 0.93
N VAL C 110 -49.61 -5.15 1.39
CA VAL C 110 -48.19 -5.55 1.47
C VAL C 110 -48.04 -6.65 2.53
N ARG C 111 -48.79 -6.51 3.62
CA ARG C 111 -48.75 -7.48 4.71
C ARG C 111 -49.46 -8.78 4.35
N THR C 112 -50.62 -8.66 3.70
CA THR C 112 -51.32 -9.83 3.14
C THR C 112 -50.40 -10.67 2.25
N ALA C 113 -49.75 -10.01 1.29
CA ALA C 113 -48.81 -10.65 0.35
C ALA C 113 -47.58 -11.24 1.04
N THR C 114 -46.99 -10.47 1.96
CA THR C 114 -45.82 -10.91 2.74
C THR C 114 -46.15 -12.13 3.61
N GLU C 115 -47.26 -12.06 4.34
CA GLU C 115 -47.64 -13.13 5.26
C GLU C 115 -48.19 -14.39 4.56
N SER C 116 -48.45 -14.30 3.25
CA SER C 116 -48.84 -15.49 2.47
C SER C 116 -47.70 -16.53 2.37
N PHE C 117 -46.49 -16.14 2.74
CA PHE C 117 -45.33 -17.03 2.74
C PHE C 117 -44.97 -17.62 4.11
N ALA C 118 -45.53 -17.05 5.19
CA ALA C 118 -45.15 -17.39 6.58
C ALA C 118 -45.26 -18.87 6.98
N SER C 119 -46.03 -19.67 6.23
CA SER C 119 -46.25 -21.10 6.56
C SER C 119 -44.95 -21.88 6.80
N ASP C 120 -43.95 -21.65 5.94
CA ASP C 120 -42.64 -22.26 6.07
C ASP C 120 -41.64 -21.15 6.45
N PRO C 121 -41.30 -21.04 7.76
CA PRO C 121 -40.42 -19.97 8.23
C PRO C 121 -38.99 -20.05 7.67
N ILE C 122 -38.64 -21.22 7.11
CA ILE C 122 -37.35 -21.40 6.44
C ILE C 122 -37.24 -20.53 5.19
N LEU C 123 -38.33 -20.43 4.42
CA LEU C 123 -38.32 -19.67 3.15
C LEU C 123 -39.00 -18.28 3.21
N TYR C 124 -39.70 -17.99 4.32
CA TYR C 124 -40.34 -16.69 4.53
C TYR C 124 -39.35 -15.54 4.54
N ARG C 125 -39.70 -14.46 3.82
CA ARG C 125 -38.85 -13.29 3.67
C ARG C 125 -39.53 -12.10 4.34
N PRO C 126 -38.87 -11.48 5.34
CA PRO C 126 -39.45 -10.26 5.90
C PRO C 126 -39.49 -9.13 4.86
N VAL C 127 -40.48 -8.26 5.00
CA VAL C 127 -40.62 -7.10 4.12
C VAL C 127 -40.93 -5.89 5.00
N ALA C 128 -40.07 -4.89 4.94
CA ALA C 128 -40.23 -3.68 5.75
C ALA C 128 -41.17 -2.69 5.05
N VAL C 129 -41.75 -1.79 5.83
CA VAL C 129 -42.60 -0.72 5.32
C VAL C 129 -41.97 0.62 5.66
N ALA C 130 -41.63 1.39 4.64
CA ALA C 130 -41.03 2.72 4.81
C ALA C 130 -42.02 3.83 4.44
N LEU C 131 -42.23 4.78 5.36
CA LEU C 131 -43.04 5.96 5.08
C LEU C 131 -42.13 7.10 4.62
N ASP C 132 -42.36 7.57 3.40
CA ASP C 132 -41.59 8.68 2.81
C ASP C 132 -42.46 9.92 2.83
N THR C 133 -42.02 10.96 3.54
CA THR C 133 -42.86 12.13 3.77
C THR C 133 -42.91 13.07 2.56
N LYS C 134 -43.97 13.86 2.47
CA LYS C 134 -44.08 14.93 1.47
C LYS C 134 -43.06 16.01 1.76
N GLY C 135 -42.98 16.39 3.04
CA GLY C 135 -41.99 17.35 3.50
C GLY C 135 -42.43 18.78 3.27
N PRO C 136 -41.65 19.74 3.79
CA PRO C 136 -41.91 21.15 3.48
C PRO C 136 -41.70 21.46 2.00
N GLU C 137 -42.43 22.46 1.49
CA GLU C 137 -42.42 22.83 0.07
C GLU C 137 -42.59 24.33 -0.13
N ILE C 138 -42.20 24.81 -1.30
CA ILE C 138 -42.54 26.16 -1.76
C ILE C 138 -43.35 26.02 -3.03
N ARG C 139 -44.56 26.59 -3.04
CA ARG C 139 -45.52 26.44 -4.16
C ARG C 139 -45.92 27.78 -4.78
N THR C 140 -46.63 27.70 -5.90
CA THR C 140 -47.25 28.86 -6.55
C THR C 140 -48.77 28.69 -6.57
N ASP C 172 -49.86 35.44 -13.48
CA ASP C 172 -49.53 35.66 -14.90
C ASP C 172 -48.04 35.96 -15.10
N GLU C 173 -47.65 36.19 -16.36
CA GLU C 173 -46.27 36.56 -16.70
C GLU C 173 -45.79 37.86 -16.02
N ASN C 174 -46.72 38.76 -15.73
CA ASN C 174 -46.41 40.02 -15.05
C ASN C 174 -46.01 39.80 -13.58
N ILE C 175 -46.96 39.31 -12.78
CA ILE C 175 -46.74 39.11 -11.34
C ILE C 175 -46.94 37.65 -10.93
N LEU C 176 -45.98 37.12 -10.17
CA LEU C 176 -46.06 35.75 -9.62
C LEU C 176 -46.00 35.78 -8.09
N TRP C 177 -46.93 35.06 -7.46
CA TRP C 177 -47.02 34.96 -5.99
C TRP C 177 -46.50 33.60 -5.53
N LEU C 178 -45.75 33.60 -4.43
CA LEU C 178 -45.28 32.37 -3.78
C LEU C 178 -45.64 32.40 -2.29
N ASP C 179 -45.63 31.24 -1.65
CA ASP C 179 -46.16 31.08 -0.26
C ASP C 179 -45.09 31.16 0.87
N TYR C 180 -43.82 31.26 0.49
CA TYR C 180 -42.71 31.28 1.47
C TYR C 180 -42.45 32.73 1.95
N LYS C 181 -42.90 33.03 3.16
CA LYS C 181 -42.92 34.42 3.68
C LYS C 181 -41.53 35.07 3.90
N ASN C 182 -40.54 34.26 4.27
CA ASN C 182 -39.19 34.78 4.56
C ASN C 182 -38.25 34.79 3.34
N ILE C 183 -38.81 34.69 2.14
CA ILE C 183 -38.01 34.55 0.92
C ILE C 183 -37.05 35.74 0.68
N CYS C 184 -37.48 36.95 1.05
CA CYS C 184 -36.64 38.15 0.90
C CYS C 184 -35.35 38.08 1.74
N LYS C 185 -35.50 37.70 3.02
CA LYS C 185 -34.36 37.59 3.95
C LYS C 185 -33.33 36.56 3.46
N VAL C 186 -33.82 35.37 3.11
CA VAL C 186 -32.96 34.23 2.74
C VAL C 186 -32.25 34.35 1.38
N VAL C 187 -32.68 35.30 0.54
CA VAL C 187 -32.11 35.47 -0.81
C VAL C 187 -31.53 36.88 -1.01
N GLU C 188 -30.55 36.98 -1.93
CA GLU C 188 -29.88 38.24 -2.24
C GLU C 188 -29.82 38.45 -3.75
N VAL C 189 -29.70 39.71 -4.17
CA VAL C 189 -29.58 40.04 -5.60
C VAL C 189 -28.37 39.31 -6.20
N GLY C 190 -28.61 38.53 -7.24
CA GLY C 190 -27.62 37.61 -7.80
C GLY C 190 -27.97 36.15 -7.54
N SER C 191 -28.75 35.91 -6.47
CA SER C 191 -29.22 34.55 -6.13
C SER C 191 -30.22 34.05 -7.17
N LYS C 192 -30.25 32.73 -7.37
CA LYS C 192 -31.11 32.10 -8.39
C LYS C 192 -32.30 31.38 -7.76
N ILE C 193 -33.43 31.40 -8.48
CA ILE C 193 -34.68 30.78 -8.05
C ILE C 193 -35.19 29.92 -9.20
N TYR C 194 -35.42 28.64 -8.96
CA TYR C 194 -35.96 27.75 -9.98
C TYR C 194 -37.44 27.50 -9.72
N VAL C 195 -38.23 27.38 -10.80
CA VAL C 195 -39.67 27.08 -10.70
C VAL C 195 -40.01 25.86 -11.56
N ASP C 196 -40.99 25.08 -11.10
CA ASP C 196 -41.43 23.85 -11.76
C ASP C 196 -40.28 22.88 -12.03
N ASP C 197 -39.68 22.38 -10.94
CA ASP C 197 -38.63 21.36 -11.02
C ASP C 197 -37.46 21.75 -11.94
N GLY C 198 -36.91 22.95 -11.70
CA GLY C 198 -35.75 23.45 -12.44
C GLY C 198 -35.98 23.75 -13.92
N LEU C 199 -37.24 23.73 -14.36
CA LEU C 199 -37.59 23.94 -15.77
C LEU C 199 -37.54 25.43 -16.13
N ILE C 200 -37.86 26.28 -15.15
CA ILE C 200 -37.72 27.72 -15.28
C ILE C 200 -36.67 28.18 -14.26
N SER C 201 -35.94 29.24 -14.60
CA SER C 201 -34.89 29.79 -13.77
C SER C 201 -34.96 31.33 -13.74
N LEU C 202 -34.77 31.91 -12.56
CA LEU C 202 -34.79 33.37 -12.37
C LEU C 202 -33.62 33.82 -11.50
N GLN C 203 -33.10 35.01 -11.80
CA GLN C 203 -32.02 35.60 -10.99
C GLN C 203 -32.56 36.72 -10.07
N GLU C 217 -33.54 33.58 -16.59
CA GLU C 217 -32.49 32.85 -17.27
C GLU C 217 -33.07 31.86 -18.29
N ASN C 218 -33.95 30.98 -17.82
CA ASN C 218 -34.56 29.95 -18.66
C ASN C 218 -36.09 30.06 -18.64
N GLY C 219 -36.68 30.34 -19.80
CA GLY C 219 -38.14 30.48 -19.93
C GLY C 219 -38.85 29.15 -20.17
N GLY C 220 -40.13 29.23 -20.51
CA GLY C 220 -40.96 28.05 -20.77
C GLY C 220 -42.09 27.91 -19.77
N GLY C 227 -43.90 24.43 -7.80
CA GLY C 227 -42.73 23.86 -7.13
C GLY C 227 -41.51 24.75 -7.29
N VAL C 228 -41.12 25.43 -6.21
CA VAL C 228 -40.01 26.39 -6.26
C VAL C 228 -38.79 25.87 -5.49
N ASN C 229 -37.63 26.02 -6.11
CA ASN C 229 -36.37 25.61 -5.52
C ASN C 229 -35.45 26.81 -5.37
N LEU C 230 -34.72 26.86 -4.25
CA LEU C 230 -33.83 27.97 -3.92
C LEU C 230 -32.38 27.48 -3.85
N PRO C 231 -31.76 27.25 -5.01
CA PRO C 231 -30.40 26.72 -5.04
C PRO C 231 -29.43 27.48 -4.11
N GLY C 232 -28.80 26.75 -3.20
CA GLY C 232 -27.73 27.29 -2.36
C GLY C 232 -28.14 28.24 -1.26
N ALA C 233 -29.44 28.30 -0.96
CA ALA C 233 -29.98 29.17 0.09
C ALA C 233 -30.33 28.36 1.34
N ALA C 234 -30.19 29.02 2.50
CA ALA C 234 -30.59 28.45 3.79
C ALA C 234 -32.07 28.71 3.98
N VAL C 235 -32.89 27.72 3.60
CA VAL C 235 -34.34 27.81 3.65
C VAL C 235 -34.81 27.49 5.06
N ASP C 236 -35.54 28.43 5.66
CA ASP C 236 -35.94 28.32 7.07
C ASP C 236 -37.38 27.79 7.25
N LEU C 237 -37.91 27.11 6.24
CA LEU C 237 -39.20 26.40 6.39
C LEU C 237 -39.07 25.40 7.54
N PRO C 238 -40.20 25.02 8.15
CA PRO C 238 -40.09 24.11 9.30
C PRO C 238 -39.57 22.72 8.90
N ALA C 239 -38.87 22.08 9.85
CA ALA C 239 -38.40 20.71 9.68
C ALA C 239 -39.49 19.76 9.14
N VAL C 240 -40.69 19.90 9.69
CA VAL C 240 -41.86 19.13 9.23
C VAL C 240 -43.09 20.04 9.13
N SER C 241 -43.84 19.90 8.04
CA SER C 241 -45.10 20.64 7.84
C SER C 241 -46.22 20.08 8.72
N GLU C 242 -47.40 20.72 8.67
CA GLU C 242 -48.56 20.23 9.42
C GLU C 242 -48.98 18.84 8.94
N LYS C 243 -49.01 18.66 7.62
CA LYS C 243 -49.31 17.36 7.00
C LYS C 243 -48.32 16.28 7.42
N ASP C 244 -47.03 16.60 7.43
CA ASP C 244 -46.00 15.66 7.89
C ASP C 244 -46.32 15.11 9.29
N ILE C 245 -46.81 15.97 10.18
CA ILE C 245 -47.05 15.58 11.58
C ILE C 245 -48.14 14.50 11.71
N GLN C 246 -49.28 14.69 11.04
CA GLN C 246 -50.32 13.65 11.04
C GLN C 246 -49.95 12.42 10.21
N ASP C 247 -49.04 12.59 9.24
CA ASP C 247 -48.55 11.47 8.43
C ASP C 247 -47.61 10.57 9.22
N LEU C 248 -46.70 11.18 10.00
CA LEU C 248 -45.83 10.43 10.92
C LEU C 248 -46.65 9.75 12.03
N LYS C 249 -47.60 10.50 12.59
CA LYS C 249 -48.60 9.96 13.55
C LYS C 249 -49.28 8.71 12.99
N PHE C 250 -49.73 8.80 11.73
CA PHE C 250 -50.33 7.68 11.01
C PHE C 250 -49.32 6.54 10.88
N GLY C 251 -48.07 6.87 10.57
CA GLY C 251 -47.01 5.87 10.47
C GLY C 251 -46.79 5.10 11.76
N VAL C 252 -46.79 5.82 12.89
CA VAL C 252 -46.69 5.17 14.20
C VAL C 252 -47.88 4.22 14.38
N GLU C 253 -49.09 4.72 14.14
CA GLU C 253 -50.34 3.92 14.19
C GLU C 253 -50.25 2.66 13.34
N GLN C 254 -49.68 2.83 12.15
CA GLN C 254 -49.58 1.77 11.15
C GLN C 254 -48.32 0.90 11.28
N ASP C 255 -47.51 1.15 12.32
CA ASP C 255 -46.35 0.31 12.66
C ASP C 255 -45.33 0.20 11.52
N VAL C 256 -45.06 1.33 10.85
CA VAL C 256 -44.02 1.38 9.82
C VAL C 256 -42.66 1.17 10.46
N ASP C 257 -41.71 0.67 9.67
CA ASP C 257 -40.39 0.30 10.17
C ASP C 257 -39.39 1.45 10.10
N MET C 258 -39.61 2.35 9.15
CA MET C 258 -38.70 3.45 8.94
C MET C 258 -39.41 4.65 8.33
N VAL C 259 -38.84 5.83 8.54
CA VAL C 259 -39.29 7.04 7.88
C VAL C 259 -38.18 7.63 7.04
N PHE C 260 -38.47 7.89 5.76
CA PHE C 260 -37.58 8.64 4.89
C PHE C 260 -37.97 10.12 4.97
N ALA C 261 -37.27 10.89 5.80
CA ALA C 261 -37.66 12.28 6.08
C ALA C 261 -37.17 13.24 4.99
N SER C 262 -38.10 13.95 4.36
CA SER C 262 -37.80 14.83 3.21
C SER C 262 -37.12 16.14 3.60
N PHE C 263 -36.20 16.60 2.74
CA PHE C 263 -35.68 17.98 2.81
C PHE C 263 -34.95 18.27 4.13
N ILE C 264 -34.05 17.36 4.50
CA ILE C 264 -33.27 17.50 5.73
C ILE C 264 -32.03 18.36 5.45
N ARG C 265 -31.93 19.47 6.20
CA ARG C 265 -30.91 20.51 5.98
C ARG C 265 -29.90 20.60 7.11
N LYS C 266 -30.30 20.18 8.31
CA LYS C 266 -29.48 20.31 9.51
C LYS C 266 -29.83 19.19 10.48
N ALA C 267 -29.02 19.03 11.53
CA ALA C 267 -29.28 18.04 12.57
C ALA C 267 -30.61 18.29 13.30
N SER C 268 -30.92 19.56 13.56
CA SER C 268 -32.15 19.92 14.30
C SER C 268 -33.43 19.48 13.57
N ASP C 269 -33.40 19.44 12.24
CA ASP C 269 -34.50 18.86 11.45
C ASP C 269 -34.71 17.39 11.79
N VAL C 270 -33.62 16.65 11.91
CA VAL C 270 -33.69 15.21 12.28
C VAL C 270 -34.25 15.04 13.70
N HIS C 271 -33.85 15.92 14.60
CA HIS C 271 -34.33 15.90 15.98
C HIS C 271 -35.82 16.22 16.06
N GLU C 272 -36.31 17.09 15.18
CA GLU C 272 -37.75 17.38 15.11
C GLU C 272 -38.55 16.14 14.66
N VAL C 273 -38.09 15.44 13.63
CA VAL C 273 -38.75 14.19 13.19
C VAL C 273 -38.74 13.14 14.32
N ARG C 274 -37.59 13.01 14.98
CA ARG C 274 -37.42 12.14 16.15
C ARG C 274 -38.44 12.46 17.25
N LYS C 275 -38.54 13.74 17.58
CA LYS C 275 -39.44 14.27 18.61
C LYS C 275 -40.93 13.97 18.27
N VAL C 276 -41.32 14.23 17.02
CA VAL C 276 -42.71 14.01 16.58
C VAL C 276 -43.11 12.53 16.65
N LEU C 277 -42.22 11.66 16.16
CA LEU C 277 -42.37 10.21 16.31
C LEU C 277 -42.50 9.83 17.78
N GLY C 278 -41.71 10.49 18.62
CA GLY C 278 -41.86 10.39 20.06
C GLY C 278 -41.43 9.06 20.63
N GLU C 279 -41.93 8.76 21.82
CA GLU C 279 -41.54 7.57 22.58
C GLU C 279 -42.14 6.29 22.00
N LYS C 280 -43.39 6.34 21.56
CA LYS C 280 -44.06 5.18 20.95
C LYS C 280 -43.41 4.80 19.61
N GLY C 281 -42.87 5.79 18.90
CA GLY C 281 -42.14 5.54 17.66
C GLY C 281 -40.62 5.60 17.81
N LYS C 282 -40.13 5.28 19.02
CA LYS C 282 -38.69 5.39 19.36
C LYS C 282 -37.82 4.43 18.58
N ASN C 283 -38.35 3.25 18.27
CA ASN C 283 -37.61 2.22 17.52
C ASN C 283 -37.79 2.33 16.01
N ILE C 284 -38.61 3.28 15.57
CA ILE C 284 -38.77 3.54 14.13
C ILE C 284 -37.53 4.27 13.61
N LYS C 285 -36.89 3.71 12.58
CA LYS C 285 -35.64 4.25 12.07
C LYS C 285 -35.86 5.49 11.21
N ILE C 286 -35.10 6.55 11.49
CA ILE C 286 -35.13 7.77 10.68
C ILE C 286 -34.01 7.72 9.64
N ILE C 287 -34.41 7.78 8.36
CA ILE C 287 -33.49 7.90 7.23
C ILE C 287 -33.65 9.30 6.66
N SER C 288 -32.59 10.09 6.70
CA SER C 288 -32.66 11.47 6.18
C SER C 288 -32.47 11.50 4.66
N LYS C 289 -33.46 12.07 3.96
CA LYS C 289 -33.36 12.30 2.52
C LYS C 289 -32.58 13.57 2.30
N ILE C 290 -31.41 13.45 1.65
CA ILE C 290 -30.60 14.63 1.34
C ILE C 290 -30.98 15.08 -0.07
N GLU C 291 -31.50 16.30 -0.15
CA GLU C 291 -32.14 16.83 -1.36
C GLU C 291 -31.67 18.22 -1.78
N ASN C 292 -30.73 18.83 -1.07
CA ASN C 292 -30.29 20.19 -1.42
C ASN C 292 -28.87 20.55 -0.94
N HIS C 293 -28.39 21.70 -1.39
CA HIS C 293 -27.02 22.15 -1.11
C HIS C 293 -26.70 22.30 0.40
N GLU C 294 -27.70 22.61 1.22
CA GLU C 294 -27.48 22.79 2.66
C GLU C 294 -27.39 21.42 3.34
N GLY C 295 -28.28 20.51 2.99
CA GLY C 295 -28.18 19.12 3.45
C GLY C 295 -26.80 18.53 3.20
N VAL C 296 -26.25 18.84 2.02
CA VAL C 296 -24.94 18.37 1.62
C VAL C 296 -23.84 19.05 2.45
N ARG C 297 -23.86 20.38 2.54
CA ARG C 297 -22.80 21.10 3.25
C ARG C 297 -22.81 20.71 4.74
N ARG C 298 -24.01 20.48 5.28
CA ARG C 298 -24.18 20.13 6.69
C ARG C 298 -24.40 18.61 6.90
N PHE C 299 -23.83 17.80 6.01
CA PHE C 299 -24.10 16.35 5.96
C PHE C 299 -23.68 15.61 7.23
N ASP C 300 -22.57 16.05 7.82
CA ASP C 300 -21.98 15.32 8.94
C ASP C 300 -22.82 15.40 10.20
N GLU C 301 -23.31 16.58 10.54
CA GLU C 301 -24.24 16.70 11.67
C GLU C 301 -25.54 15.93 11.39
N ILE C 302 -25.96 15.88 10.14
CA ILE C 302 -27.18 15.15 9.75
C ILE C 302 -26.99 13.64 9.91
N LEU C 303 -25.87 13.12 9.41
CA LEU C 303 -25.57 11.70 9.53
C LEU C 303 -25.48 11.25 10.99
N GLU C 304 -24.79 12.05 11.80
CA GLU C 304 -24.66 11.75 13.22
C GLU C 304 -26.04 11.56 13.87
N ALA C 305 -27.00 12.41 13.49
CA ALA C 305 -28.31 12.43 14.13
C ALA C 305 -29.30 11.43 13.54
N SER C 306 -29.05 10.97 12.32
CA SER C 306 -29.96 10.03 11.65
C SER C 306 -29.56 8.57 11.93
N ASP C 307 -30.42 7.65 11.50
CA ASP C 307 -30.10 6.23 11.49
C ASP C 307 -29.61 5.78 10.11
N GLY C 308 -29.84 6.61 9.08
CA GLY C 308 -29.42 6.31 7.72
C GLY C 308 -29.64 7.52 6.82
N ILE C 309 -29.26 7.39 5.55
CA ILE C 309 -29.31 8.49 4.60
C ILE C 309 -29.87 8.01 3.26
N MET C 310 -30.71 8.82 2.63
CA MET C 310 -31.09 8.62 1.25
C MET C 310 -30.40 9.66 0.38
N VAL C 311 -29.66 9.19 -0.61
CA VAL C 311 -29.17 10.08 -1.65
C VAL C 311 -30.37 10.33 -2.58
N ALA C 312 -31.17 11.35 -2.27
CA ALA C 312 -32.36 11.70 -3.06
C ALA C 312 -31.94 12.45 -4.32
N ARG C 313 -31.49 11.70 -5.32
CA ARG C 313 -30.85 12.30 -6.50
C ARG C 313 -31.79 13.15 -7.34
N GLY C 314 -33.10 12.83 -7.28
CA GLY C 314 -34.11 13.60 -7.99
C GLY C 314 -34.06 15.08 -7.65
N ASP C 315 -34.61 15.42 -6.48
CA ASP C 315 -34.65 16.81 -6.03
C ASP C 315 -33.25 17.43 -5.93
N LEU C 316 -32.27 16.62 -5.49
CA LEU C 316 -30.88 17.07 -5.37
C LEU C 316 -30.32 17.55 -6.72
N GLY C 317 -30.75 16.90 -7.81
CA GLY C 317 -30.35 17.31 -9.18
C GLY C 317 -31.01 18.59 -9.69
N ILE C 318 -32.11 19.01 -9.06
CA ILE C 318 -32.71 20.32 -9.34
C ILE C 318 -31.96 21.41 -8.59
N GLU C 319 -31.59 21.14 -7.35
CA GLU C 319 -30.95 22.14 -6.48
C GLU C 319 -29.53 22.46 -6.92
N ILE C 320 -28.76 21.42 -7.24
CA ILE C 320 -27.37 21.58 -7.66
C ILE C 320 -27.23 21.16 -9.14
N PRO C 321 -26.19 21.65 -9.83
CA PRO C 321 -25.97 21.21 -11.20
C PRO C 321 -25.94 19.68 -11.30
N ALA C 322 -26.64 19.14 -12.29
CA ALA C 322 -26.83 17.68 -12.43
C ALA C 322 -25.51 16.97 -12.67
N GLU C 323 -24.55 17.68 -13.27
CA GLU C 323 -23.20 17.13 -13.48
C GLU C 323 -22.40 16.93 -12.17
N LYS C 324 -22.89 17.51 -11.07
CA LYS C 324 -22.23 17.38 -9.75
C LYS C 324 -22.87 16.31 -8.85
N VAL C 325 -23.99 15.71 -9.28
CA VAL C 325 -24.75 14.75 -8.44
C VAL C 325 -23.96 13.47 -8.03
N PHE C 326 -23.12 12.97 -8.93
CA PHE C 326 -22.28 11.79 -8.63
C PHE C 326 -21.24 12.08 -7.53
N LEU C 327 -20.78 13.33 -7.43
CA LEU C 327 -19.86 13.73 -6.38
C LEU C 327 -20.55 13.62 -5.04
N ALA C 328 -21.73 14.24 -4.94
CA ALA C 328 -22.55 14.13 -3.74
C ALA C 328 -22.89 12.67 -3.38
N GLN C 329 -23.22 11.85 -4.39
CA GLN C 329 -23.59 10.45 -4.16
C GLN C 329 -22.45 9.66 -3.52
N LYS C 330 -21.26 9.78 -4.11
CA LYS C 330 -20.10 9.02 -3.68
C LYS C 330 -19.59 9.57 -2.36
N MET C 331 -19.64 10.89 -2.19
CA MET C 331 -19.26 11.52 -0.93
C MET C 331 -20.11 10.92 0.19
N MET C 332 -21.42 10.89 -0.01
CA MET C 332 -22.33 10.41 1.03
C MET C 332 -22.20 8.92 1.29
N ILE C 333 -22.03 8.13 0.23
CA ILE C 333 -21.89 6.67 0.41
C ILE C 333 -20.61 6.38 1.18
N GLY C 334 -19.51 7.02 0.78
CA GLY C 334 -18.24 6.88 1.49
C GLY C 334 -18.36 7.21 2.95
N ARG C 335 -18.90 8.39 3.26
CA ARG C 335 -19.05 8.84 4.64
C ARG C 335 -20.02 7.95 5.42
N CYS C 336 -21.01 7.39 4.74
CA CYS C 336 -21.94 6.46 5.40
C CYS C 336 -21.23 5.12 5.75
N ASN C 337 -20.46 4.60 4.80
CA ASN C 337 -19.65 3.41 5.05
C ASN C 337 -18.62 3.65 6.16
N ARG C 338 -18.05 4.86 6.19
CA ARG C 338 -17.08 5.24 7.21
C ARG C 338 -17.72 5.24 8.61
N ALA C 339 -18.99 5.62 8.68
CA ALA C 339 -19.76 5.68 9.95
C ALA C 339 -20.49 4.38 10.27
N GLY C 340 -20.58 3.48 9.29
CA GLY C 340 -21.31 2.22 9.48
C GLY C 340 -22.82 2.39 9.56
N LYS C 341 -23.34 3.47 8.94
CA LYS C 341 -24.79 3.71 8.88
C LYS C 341 -25.32 3.44 7.44
N PRO C 342 -26.55 2.85 7.31
CA PRO C 342 -27.19 2.58 6.00
C PRO C 342 -27.33 3.80 5.06
N VAL C 343 -26.97 3.61 3.79
CA VAL C 343 -27.12 4.65 2.77
C VAL C 343 -27.91 4.11 1.56
N ILE C 344 -28.90 4.86 1.11
CA ILE C 344 -29.75 4.46 -0.02
C ILE C 344 -29.44 5.33 -1.22
N CYS C 345 -29.23 4.71 -2.38
CA CYS C 345 -29.15 5.45 -3.64
C CYS C 345 -30.51 5.41 -4.31
N ALA C 346 -31.07 6.58 -4.63
CA ALA C 346 -32.42 6.66 -5.16
C ALA C 346 -32.57 7.49 -6.44
N THR C 347 -33.62 7.16 -7.19
CA THR C 347 -34.23 8.01 -8.23
C THR C 347 -33.60 7.85 -9.63
N GLN C 348 -34.44 7.39 -10.57
CA GLN C 348 -34.10 7.26 -12.00
C GLN C 348 -33.06 6.16 -12.31
N MET C 349 -32.95 5.16 -11.43
CA MET C 349 -31.95 4.11 -11.63
C MET C 349 -32.22 3.26 -12.88
N LEU C 350 -33.50 2.93 -13.11
CA LEU C 350 -33.93 2.19 -14.28
C LEU C 350 -35.15 2.90 -14.92
N GLU C 351 -35.02 4.21 -15.11
CA GLU C 351 -36.14 5.08 -15.48
C GLU C 351 -36.85 4.67 -16.78
N SER C 352 -36.08 4.16 -17.76
CA SER C 352 -36.64 3.79 -19.07
C SER C 352 -37.57 2.58 -19.00
N MET C 353 -37.46 1.81 -17.91
CA MET C 353 -38.27 0.61 -17.71
C MET C 353 -39.70 0.89 -17.22
N ILE C 354 -40.05 2.16 -17.06
CA ILE C 354 -41.45 2.54 -16.83
C ILE C 354 -42.28 2.29 -18.08
N LYS C 355 -41.66 2.53 -19.25
CA LYS C 355 -42.28 2.29 -20.55
C LYS C 355 -41.72 1.04 -21.28
N LYS C 356 -40.45 0.70 -21.03
CA LYS C 356 -39.77 -0.42 -21.76
C LYS C 356 -39.48 -1.65 -20.86
N PRO C 357 -39.42 -2.86 -21.47
CA PRO C 357 -39.26 -4.10 -20.69
C PRO C 357 -37.86 -4.38 -20.20
N ARG C 358 -36.89 -3.61 -20.67
CA ARG C 358 -35.52 -3.74 -20.24
C ARG C 358 -34.84 -2.37 -20.29
N PRO C 359 -33.78 -2.19 -19.48
CA PRO C 359 -33.19 -0.88 -19.29
C PRO C 359 -32.09 -0.56 -20.29
N THR C 360 -31.72 0.71 -20.34
CA THR C 360 -30.59 1.16 -21.13
C THR C 360 -29.28 0.73 -20.51
N ARG C 361 -28.19 0.88 -21.26
CA ARG C 361 -26.85 0.54 -20.76
C ARG C 361 -26.40 1.52 -19.67
N ALA C 362 -26.78 2.80 -19.79
CA ALA C 362 -26.49 3.80 -18.75
C ALA C 362 -27.16 3.48 -17.40
N GLU C 363 -28.36 2.91 -17.47
CA GLU C 363 -29.10 2.49 -16.28
C GLU C 363 -28.52 1.24 -15.61
N GLY C 364 -28.17 0.24 -16.40
CA GLY C 364 -27.48 -0.94 -15.85
C GLY C 364 -26.15 -0.55 -15.18
N SER C 365 -25.44 0.37 -15.81
CA SER C 365 -24.17 0.89 -15.32
C SER C 365 -24.33 1.65 -14.00
N ASP C 366 -25.43 2.40 -13.90
CA ASP C 366 -25.73 3.21 -12.71
C ASP C 366 -25.99 2.31 -11.47
N VAL C 367 -26.76 1.24 -11.68
CA VAL C 367 -27.06 0.31 -10.61
C VAL C 367 -25.77 -0.38 -10.13
N ALA C 368 -25.00 -0.94 -11.07
CA ALA C 368 -23.77 -1.64 -10.73
C ALA C 368 -22.80 -0.73 -9.95
N ASN C 369 -22.66 0.51 -10.40
CA ASN C 369 -21.76 1.48 -9.78
C ASN C 369 -22.21 1.98 -8.41
N ALA C 370 -23.52 2.00 -8.16
CA ALA C 370 -24.04 2.35 -6.83
C ALA C 370 -23.69 1.25 -5.82
N VAL C 371 -23.69 0.00 -6.25
CA VAL C 371 -23.24 -1.09 -5.41
C VAL C 371 -21.71 -1.05 -5.24
N LEU C 372 -20.97 -0.78 -6.32
CA LEU C 372 -19.52 -0.62 -6.21
C LEU C 372 -19.17 0.58 -5.33
N ASP C 373 -19.93 1.68 -5.42
CA ASP C 373 -19.73 2.81 -4.50
C ASP C 373 -19.83 2.37 -3.05
N GLY C 374 -20.77 1.46 -2.79
CA GLY C 374 -20.98 0.92 -1.45
C GLY C 374 -22.37 1.17 -0.89
N ALA C 375 -23.39 1.29 -1.75
CA ALA C 375 -24.76 1.55 -1.27
C ALA C 375 -25.33 0.31 -0.61
N ASP C 376 -25.88 0.45 0.59
CA ASP C 376 -26.53 -0.67 1.27
C ASP C 376 -27.76 -1.10 0.49
N CYS C 377 -28.50 -0.09 0.06
CA CYS C 377 -29.75 -0.28 -0.65
C CYS C 377 -29.77 0.52 -1.94
N ILE C 378 -30.52 0.01 -2.91
CA ILE C 378 -30.83 0.71 -4.15
C ILE C 378 -32.36 0.83 -4.21
N MET C 379 -32.86 1.79 -5.00
CA MET C 379 -34.29 2.12 -4.98
C MET C 379 -34.96 2.19 -6.36
N LEU C 380 -36.25 1.89 -6.37
CA LEU C 380 -37.12 2.05 -7.53
C LEU C 380 -38.30 2.91 -7.11
N SER C 381 -38.61 3.92 -7.92
CA SER C 381 -39.73 4.81 -7.68
C SER C 381 -40.82 4.54 -8.73
N GLY C 382 -40.94 5.41 -9.73
CA GLY C 382 -41.93 5.23 -10.81
C GLY C 382 -41.82 3.91 -11.56
N GLU C 383 -40.61 3.36 -11.60
CA GLU C 383 -40.37 2.04 -12.21
C GLU C 383 -41.33 0.99 -11.64
N THR C 384 -41.58 1.06 -10.32
CA THR C 384 -42.50 0.11 -9.66
C THR C 384 -43.84 0.73 -9.26
N ALA C 385 -43.86 2.05 -9.03
CA ALA C 385 -45.11 2.74 -8.64
C ALA C 385 -46.14 2.85 -9.78
N LYS C 386 -45.71 3.29 -10.95
CA LYS C 386 -46.62 3.51 -12.08
C LYS C 386 -46.16 2.86 -13.41
N GLY C 387 -45.02 2.19 -13.42
CA GLY C 387 -44.47 1.62 -14.64
C GLY C 387 -45.29 0.48 -15.24
N ASP C 388 -45.02 0.19 -16.52
CA ASP C 388 -45.60 -0.96 -17.24
C ASP C 388 -44.87 -2.26 -16.89
N TYR C 389 -43.65 -2.12 -16.39
CA TYR C 389 -42.82 -3.28 -16.06
C TYR C 389 -42.25 -3.13 -14.65
N PRO C 390 -43.11 -3.23 -13.62
CA PRO C 390 -42.67 -3.21 -12.22
C PRO C 390 -41.78 -4.40 -11.85
N LEU C 391 -42.21 -5.60 -12.19
CA LEU C 391 -41.51 -6.84 -11.80
C LEU C 391 -40.16 -6.99 -12.49
N GLU C 392 -40.10 -6.61 -13.78
CA GLU C 392 -38.84 -6.68 -14.53
C GLU C 392 -37.79 -5.70 -13.96
N ALA C 393 -38.28 -4.58 -13.43
CA ALA C 393 -37.42 -3.57 -12.82
C ALA C 393 -36.76 -4.07 -11.52
N VAL C 394 -37.51 -4.87 -10.75
CA VAL C 394 -36.98 -5.48 -9.51
C VAL C 394 -35.95 -6.56 -9.86
N ARG C 395 -36.36 -7.50 -10.71
CA ARG C 395 -35.51 -8.61 -11.17
C ARG C 395 -34.20 -8.15 -11.77
N MET C 396 -34.25 -7.04 -12.51
CA MET C 396 -33.06 -6.46 -13.12
C MET C 396 -32.10 -5.87 -12.08
N GLN C 397 -32.62 -5.11 -11.12
CA GLN C 397 -31.78 -4.62 -9.99
C GLN C 397 -31.12 -5.78 -9.25
N HIS C 398 -31.90 -6.84 -9.00
CA HIS C 398 -31.41 -8.06 -8.36
C HIS C 398 -30.24 -8.70 -9.10
N LEU C 399 -30.38 -8.85 -10.43
CA LEU C 399 -29.34 -9.44 -11.27
C LEU C 399 -28.05 -8.61 -11.24
N ILE C 400 -28.20 -7.29 -11.42
CA ILE C 400 -27.04 -6.38 -11.48
C ILE C 400 -26.30 -6.28 -10.14
N ALA C 401 -27.05 -6.03 -9.06
CA ALA C 401 -26.46 -5.88 -7.72
C ALA C 401 -25.63 -7.11 -7.36
N ARG C 402 -26.17 -8.28 -7.66
CA ARG C 402 -25.49 -9.55 -7.42
C ARG C 402 -24.19 -9.66 -8.22
N GLU C 403 -24.21 -9.19 -9.47
CA GLU C 403 -22.99 -9.13 -10.31
C GLU C 403 -21.97 -8.09 -9.80
N ALA C 404 -22.47 -6.94 -9.35
CA ALA C 404 -21.63 -5.85 -8.84
C ALA C 404 -20.98 -6.16 -7.47
N GLU C 405 -21.76 -6.80 -6.59
CA GLU C 405 -21.26 -7.27 -5.31
C GLU C 405 -20.01 -8.15 -5.42
N ALA C 406 -20.04 -9.07 -6.39
CA ALA C 406 -18.85 -9.90 -6.67
C ALA C 406 -17.65 -9.06 -7.15
N ALA C 407 -17.93 -7.95 -7.83
CA ALA C 407 -16.90 -7.14 -8.52
C ALA C 407 -16.23 -6.09 -7.61
N ILE C 408 -16.72 -5.97 -6.38
CA ILE C 408 -16.16 -5.07 -5.37
C ILE C 408 -14.74 -5.49 -5.04
N TYR C 409 -13.84 -4.52 -4.86
CA TYR C 409 -12.44 -4.81 -4.59
C TYR C 409 -12.23 -4.91 -3.07
N HIS C 410 -12.77 -6.00 -2.52
CA HIS C 410 -12.81 -6.27 -1.06
C HIS C 410 -11.46 -6.17 -0.40
N LEU C 411 -10.45 -6.69 -1.09
CA LEU C 411 -9.08 -6.72 -0.57
C LEU C 411 -8.68 -5.34 -0.01
N GLN C 412 -8.83 -4.29 -0.81
CA GLN C 412 -8.48 -2.95 -0.36
C GLN C 412 -9.60 -2.31 0.50
N LEU C 413 -10.85 -2.58 0.15
CA LEU C 413 -11.98 -2.07 0.93
C LEU C 413 -11.88 -2.49 2.41
N PHE C 414 -11.68 -3.79 2.63
CA PHE C 414 -11.50 -4.30 4.00
C PHE C 414 -10.24 -3.75 4.67
N GLU C 415 -9.13 -3.69 3.95
CA GLU C 415 -7.90 -3.09 4.48
C GLU C 415 -8.15 -1.66 4.98
N GLU C 416 -8.86 -0.87 4.18
CA GLU C 416 -9.16 0.53 4.52
C GLU C 416 -10.16 0.68 5.68
N LEU C 417 -11.20 -0.15 5.68
CA LEU C 417 -12.17 -0.15 6.77
C LEU C 417 -11.48 -0.51 8.08
N ARG C 418 -10.64 -1.53 8.04
CA ARG C 418 -9.96 -2.00 9.24
C ARG C 418 -8.85 -1.05 9.70
N ARG C 419 -8.27 -0.27 8.77
CA ARG C 419 -7.38 0.84 9.13
C ARG C 419 -8.16 2.04 9.71
N LEU C 420 -9.37 2.28 9.19
CA LEU C 420 -10.16 3.45 9.55
C LEU C 420 -11.18 3.18 10.67
N ALA C 421 -10.82 2.29 11.59
CA ALA C 421 -11.71 1.91 12.72
C ALA C 421 -10.90 1.79 14.00
N PRO C 422 -11.49 2.22 15.14
CA PRO C 422 -10.66 2.47 16.32
C PRO C 422 -10.43 1.26 17.22
N ILE C 423 -9.33 1.33 17.98
CA ILE C 423 -9.05 0.36 19.01
C ILE C 423 -9.93 0.70 20.21
N THR C 424 -11.13 0.13 20.23
CA THR C 424 -12.01 0.24 21.38
C THR C 424 -11.85 -1.01 22.25
N SER C 425 -12.49 -1.01 23.41
CA SER C 425 -12.45 -2.15 24.31
C SER C 425 -13.70 -3.00 24.14
N ASP C 426 -14.52 -2.66 23.14
CA ASP C 426 -15.82 -3.28 22.93
C ASP C 426 -15.65 -4.69 22.36
N PRO C 427 -15.98 -5.73 23.15
CA PRO C 427 -15.85 -7.13 22.73
C PRO C 427 -16.60 -7.44 21.45
N THR C 428 -17.84 -6.95 21.35
CA THR C 428 -18.70 -7.23 20.20
C THR C 428 -18.07 -6.75 18.88
N GLU C 429 -17.38 -5.60 18.92
CA GLU C 429 -16.68 -5.10 17.73
C GLU C 429 -15.49 -5.95 17.33
N ALA C 430 -14.73 -6.41 18.32
CA ALA C 430 -13.58 -7.30 18.06
C ALA C 430 -14.08 -8.64 17.49
N THR C 431 -15.18 -9.14 18.04
CA THR C 431 -15.83 -10.38 17.55
C THR C 431 -16.34 -10.23 16.11
N ALA C 432 -16.99 -9.10 15.83
CA ALA C 432 -17.51 -8.82 14.49
C ALA C 432 -16.42 -8.86 13.46
N VAL C 433 -15.35 -8.10 13.71
CA VAL C 433 -14.26 -7.94 12.76
C VAL C 433 -13.43 -9.22 12.56
N GLY C 434 -13.25 -9.98 13.64
CA GLY C 434 -12.61 -11.28 13.57
C GLY C 434 -13.42 -12.26 12.76
N ALA C 435 -14.73 -12.15 12.83
CA ALA C 435 -15.64 -13.00 12.07
C ALA C 435 -15.54 -12.74 10.56
N VAL C 436 -15.51 -11.47 10.19
CA VAL C 436 -15.32 -11.05 8.78
C VAL C 436 -13.93 -11.42 8.25
N GLU C 437 -12.91 -11.23 9.07
CA GLU C 437 -11.55 -11.70 8.74
C GLU C 437 -11.55 -13.20 8.42
N ALA C 438 -12.03 -14.00 9.37
CA ALA C 438 -12.22 -15.46 9.20
C ALA C 438 -12.97 -15.82 7.90
N SER C 439 -14.05 -15.08 7.60
CA SER C 439 -14.88 -15.34 6.41
C SER C 439 -14.09 -15.15 5.12
N PHE C 440 -13.23 -14.15 5.07
CA PHE C 440 -12.36 -13.95 3.91
C PHE C 440 -11.33 -15.06 3.82
N LYS C 441 -10.81 -15.49 4.96
CA LYS C 441 -9.72 -16.47 4.99
C LYS C 441 -10.13 -17.85 4.47
N CYS C 442 -11.36 -18.27 4.75
CA CYS C 442 -11.84 -19.59 4.30
C CYS C 442 -12.93 -19.45 3.24
N CYS C 443 -13.12 -18.22 2.73
CA CYS C 443 -14.17 -17.92 1.77
C CYS C 443 -15.50 -18.59 2.16
N SER C 444 -16.00 -18.25 3.35
CA SER C 444 -17.16 -18.95 3.92
C SER C 444 -18.45 -18.67 3.13
N GLY C 445 -19.37 -19.64 3.18
CA GLY C 445 -20.64 -19.52 2.48
C GLY C 445 -21.59 -18.54 3.13
N ALA C 446 -21.37 -18.27 4.41
CA ALA C 446 -22.18 -17.28 5.11
C ALA C 446 -21.52 -16.86 6.41
N ILE C 447 -21.97 -15.74 6.96
CA ILE C 447 -21.74 -15.44 8.38
C ILE C 447 -23.10 -15.46 9.07
N ILE C 448 -23.31 -16.44 9.94
CA ILE C 448 -24.57 -16.61 10.65
C ILE C 448 -24.49 -15.91 11.97
N VAL C 449 -25.46 -15.07 12.28
CA VAL C 449 -25.43 -14.25 13.48
C VAL C 449 -26.78 -14.23 14.20
N LEU C 450 -26.81 -14.66 15.47
CA LEU C 450 -27.99 -14.50 16.31
C LEU C 450 -28.02 -13.10 16.88
N THR C 451 -29.19 -12.49 16.89
CA THR C 451 -29.33 -11.10 17.24
C THR C 451 -30.79 -10.79 17.59
N LYS C 452 -30.98 -10.00 18.64
CA LYS C 452 -32.31 -9.60 19.09
C LYS C 452 -32.64 -8.24 18.50
N SER C 453 -31.74 -7.28 18.70
CA SER C 453 -31.91 -5.91 18.21
C SER C 453 -31.42 -5.73 16.76
N GLY C 454 -30.63 -6.68 16.27
CA GLY C 454 -30.03 -6.57 14.94
C GLY C 454 -28.63 -5.99 14.98
N ARG C 455 -28.29 -5.33 16.09
CA ARG C 455 -26.99 -4.66 16.28
C ARG C 455 -25.74 -5.52 15.97
N SER C 456 -25.73 -6.77 16.44
CA SER C 456 -24.60 -7.68 16.20
C SER C 456 -24.33 -7.93 14.72
N ALA C 457 -25.42 -8.08 13.96
CA ALA C 457 -25.37 -8.20 12.52
C ALA C 457 -24.96 -6.88 11.82
N HIS C 458 -25.44 -5.74 12.35
CA HIS C 458 -25.05 -4.44 11.79
C HIS C 458 -23.53 -4.25 11.88
N GLN C 459 -22.96 -4.62 13.02
CA GLN C 459 -21.50 -4.53 13.27
C GLN C 459 -20.68 -5.32 12.24
N VAL C 460 -21.15 -6.51 11.90
CA VAL C 460 -20.54 -7.37 10.88
C VAL C 460 -20.69 -6.78 9.45
N ALA C 461 -21.89 -6.32 9.10
CA ALA C 461 -22.14 -5.74 7.79
C ALA C 461 -21.26 -4.51 7.55
N ARG C 462 -20.96 -3.78 8.63
CA ARG C 462 -20.09 -2.59 8.55
C ARG C 462 -18.73 -2.89 7.95
N TYR C 463 -18.20 -4.10 8.20
CA TYR C 463 -16.89 -4.47 7.66
C TYR C 463 -16.96 -5.13 6.26
N ARG C 464 -18.18 -5.15 5.69
CA ARG C 464 -18.40 -5.41 4.26
C ARG C 464 -17.87 -6.77 3.78
N PRO C 465 -18.27 -7.85 4.45
CA PRO C 465 -17.83 -9.17 4.02
C PRO C 465 -18.45 -9.57 2.68
N ARG C 466 -17.70 -10.35 1.91
CA ARG C 466 -18.22 -10.97 0.68
C ARG C 466 -19.41 -11.91 0.98
N ALA C 467 -19.25 -12.68 2.05
CA ALA C 467 -20.19 -13.71 2.44
C ALA C 467 -21.49 -13.09 2.96
N PRO C 468 -22.64 -13.73 2.68
CA PRO C 468 -23.92 -13.21 3.15
C PRO C 468 -24.06 -13.39 4.64
N ILE C 469 -24.75 -12.44 5.28
CA ILE C 469 -24.94 -12.44 6.71
C ILE C 469 -26.35 -12.92 7.03
N ILE C 470 -26.47 -14.18 7.45
CA ILE C 470 -27.76 -14.71 7.90
C ILE C 470 -28.01 -14.30 9.34
N ALA C 471 -28.90 -13.31 9.52
CA ALA C 471 -29.30 -12.79 10.85
C ALA C 471 -30.58 -13.47 11.35
N VAL C 472 -30.42 -14.24 12.43
CA VAL C 472 -31.52 -14.95 13.06
C VAL C 472 -32.04 -14.12 14.22
N THR C 473 -33.32 -13.79 14.18
CA THR C 473 -33.96 -12.99 15.22
C THR C 473 -35.36 -13.52 15.46
N ARG C 474 -35.84 -13.38 16.69
CA ARG C 474 -37.25 -13.64 17.02
C ARG C 474 -38.07 -12.34 16.97
N ASN C 475 -37.37 -11.21 16.79
CA ASN C 475 -38.01 -9.90 16.79
C ASN C 475 -38.38 -9.49 15.36
N PRO C 476 -39.70 -9.42 15.05
CA PRO C 476 -40.07 -9.13 13.65
C PRO C 476 -39.63 -7.75 13.16
N GLN C 477 -39.59 -6.75 14.05
CA GLN C 477 -39.15 -5.41 13.68
C GLN C 477 -37.66 -5.42 13.35
N THR C 478 -36.88 -6.15 14.14
CA THR C 478 -35.46 -6.33 13.85
C THR C 478 -35.24 -6.93 12.46
N ALA C 479 -35.97 -7.99 12.15
CA ALA C 479 -35.86 -8.66 10.83
C ALA C 479 -36.20 -7.71 9.65
N ARG C 480 -37.22 -6.90 9.83
CA ARG C 480 -37.67 -5.99 8.77
C ARG C 480 -36.71 -4.81 8.58
N GLN C 481 -36.24 -4.23 9.69
CA GLN C 481 -35.25 -3.13 9.62
C GLN C 481 -33.85 -3.57 9.19
N ALA C 482 -33.58 -4.87 9.23
CA ALA C 482 -32.25 -5.41 8.91
C ALA C 482 -31.94 -5.32 7.40
N HIS C 483 -32.97 -5.18 6.58
CA HIS C 483 -32.82 -5.00 5.13
C HIS C 483 -32.09 -3.69 4.77
N LEU C 484 -31.97 -2.76 5.72
CA LEU C 484 -31.25 -1.50 5.47
C LEU C 484 -29.74 -1.68 5.31
N TYR C 485 -29.22 -2.85 5.66
CA TYR C 485 -27.77 -3.09 5.73
C TYR C 485 -27.31 -4.08 4.70
N ARG C 486 -26.29 -3.69 3.95
CA ARG C 486 -25.67 -4.57 2.99
C ARG C 486 -25.33 -5.92 3.59
N GLY C 487 -25.78 -6.99 2.93
CA GLY C 487 -25.37 -8.33 3.27
C GLY C 487 -26.28 -9.07 4.21
N ILE C 488 -27.11 -8.36 4.97
CA ILE C 488 -27.92 -9.00 5.98
C ILE C 488 -29.15 -9.63 5.33
N PHE C 489 -29.21 -10.96 5.35
CA PHE C 489 -30.40 -11.70 4.98
C PHE C 489 -31.13 -12.05 6.29
N PRO C 490 -32.14 -11.22 6.67
CA PRO C 490 -32.79 -11.41 7.96
C PRO C 490 -33.75 -12.57 7.93
N VAL C 491 -33.70 -13.40 8.98
CA VAL C 491 -34.58 -14.56 9.07
C VAL C 491 -35.22 -14.60 10.45
N LEU C 492 -36.54 -14.79 10.46
CA LEU C 492 -37.33 -14.75 11.69
C LEU C 492 -37.61 -16.17 12.17
N CYS C 493 -37.04 -16.51 13.32
CA CYS C 493 -37.23 -17.82 13.91
C CYS C 493 -38.58 -17.87 14.65
N LYS C 494 -39.39 -18.89 14.34
CA LYS C 494 -40.75 -19.02 14.91
C LYS C 494 -40.82 -20.01 16.08
N ASP C 495 -39.75 -20.76 16.32
CA ASP C 495 -39.76 -21.79 17.37
C ASP C 495 -39.90 -21.16 18.77
N PRO C 496 -40.53 -21.88 19.72
CA PRO C 496 -40.58 -21.37 21.09
C PRO C 496 -39.19 -21.41 21.75
N VAL C 497 -39.00 -20.57 22.77
CA VAL C 497 -37.73 -20.54 23.50
C VAL C 497 -37.55 -21.89 24.22
N GLN C 498 -36.40 -22.53 23.97
CA GLN C 498 -36.11 -23.84 24.59
C GLN C 498 -35.75 -23.63 26.05
N GLU C 499 -36.06 -24.62 26.88
CA GLU C 499 -35.85 -24.52 28.34
C GLU C 499 -34.41 -24.16 28.65
N ALA C 500 -33.48 -24.95 28.11
CA ALA C 500 -32.06 -24.75 28.32
C ALA C 500 -31.51 -23.81 27.26
N TRP C 501 -30.67 -22.86 27.68
CA TRP C 501 -30.21 -21.83 26.76
C TRP C 501 -29.29 -22.39 25.66
N ALA C 502 -28.40 -23.31 26.02
CA ALA C 502 -27.49 -23.94 25.05
C ALA C 502 -28.26 -24.46 23.83
N GLU C 503 -29.32 -25.22 24.09
CA GLU C 503 -30.11 -25.84 23.01
C GLU C 503 -30.91 -24.80 22.22
N ASP C 504 -31.32 -23.73 22.90
CA ASP C 504 -32.07 -22.66 22.24
C ASP C 504 -31.23 -21.98 21.17
N VAL C 505 -29.94 -21.82 21.46
CA VAL C 505 -28.99 -21.21 20.55
C VAL C 505 -28.71 -22.14 19.37
N ASP C 506 -28.47 -23.41 19.68
CA ASP C 506 -28.24 -24.45 18.64
C ASP C 506 -29.43 -24.57 17.67
N LEU C 507 -30.64 -24.44 18.20
CA LEU C 507 -31.87 -24.48 17.38
C LEU C 507 -31.87 -23.38 16.32
N ARG C 508 -31.51 -22.16 16.73
CA ARG C 508 -31.46 -21.02 15.82
C ARG C 508 -30.28 -21.09 14.86
N VAL C 509 -29.18 -21.70 15.29
CA VAL C 509 -28.06 -21.95 14.41
C VAL C 509 -28.44 -22.98 13.33
N ASN C 510 -29.16 -24.03 13.73
CA ASN C 510 -29.64 -25.03 12.78
C ASN C 510 -30.67 -24.46 11.81
N PHE C 511 -31.53 -23.59 12.32
CA PHE C 511 -32.46 -22.83 11.52
C PHE C 511 -31.74 -22.02 10.42
N ALA C 512 -30.59 -21.43 10.78
CA ALA C 512 -29.80 -20.68 9.84
C ALA C 512 -29.19 -21.62 8.80
N MET C 513 -28.73 -22.79 9.24
CA MET C 513 -28.19 -23.81 8.34
C MET C 513 -29.24 -24.26 7.33
N ASN C 514 -30.47 -24.52 7.82
CA ASN C 514 -31.56 -24.96 6.94
C ASN C 514 -31.98 -23.89 5.96
N VAL C 515 -32.04 -22.64 6.42
CA VAL C 515 -32.28 -21.49 5.55
C VAL C 515 -31.26 -21.37 4.40
N GLY C 516 -29.98 -21.50 4.71
CA GLY C 516 -28.93 -21.37 3.72
C GLY C 516 -28.96 -22.48 2.68
N LYS C 517 -29.19 -23.70 3.15
CA LYS C 517 -29.30 -24.87 2.25
C LYS C 517 -30.52 -24.79 1.33
N ALA C 518 -31.66 -24.40 1.89
CA ALA C 518 -32.90 -24.25 1.13
C ALA C 518 -32.81 -23.10 0.12
N ARG C 519 -32.14 -22.01 0.50
CA ARG C 519 -31.97 -20.86 -0.39
C ARG C 519 -30.79 -21.02 -1.37
N GLY C 520 -29.99 -22.07 -1.19
CA GLY C 520 -28.86 -22.37 -2.07
C GLY C 520 -27.62 -21.52 -1.79
N PHE C 521 -27.56 -20.89 -0.62
CA PHE C 521 -26.41 -20.07 -0.27
C PHE C 521 -25.15 -20.89 -0.05
N PHE C 522 -25.34 -22.12 0.43
CA PHE C 522 -24.24 -23.05 0.70
C PHE C 522 -24.79 -24.48 0.83
N LYS C 523 -23.90 -25.46 0.91
CA LYS C 523 -24.31 -26.89 1.01
C LYS C 523 -23.57 -27.63 2.12
N LYS C 524 -24.06 -28.83 2.45
CA LYS C 524 -23.39 -29.70 3.42
C LYS C 524 -21.89 -29.82 3.14
N GLY C 525 -21.09 -29.75 4.21
CA GLY C 525 -19.64 -29.76 4.10
C GLY C 525 -18.98 -28.39 4.00
N ASP C 526 -19.74 -27.38 3.55
CA ASP C 526 -19.20 -26.03 3.43
C ASP C 526 -18.88 -25.46 4.81
N VAL C 527 -17.89 -24.57 4.86
CA VAL C 527 -17.54 -23.87 6.08
C VAL C 527 -18.36 -22.59 6.17
N VAL C 528 -18.90 -22.34 7.36
CA VAL C 528 -19.59 -21.10 7.65
C VAL C 528 -19.05 -20.53 8.96
N ILE C 529 -19.26 -19.22 9.16
CA ILE C 529 -18.93 -18.59 10.42
C ILE C 529 -20.22 -18.40 11.21
N VAL C 530 -20.17 -18.70 12.51
CA VAL C 530 -21.31 -18.58 13.40
C VAL C 530 -20.99 -17.69 14.60
N LEU C 531 -21.79 -16.63 14.78
CA LEU C 531 -21.61 -15.67 15.87
C LEU C 531 -22.71 -15.78 16.93
N THR C 532 -22.30 -16.04 18.16
CA THR C 532 -23.20 -16.11 19.30
C THR C 532 -22.62 -15.32 20.49
N GLY C 533 -23.42 -15.17 21.55
CA GLY C 533 -22.93 -14.63 22.81
C GLY C 533 -22.74 -15.70 23.88
N TRP C 534 -22.30 -15.27 25.05
CA TRP C 534 -22.08 -16.17 26.20
C TRP C 534 -23.31 -16.26 27.14
N ARG C 535 -24.32 -15.43 26.92
CA ARG C 535 -25.58 -15.50 27.70
C ARG C 535 -26.72 -14.78 26.96
N PRO C 536 -27.99 -15.00 27.40
CA PRO C 536 -29.10 -14.38 26.67
C PRO C 536 -29.17 -12.86 26.91
N GLY C 537 -30.03 -12.18 26.16
CA GLY C 537 -30.10 -10.72 26.21
C GLY C 537 -29.11 -10.08 25.27
N SER C 538 -29.40 -8.86 24.85
CA SER C 538 -28.56 -8.14 23.88
C SER C 538 -27.24 -7.68 24.51
N GLY C 539 -26.23 -7.53 23.65
CA GLY C 539 -24.96 -6.91 24.02
C GLY C 539 -23.83 -7.85 24.37
N PHE C 540 -24.09 -9.16 24.36
CA PHE C 540 -23.09 -10.13 24.82
C PHE C 540 -22.49 -11.00 23.71
N THR C 541 -22.58 -10.55 22.45
CA THR C 541 -21.98 -11.31 21.33
C THR C 541 -20.48 -11.29 21.51
N ASN C 542 -19.91 -12.48 21.64
CA ASN C 542 -18.46 -12.61 21.90
C ASN C 542 -17.83 -13.89 21.33
N THR C 543 -18.61 -14.70 20.63
CA THR C 543 -18.18 -16.03 20.22
C THR C 543 -18.33 -16.22 18.72
N MET C 544 -17.19 -16.45 18.06
CA MET C 544 -17.12 -16.78 16.64
C MET C 544 -16.64 -18.22 16.51
N ARG C 545 -17.36 -19.02 15.75
CA ARG C 545 -16.94 -20.39 15.45
C ARG C 545 -16.98 -20.65 13.95
N VAL C 546 -16.03 -21.45 13.49
CA VAL C 546 -15.92 -21.84 12.10
C VAL C 546 -16.40 -23.28 12.05
N VAL C 547 -17.55 -23.50 11.39
CA VAL C 547 -18.23 -24.79 11.46
C VAL C 547 -18.64 -25.31 10.06
N PRO C 548 -18.68 -26.64 9.89
CA PRO C 548 -19.20 -27.19 8.64
C PRO C 548 -20.71 -27.18 8.63
N VAL C 549 -21.30 -27.02 7.45
CA VAL C 549 -22.75 -27.09 7.32
C VAL C 549 -23.20 -28.55 7.52
N PRO C 550 -24.17 -28.78 8.44
CA PRO C 550 -24.57 -30.14 8.78
C PRO C 550 -25.48 -30.80 7.75
N GLN D 33 -10.90 25.13 -2.14
CA GLN D 33 -9.87 24.46 -3.00
C GLN D 33 -10.52 23.81 -4.23
N THR D 34 -9.86 23.93 -5.38
CA THR D 34 -10.47 23.59 -6.65
C THR D 34 -10.04 22.22 -7.18
N GLN D 35 -10.69 21.81 -8.27
CA GLN D 35 -10.52 20.48 -8.91
C GLN D 35 -10.26 19.33 -7.93
N GLN D 36 -11.05 19.29 -6.86
CA GLN D 36 -11.05 18.18 -5.90
C GLN D 36 -9.64 17.85 -5.38
N LEU D 37 -8.86 18.90 -5.09
CA LEU D 37 -7.48 18.71 -4.65
C LEU D 37 -7.40 18.29 -3.16
N HIS D 38 -8.45 18.58 -2.39
CA HIS D 38 -8.57 18.05 -1.02
C HIS D 38 -8.72 16.52 -1.10
N ALA D 39 -9.76 16.03 -1.77
CA ALA D 39 -9.89 14.58 -2.07
C ALA D 39 -8.66 13.95 -2.72
N ALA D 40 -7.97 14.73 -3.56
CA ALA D 40 -6.73 14.28 -4.22
C ALA D 40 -5.64 13.85 -3.22
N MET D 41 -5.64 14.49 -2.05
CA MET D 41 -4.66 14.22 -0.98
C MET D 41 -4.98 13.03 -0.08
N ALA D 42 -6.13 12.40 -0.24
CA ALA D 42 -6.54 11.33 0.68
C ALA D 42 -5.58 10.14 0.58
N ASP D 43 -5.16 9.62 1.74
CA ASP D 43 -4.27 8.45 1.82
C ASP D 43 -4.99 7.15 1.40
N THR D 44 -6.32 7.15 1.48
CA THR D 44 -7.15 6.00 1.13
C THR D 44 -8.19 6.36 0.07
N PHE D 45 -8.71 5.34 -0.62
CA PHE D 45 -9.76 5.56 -1.59
C PHE D 45 -11.05 5.95 -0.90
N LEU D 46 -11.35 5.29 0.24
CA LEU D 46 -12.55 5.62 1.01
C LEU D 46 -12.55 7.10 1.40
N GLU D 47 -11.44 7.58 1.95
CA GLU D 47 -11.34 8.98 2.33
C GLU D 47 -11.46 9.90 1.11
N HIS D 48 -10.88 9.48 -0.02
CA HIS D 48 -11.00 10.20 -1.28
C HIS D 48 -12.47 10.41 -1.68
N MET D 49 -13.29 9.36 -1.52
CA MET D 49 -14.73 9.44 -1.76
C MET D 49 -15.35 10.45 -0.82
N CYS D 50 -15.03 10.28 0.47
CA CYS D 50 -15.55 11.12 1.54
C CYS D 50 -15.26 12.60 1.36
N ARG D 51 -14.19 12.93 0.64
CA ARG D 51 -13.82 14.34 0.44
C ARG D 51 -14.40 14.96 -0.85
N LEU D 52 -14.95 14.13 -1.74
CA LEU D 52 -15.48 14.66 -3.00
C LEU D 52 -16.48 15.76 -2.66
N ASP D 53 -16.25 16.94 -3.24
CA ASP D 53 -16.93 18.16 -2.84
C ASP D 53 -17.61 18.85 -4.02
N ILE D 54 -18.93 19.03 -3.93
CA ILE D 54 -19.70 19.67 -4.97
C ILE D 54 -19.39 21.17 -5.08
N ASP D 55 -18.85 21.76 -4.00
CA ASP D 55 -18.44 23.18 -4.04
C ASP D 55 -16.99 23.37 -4.46
N SER D 56 -16.33 22.28 -4.89
CA SER D 56 -15.00 22.38 -5.50
C SER D 56 -15.13 22.39 -7.03
N PRO D 57 -14.84 23.54 -7.67
CA PRO D 57 -15.09 23.64 -9.10
C PRO D 57 -13.99 23.07 -9.97
N PRO D 58 -14.34 22.50 -11.13
CA PRO D 58 -13.32 22.01 -12.05
C PRO D 58 -12.44 23.11 -12.66
N ILE D 59 -11.37 22.68 -13.30
CA ILE D 59 -10.60 23.55 -14.20
C ILE D 59 -11.39 23.74 -15.50
N THR D 60 -10.96 24.67 -16.33
CA THR D 60 -11.66 24.91 -17.62
C THR D 60 -11.43 23.78 -18.65
N ALA D 61 -10.26 23.14 -18.64
CA ALA D 61 -9.94 22.10 -19.63
C ALA D 61 -10.74 20.81 -19.39
N ARG D 62 -11.01 20.07 -20.46
CA ARG D 62 -11.78 18.81 -20.39
C ARG D 62 -11.04 17.77 -21.24
N ASN D 63 -10.63 16.67 -20.60
CA ASN D 63 -9.64 15.75 -21.14
C ASN D 63 -10.24 14.58 -21.92
N THR D 64 -11.45 14.18 -21.58
CA THR D 64 -12.11 13.06 -22.23
C THR D 64 -12.64 13.53 -23.57
N GLY D 65 -12.17 12.91 -24.65
CA GLY D 65 -12.65 13.26 -25.99
C GLY D 65 -14.11 12.91 -26.15
N ILE D 66 -14.82 13.69 -26.98
CA ILE D 66 -16.23 13.42 -27.26
C ILE D 66 -16.45 13.10 -28.74
N ILE D 67 -17.00 11.91 -28.97
CA ILE D 67 -17.32 11.40 -30.30
C ILE D 67 -18.83 11.58 -30.53
N CYS D 68 -19.22 12.33 -31.57
CA CYS D 68 -20.63 12.52 -31.89
C CYS D 68 -21.01 11.86 -33.21
N THR D 69 -22.05 11.04 -33.17
CA THR D 69 -22.61 10.44 -34.36
C THR D 69 -23.41 11.49 -35.10
N ILE D 70 -23.02 11.77 -36.33
CA ILE D 70 -23.68 12.78 -37.14
C ILE D 70 -24.81 12.14 -37.95
N GLY D 71 -25.95 12.81 -37.98
CA GLY D 71 -27.14 12.35 -38.70
C GLY D 71 -28.02 13.54 -39.05
N PRO D 72 -29.30 13.30 -39.40
CA PRO D 72 -30.22 14.39 -39.77
C PRO D 72 -30.26 15.60 -38.81
N ALA D 73 -30.05 15.36 -37.51
CA ALA D 73 -30.10 16.48 -36.52
C ALA D 73 -28.79 17.28 -36.43
N SER D 74 -27.71 16.79 -37.04
CA SER D 74 -26.40 17.42 -36.87
C SER D 74 -25.57 17.58 -38.15
N ARG D 75 -26.19 17.41 -39.32
CA ARG D 75 -25.50 17.50 -40.62
C ARG D 75 -25.22 18.90 -41.14
N SER D 76 -26.06 19.86 -40.78
CA SER D 76 -25.95 21.21 -41.34
C SER D 76 -24.61 21.82 -40.94
N VAL D 77 -24.06 22.65 -41.81
CA VAL D 77 -22.81 23.35 -41.51
C VAL D 77 -22.96 24.21 -40.26
N GLU D 78 -24.12 24.86 -40.13
CA GLU D 78 -24.38 25.73 -38.99
C GLU D 78 -24.51 24.97 -37.67
N THR D 79 -25.26 23.87 -37.69
CA THR D 79 -25.37 23.01 -36.49
C THR D 79 -23.98 22.46 -36.09
N LEU D 80 -23.23 21.96 -37.07
CA LEU D 80 -21.88 21.46 -36.84
C LEU D 80 -20.93 22.48 -36.19
N LYS D 81 -21.04 23.74 -36.59
CA LYS D 81 -20.25 24.81 -35.95
C LYS D 81 -20.54 24.87 -34.45
N GLU D 82 -21.81 24.77 -34.08
CA GLU D 82 -22.20 24.80 -32.66
C GLU D 82 -21.88 23.48 -31.93
N MET D 83 -21.88 22.36 -32.65
CA MET D 83 -21.40 21.07 -32.12
C MET D 83 -19.94 21.21 -31.73
N ILE D 84 -19.14 21.77 -32.62
CA ILE D 84 -17.71 22.03 -32.36
C ILE D 84 -17.55 22.95 -31.14
N LYS D 85 -18.28 24.06 -31.12
CA LYS D 85 -18.23 25.02 -29.99
C LYS D 85 -18.72 24.42 -28.67
N SER D 86 -19.58 23.40 -28.75
CA SER D 86 -20.09 22.71 -27.55
C SER D 86 -19.10 21.69 -26.98
N GLY D 87 -18.29 21.09 -27.86
CA GLY D 87 -17.21 20.18 -27.46
C GLY D 87 -17.02 18.91 -28.27
N MET D 88 -17.61 18.82 -29.47
CA MET D 88 -17.34 17.69 -30.36
C MET D 88 -15.87 17.68 -30.76
N ASN D 89 -15.24 16.52 -30.61
CA ASN D 89 -13.86 16.32 -31.07
C ASN D 89 -13.77 15.37 -32.27
N VAL D 90 -14.73 14.47 -32.39
CA VAL D 90 -14.73 13.43 -33.42
C VAL D 90 -16.14 13.23 -33.97
N ALA D 91 -16.26 13.29 -35.29
CA ALA D 91 -17.53 13.13 -35.99
C ALA D 91 -17.64 11.69 -36.49
N ARG D 92 -18.60 10.95 -35.93
CA ARG D 92 -18.82 9.54 -36.30
C ARG D 92 -19.93 9.40 -37.34
N LEU D 93 -19.59 8.74 -38.45
CA LEU D 93 -20.56 8.41 -39.49
C LEU D 93 -20.82 6.91 -39.43
N ASN D 94 -22.08 6.55 -39.12
CA ASN D 94 -22.51 5.15 -39.05
C ASN D 94 -22.94 4.62 -40.41
N PHE D 95 -22.20 3.64 -40.91
CA PHE D 95 -22.41 3.10 -42.25
C PHE D 95 -23.37 1.91 -42.26
N SER D 96 -24.01 1.64 -41.12
CA SER D 96 -25.16 0.72 -41.09
C SER D 96 -26.20 1.17 -42.14
N HIS D 97 -26.37 2.48 -42.28
CA HIS D 97 -27.29 3.11 -43.23
C HIS D 97 -26.64 4.28 -43.96
N GLY D 98 -27.16 4.60 -45.14
CA GLY D 98 -26.76 5.79 -45.89
C GLY D 98 -25.82 5.49 -47.04
N THR D 99 -25.93 6.26 -48.12
CA THR D 99 -25.13 6.04 -49.32
C THR D 99 -23.77 6.71 -49.18
N HIS D 100 -22.81 6.28 -50.01
CA HIS D 100 -21.54 6.97 -50.15
C HIS D 100 -21.75 8.47 -50.41
N GLU D 101 -22.73 8.78 -51.27
CA GLU D 101 -23.09 10.16 -51.62
C GLU D 101 -23.53 10.97 -50.39
N TYR D 102 -24.44 10.38 -49.61
CA TYR D 102 -24.91 10.98 -48.37
C TYR D 102 -23.75 11.21 -47.40
N HIS D 103 -22.92 10.20 -47.21
CA HIS D 103 -21.81 10.30 -46.25
C HIS D 103 -20.71 11.26 -46.72
N ALA D 104 -20.43 11.28 -48.02
CA ALA D 104 -19.49 12.25 -48.58
C ALA D 104 -19.92 13.69 -48.25
N GLU D 105 -21.21 13.96 -48.38
CA GLU D 105 -21.75 15.30 -48.10
C GLU D 105 -21.70 15.65 -46.61
N THR D 106 -21.98 14.66 -45.73
CA THR D 106 -21.83 14.85 -44.28
C THR D 106 -20.40 15.26 -43.90
N ILE D 107 -19.42 14.55 -44.47
CA ILE D 107 -17.99 14.82 -44.27
C ILE D 107 -17.62 16.23 -44.72
N LYS D 108 -17.99 16.56 -45.95
CA LYS D 108 -17.85 17.92 -46.51
C LYS D 108 -18.38 19.00 -45.56
N ASN D 109 -19.57 18.80 -45.01
CA ASN D 109 -20.17 19.75 -44.05
C ASN D 109 -19.37 19.86 -42.73
N VAL D 110 -18.87 18.72 -42.23
CA VAL D 110 -18.04 18.71 -41.01
C VAL D 110 -16.76 19.52 -41.25
N ARG D 111 -16.19 19.37 -42.44
CA ARG D 111 -14.96 20.04 -42.81
C ARG D 111 -15.16 21.54 -43.06
N THR D 112 -16.32 21.90 -43.60
CA THR D 112 -16.68 23.29 -43.79
C THR D 112 -16.90 23.98 -42.43
N ALA D 113 -17.56 23.26 -41.52
CA ALA D 113 -17.77 23.74 -40.16
C ALA D 113 -16.44 23.87 -39.41
N THR D 114 -15.60 22.85 -39.53
CA THR D 114 -14.32 22.80 -38.83
C THR D 114 -13.36 23.89 -39.32
N GLU D 115 -13.25 24.04 -40.64
CA GLU D 115 -12.34 25.02 -41.22
C GLU D 115 -12.83 26.46 -41.15
N SER D 116 -14.08 26.68 -40.73
CA SER D 116 -14.57 28.04 -40.54
C SER D 116 -13.82 28.74 -39.37
N PHE D 117 -13.21 27.95 -38.50
CA PHE D 117 -12.43 28.47 -37.37
C PHE D 117 -10.94 28.57 -37.68
N ALA D 118 -10.53 28.11 -38.87
CA ALA D 118 -9.11 28.02 -39.20
C ALA D 118 -8.41 29.37 -39.37
N SER D 119 -9.18 30.46 -39.48
CA SER D 119 -8.62 31.80 -39.65
C SER D 119 -7.70 32.17 -38.49
N ASP D 120 -8.12 31.85 -37.27
CA ASP D 120 -7.28 32.04 -36.08
C ASP D 120 -6.78 30.67 -35.61
N PRO D 121 -5.49 30.37 -35.83
CA PRO D 121 -4.95 29.06 -35.45
C PRO D 121 -4.92 28.80 -33.95
N ILE D 122 -4.95 29.87 -33.15
CA ILE D 122 -4.98 29.76 -31.69
C ILE D 122 -6.34 29.27 -31.18
N LEU D 123 -7.42 29.64 -31.87
CA LEU D 123 -8.77 29.21 -31.48
C LEU D 123 -9.30 28.01 -32.29
N TYR D 124 -8.57 27.63 -33.35
CA TYR D 124 -8.92 26.46 -34.17
C TYR D 124 -8.84 25.15 -33.37
N ARG D 125 -9.96 24.44 -33.30
CA ARG D 125 -10.02 23.07 -32.77
C ARG D 125 -10.06 22.06 -33.92
N PRO D 126 -9.02 21.19 -34.05
CA PRO D 126 -9.14 20.02 -34.92
C PRO D 126 -10.39 19.19 -34.64
N VAL D 127 -10.99 18.63 -35.68
CA VAL D 127 -12.10 17.68 -35.55
C VAL D 127 -11.76 16.48 -36.41
N ALA D 128 -11.85 15.28 -35.85
CA ALA D 128 -11.54 14.07 -36.58
C ALA D 128 -12.81 13.50 -37.21
N VAL D 129 -12.62 12.68 -38.23
CA VAL D 129 -13.70 11.97 -38.91
C VAL D 129 -13.44 10.48 -38.72
N ALA D 130 -14.43 9.76 -38.19
CA ALA D 130 -14.35 8.31 -38.00
C ALA D 130 -15.45 7.57 -38.79
N LEU D 131 -15.07 6.52 -39.49
CA LEU D 131 -16.01 5.71 -40.28
C LEU D 131 -16.35 4.45 -39.50
N ASP D 132 -17.62 4.30 -39.13
CA ASP D 132 -18.08 3.14 -38.37
C ASP D 132 -18.71 2.14 -39.33
N THR D 133 -18.08 0.99 -39.52
CA THR D 133 -18.57 -0.03 -40.48
C THR D 133 -19.88 -0.67 -40.03
N LYS D 134 -20.64 -1.13 -41.03
CA LYS D 134 -21.87 -1.88 -40.82
C LYS D 134 -21.55 -3.25 -40.25
N GLY D 135 -20.60 -3.94 -40.88
CA GLY D 135 -20.08 -5.20 -40.38
C GLY D 135 -20.82 -6.41 -40.87
N PRO D 136 -20.31 -7.61 -40.52
CA PRO D 136 -20.99 -8.84 -40.88
C PRO D 136 -22.26 -9.01 -40.07
N GLU D 137 -23.34 -9.35 -40.77
CA GLU D 137 -24.66 -9.50 -40.15
C GLU D 137 -25.22 -10.88 -40.39
N ILE D 138 -26.25 -11.23 -39.62
CA ILE D 138 -27.09 -12.39 -39.86
C ILE D 138 -28.54 -11.90 -39.82
N ARG D 139 -29.29 -12.12 -40.91
CA ARG D 139 -30.66 -11.62 -41.00
C ARG D 139 -31.67 -12.72 -41.33
N THR D 140 -32.92 -12.49 -40.95
CA THR D 140 -34.02 -13.35 -41.33
C THR D 140 -34.39 -13.10 -42.80
N GLU D 152 -46.40 -13.78 -35.18
CA GLU D 152 -46.46 -13.77 -33.71
C GLU D 152 -46.01 -15.12 -33.14
N LEU D 153 -44.83 -15.12 -32.51
CA LEU D 153 -44.23 -16.32 -31.92
C LEU D 153 -44.66 -16.51 -30.46
N LYS D 154 -45.38 -17.60 -30.19
CA LYS D 154 -45.83 -17.93 -28.84
C LYS D 154 -44.74 -18.68 -28.08
N LYS D 155 -44.48 -18.27 -26.84
CA LYS D 155 -43.50 -18.94 -25.98
C LYS D 155 -43.83 -20.42 -25.82
N GLY D 156 -42.80 -21.27 -25.90
CA GLY D 156 -42.98 -22.73 -25.78
C GLY D 156 -43.25 -23.47 -27.08
N ALA D 157 -43.65 -22.74 -28.12
CA ALA D 157 -43.95 -23.32 -29.43
C ALA D 157 -42.68 -23.77 -30.14
N THR D 158 -42.83 -24.67 -31.12
CA THR D 158 -41.71 -25.13 -31.94
C THR D 158 -41.53 -24.21 -33.15
N LEU D 159 -40.28 -23.98 -33.52
CA LEU D 159 -39.94 -23.20 -34.72
C LEU D 159 -38.75 -23.83 -35.42
N LYS D 160 -38.93 -24.15 -36.70
CA LYS D 160 -37.87 -24.70 -37.53
C LYS D 160 -37.06 -23.56 -38.14
N ILE D 161 -35.74 -23.65 -38.03
CA ILE D 161 -34.83 -22.71 -38.68
C ILE D 161 -34.21 -23.41 -39.89
N THR D 162 -34.69 -23.04 -41.07
CA THR D 162 -34.24 -23.67 -42.32
C THR D 162 -33.35 -22.72 -43.12
N LEU D 163 -32.45 -23.29 -43.93
CA LEU D 163 -31.57 -22.54 -44.83
C LEU D 163 -31.96 -22.69 -46.31
N ASP D 164 -33.04 -23.43 -46.59
CA ASP D 164 -33.54 -23.60 -47.97
C ASP D 164 -34.12 -22.29 -48.48
N ASN D 165 -33.60 -21.81 -49.61
CA ASN D 165 -33.97 -20.50 -50.16
C ASN D 165 -35.40 -20.45 -50.70
N ALA D 166 -36.00 -21.62 -50.95
CA ALA D 166 -37.41 -21.71 -51.32
C ALA D 166 -38.31 -20.95 -50.34
N TYR D 167 -37.96 -21.01 -49.05
CA TYR D 167 -38.69 -20.31 -48.00
C TYR D 167 -38.03 -18.96 -47.62
N MET D 168 -37.19 -18.42 -48.51
CA MET D 168 -36.50 -17.14 -48.27
C MET D 168 -37.47 -15.96 -48.17
N GLU D 169 -38.66 -16.10 -48.77
CA GLU D 169 -39.74 -15.10 -48.68
C GLU D 169 -41.05 -15.65 -48.09
N LYS D 170 -41.03 -16.90 -47.62
CA LYS D 170 -42.18 -17.53 -46.97
C LYS D 170 -41.94 -17.70 -45.45
N CYS D 171 -41.30 -16.72 -44.83
CA CYS D 171 -41.07 -16.72 -43.37
C CYS D 171 -42.39 -16.63 -42.60
N ASP D 172 -42.83 -17.78 -42.08
CA ASP D 172 -44.08 -17.87 -41.34
C ASP D 172 -43.78 -18.20 -39.88
N GLU D 173 -44.85 -18.25 -39.07
CA GLU D 173 -44.73 -18.62 -37.65
C GLU D 173 -44.23 -20.06 -37.45
N ASN D 174 -44.41 -20.91 -38.47
CA ASN D 174 -44.00 -22.31 -38.41
C ASN D 174 -42.53 -22.52 -38.81
N ILE D 175 -42.08 -21.85 -39.87
CA ILE D 175 -40.71 -21.98 -40.38
C ILE D 175 -40.06 -20.61 -40.60
N LEU D 176 -38.79 -20.48 -40.21
CA LEU D 176 -38.03 -19.22 -40.34
C LEU D 176 -36.73 -19.43 -41.13
N TRP D 177 -36.45 -18.52 -42.05
CA TRP D 177 -35.25 -18.59 -42.90
C TRP D 177 -34.18 -17.59 -42.44
N LEU D 178 -32.91 -18.00 -42.56
CA LEU D 178 -31.76 -17.12 -42.26
C LEU D 178 -30.79 -17.12 -43.43
N ASP D 179 -29.95 -16.07 -43.52
CA ASP D 179 -28.99 -15.93 -44.62
C ASP D 179 -27.55 -16.37 -44.27
N TYR D 180 -27.39 -16.99 -43.10
CA TYR D 180 -26.08 -17.48 -42.66
C TYR D 180 -26.02 -18.98 -42.88
N LYS D 181 -25.40 -19.39 -44.00
CA LYS D 181 -25.44 -20.80 -44.44
C LYS D 181 -24.62 -21.74 -43.56
N ASN D 182 -23.62 -21.19 -42.84
CA ASN D 182 -22.77 -21.98 -41.97
C ASN D 182 -23.33 -22.13 -40.55
N ILE D 183 -24.50 -21.54 -40.28
CA ILE D 183 -25.03 -21.47 -38.91
C ILE D 183 -24.99 -22.81 -38.16
N CYS D 184 -25.23 -23.90 -38.89
CA CYS D 184 -25.21 -25.25 -38.30
C CYS D 184 -23.84 -25.69 -37.85
N LYS D 185 -22.81 -25.29 -38.60
CA LYS D 185 -21.42 -25.57 -38.24
C LYS D 185 -21.13 -25.14 -36.81
N VAL D 186 -21.57 -23.93 -36.47
CA VAL D 186 -21.26 -23.31 -35.18
C VAL D 186 -22.43 -23.35 -34.18
N VAL D 187 -23.40 -24.23 -34.44
CA VAL D 187 -24.52 -24.48 -33.52
C VAL D 187 -24.43 -25.90 -32.99
N GLU D 188 -24.49 -26.05 -31.67
CA GLU D 188 -24.59 -27.36 -31.03
C GLU D 188 -25.97 -27.44 -30.35
N VAL D 189 -26.39 -28.67 -30.02
CA VAL D 189 -27.68 -28.87 -29.35
C VAL D 189 -27.64 -28.28 -27.94
N GLY D 190 -28.45 -27.25 -27.70
CA GLY D 190 -28.44 -26.50 -26.45
C GLY D 190 -28.09 -25.02 -26.61
N SER D 191 -27.77 -24.60 -27.83
CA SER D 191 -27.34 -23.21 -28.08
C SER D 191 -28.54 -22.27 -28.16
N LYS D 192 -28.36 -21.05 -27.64
CA LYS D 192 -29.37 -19.99 -27.69
C LYS D 192 -29.27 -19.19 -29.01
N ILE D 193 -30.42 -18.68 -29.45
CA ILE D 193 -30.50 -17.88 -30.69
C ILE D 193 -31.43 -16.69 -30.47
N TYR D 194 -30.91 -15.47 -30.70
CA TYR D 194 -31.68 -14.25 -30.48
C TYR D 194 -32.02 -13.59 -31.81
N VAL D 195 -33.24 -13.04 -31.88
CA VAL D 195 -33.79 -12.43 -33.09
C VAL D 195 -34.44 -11.07 -32.79
N ASP D 196 -34.17 -10.09 -33.66
CA ASP D 196 -34.66 -8.70 -33.53
C ASP D 196 -34.09 -8.02 -32.31
N ASP D 197 -32.77 -7.85 -32.31
CA ASP D 197 -32.04 -7.21 -31.22
C ASP D 197 -32.43 -7.76 -29.85
N GLY D 198 -32.39 -9.08 -29.72
CA GLY D 198 -32.64 -9.77 -28.46
C GLY D 198 -34.09 -9.85 -28.01
N LEU D 199 -35.01 -9.33 -28.83
CA LEU D 199 -36.44 -9.29 -28.46
C LEU D 199 -37.03 -10.70 -28.34
N ILE D 200 -36.59 -11.61 -29.20
CA ILE D 200 -37.05 -13.01 -29.17
C ILE D 200 -35.86 -13.95 -28.94
N SER D 201 -36.08 -15.00 -28.17
CA SER D 201 -35.03 -15.98 -27.82
C SER D 201 -35.50 -17.38 -28.20
N LEU D 202 -34.54 -18.22 -28.61
CA LEU D 202 -34.83 -19.60 -29.04
C LEU D 202 -33.70 -20.52 -28.56
N GLN D 203 -34.01 -21.81 -28.41
CA GLN D 203 -32.99 -22.82 -28.04
C GLN D 203 -32.99 -23.97 -29.05
N VAL D 204 -31.80 -24.50 -29.37
CA VAL D 204 -31.66 -25.60 -30.34
C VAL D 204 -31.89 -26.96 -29.67
N LYS D 205 -32.91 -27.68 -30.15
CA LYS D 205 -33.28 -29.00 -29.61
C LYS D 205 -32.91 -30.17 -30.56
N GLN D 206 -32.98 -29.92 -31.88
CA GLN D 206 -32.59 -30.90 -32.89
C GLN D 206 -31.69 -30.24 -33.95
N LYS D 207 -30.80 -31.03 -34.56
CA LYS D 207 -29.82 -30.49 -35.50
C LYS D 207 -29.83 -31.23 -36.83
N GLY D 208 -29.79 -30.46 -37.92
CA GLY D 208 -29.59 -31.00 -39.27
C GLY D 208 -28.43 -30.27 -39.93
N ALA D 209 -28.47 -30.18 -41.26
CA ALA D 209 -27.50 -29.40 -42.03
C ALA D 209 -28.17 -28.18 -42.65
N ASP D 210 -29.37 -28.38 -43.18
CA ASP D 210 -30.18 -27.31 -43.74
C ASP D 210 -31.14 -26.72 -42.69
N PHE D 211 -31.33 -27.42 -41.57
CA PHE D 211 -32.31 -27.00 -40.57
C PHE D 211 -31.87 -27.20 -39.11
N LEU D 212 -32.69 -26.68 -38.21
CA LEU D 212 -32.56 -26.92 -36.77
C LEU D 212 -33.95 -26.82 -36.12
N VAL D 213 -34.27 -27.79 -35.27
CA VAL D 213 -35.55 -27.77 -34.54
C VAL D 213 -35.35 -27.03 -33.22
N THR D 214 -35.90 -25.81 -33.14
CA THR D 214 -35.85 -25.03 -31.92
C THR D 214 -37.19 -25.03 -31.19
N GLU D 215 -37.13 -24.73 -29.90
CA GLU D 215 -38.31 -24.41 -29.08
C GLU D 215 -38.12 -22.99 -28.57
N VAL D 216 -39.19 -22.19 -28.58
CA VAL D 216 -39.11 -20.78 -28.20
C VAL D 216 -38.98 -20.62 -26.68
N GLU D 217 -38.02 -19.79 -26.26
CA GLU D 217 -37.86 -19.44 -24.84
C GLU D 217 -38.65 -18.17 -24.54
N ASN D 218 -38.21 -17.06 -25.14
CA ASN D 218 -38.90 -15.77 -25.00
C ASN D 218 -39.68 -15.48 -26.27
N GLY D 219 -41.00 -15.56 -26.18
CA GLY D 219 -41.88 -15.31 -27.32
C GLY D 219 -41.95 -13.85 -27.69
N GLY D 220 -42.51 -13.56 -28.86
CA GLY D 220 -42.64 -12.20 -29.35
C GLY D 220 -43.15 -12.15 -30.78
N SER D 221 -43.28 -10.94 -31.32
CA SER D 221 -43.74 -10.74 -32.68
C SER D 221 -42.55 -10.78 -33.66
N LEU D 222 -42.50 -11.81 -34.50
CA LEU D 222 -41.45 -11.94 -35.52
C LEU D 222 -41.79 -11.09 -36.75
N GLY D 223 -40.99 -10.05 -36.98
CA GLY D 223 -41.14 -9.19 -38.16
C GLY D 223 -40.30 -9.69 -39.32
N SER D 224 -39.98 -8.78 -40.26
CA SER D 224 -39.24 -9.14 -41.47
C SER D 224 -37.81 -8.60 -41.47
N LYS D 225 -36.86 -9.43 -41.93
CA LYS D 225 -35.45 -9.05 -42.09
C LYS D 225 -34.88 -8.40 -40.83
N LYS D 226 -35.05 -9.10 -39.71
CA LYS D 226 -34.62 -8.60 -38.41
C LYS D 226 -33.27 -9.21 -38.00
N GLY D 227 -32.60 -8.56 -37.05
CA GLY D 227 -31.21 -8.89 -36.69
C GLY D 227 -31.08 -10.15 -35.84
N VAL D 228 -30.09 -10.98 -36.16
CA VAL D 228 -29.87 -12.26 -35.49
C VAL D 228 -28.50 -12.31 -34.81
N ASN D 229 -28.50 -12.59 -33.51
CA ASN D 229 -27.28 -12.74 -32.71
C ASN D 229 -27.18 -14.16 -32.15
N LEU D 230 -25.96 -14.71 -32.15
CA LEU D 230 -25.70 -16.07 -31.63
C LEU D 230 -24.78 -16.04 -30.40
N PRO D 231 -25.37 -15.96 -29.19
CA PRO D 231 -24.56 -15.83 -27.98
C PRO D 231 -23.61 -17.01 -27.75
N GLY D 232 -22.34 -16.68 -27.46
CA GLY D 232 -21.35 -17.69 -27.13
C GLY D 232 -20.81 -18.42 -28.34
N ALA D 233 -21.27 -18.07 -29.53
CA ALA D 233 -20.90 -18.77 -30.75
C ALA D 233 -19.60 -18.20 -31.31
N ALA D 234 -18.82 -19.08 -31.92
CA ALA D 234 -17.65 -18.68 -32.70
C ALA D 234 -18.14 -18.49 -34.14
N VAL D 235 -18.79 -17.34 -34.38
CA VAL D 235 -19.36 -17.03 -35.70
C VAL D 235 -18.23 -16.86 -36.74
N ASP D 236 -18.34 -17.58 -37.85
CA ASP D 236 -17.26 -17.63 -38.86
C ASP D 236 -17.47 -16.70 -40.07
N LEU D 237 -18.51 -15.87 -40.04
CA LEU D 237 -18.68 -14.77 -41.02
C LEU D 237 -17.34 -14.04 -41.20
N PRO D 238 -17.08 -13.48 -42.40
CA PRO D 238 -15.79 -12.82 -42.61
C PRO D 238 -15.61 -11.58 -41.71
N ALA D 239 -14.36 -11.15 -41.56
CA ALA D 239 -14.01 -9.95 -40.82
C ALA D 239 -14.72 -8.72 -41.38
N VAL D 240 -14.85 -8.67 -42.70
CA VAL D 240 -15.53 -7.57 -43.39
C VAL D 240 -16.46 -8.14 -44.45
N SER D 241 -17.66 -7.58 -44.56
CA SER D 241 -18.61 -7.92 -45.63
C SER D 241 -18.16 -7.27 -46.95
N GLU D 242 -18.85 -7.62 -48.03
CA GLU D 242 -18.58 -7.00 -49.33
C GLU D 242 -18.76 -5.49 -49.25
N LYS D 243 -19.87 -5.07 -48.63
CA LYS D 243 -20.17 -3.66 -48.42
C LYS D 243 -19.08 -2.94 -47.62
N ASP D 244 -18.60 -3.60 -46.57
CA ASP D 244 -17.52 -3.06 -45.73
C ASP D 244 -16.28 -2.78 -46.55
N ILE D 245 -15.93 -3.69 -47.45
CA ILE D 245 -14.73 -3.53 -48.29
C ILE D 245 -14.84 -2.26 -49.13
N GLN D 246 -16.04 -1.98 -49.64
CA GLN D 246 -16.29 -0.75 -50.43
C GLN D 246 -16.24 0.49 -49.54
N ASP D 247 -16.92 0.42 -48.40
CA ASP D 247 -16.99 1.53 -47.45
C ASP D 247 -15.61 1.89 -46.89
N LEU D 248 -14.79 0.88 -46.62
CA LEU D 248 -13.42 1.07 -46.15
C LEU D 248 -12.55 1.78 -47.19
N LYS D 249 -12.62 1.33 -48.44
CA LYS D 249 -11.89 1.97 -49.54
C LYS D 249 -12.39 3.40 -49.77
N PHE D 250 -13.71 3.60 -49.63
CA PHE D 250 -14.29 4.95 -49.62
C PHE D 250 -13.72 5.78 -48.45
N GLY D 251 -13.55 5.15 -47.29
CA GLY D 251 -12.90 5.80 -46.15
C GLY D 251 -11.53 6.36 -46.52
N VAL D 252 -10.71 5.54 -47.19
CA VAL D 252 -9.40 5.97 -47.64
C VAL D 252 -9.50 7.13 -48.63
N GLU D 253 -10.35 6.96 -49.66
CA GLU D 253 -10.64 8.03 -50.62
C GLU D 253 -10.97 9.33 -49.89
N GLN D 254 -11.82 9.22 -48.87
CA GLN D 254 -12.31 10.38 -48.13
C GLN D 254 -11.33 10.90 -47.08
N ASP D 255 -10.21 10.20 -46.86
CA ASP D 255 -9.17 10.64 -45.91
C ASP D 255 -9.70 10.72 -44.47
N VAL D 256 -10.47 9.73 -44.06
CA VAL D 256 -10.90 9.59 -42.66
C VAL D 256 -9.68 9.37 -41.76
N ASP D 257 -9.85 9.64 -40.48
CA ASP D 257 -8.76 9.54 -39.51
C ASP D 257 -8.71 8.18 -38.86
N MET D 258 -9.89 7.57 -38.70
CA MET D 258 -9.98 6.27 -38.04
C MET D 258 -11.16 5.45 -38.57
N VAL D 259 -11.06 4.14 -38.35
CA VAL D 259 -12.15 3.23 -38.60
C VAL D 259 -12.57 2.55 -37.31
N PHE D 260 -13.88 2.60 -37.02
CA PHE D 260 -14.48 1.75 -35.98
C PHE D 260 -14.99 0.45 -36.65
N ALA D 261 -14.20 -0.63 -36.53
CA ALA D 261 -14.51 -1.91 -37.22
C ALA D 261 -15.49 -2.78 -36.42
N SER D 262 -16.70 -2.96 -36.96
CA SER D 262 -17.75 -3.73 -36.27
C SER D 262 -17.42 -5.21 -36.11
N PHE D 263 -17.90 -5.78 -35.01
CA PHE D 263 -17.98 -7.23 -34.81
C PHE D 263 -16.60 -7.92 -34.84
N ILE D 264 -15.59 -7.29 -34.25
CA ILE D 264 -14.24 -7.89 -34.18
C ILE D 264 -14.22 -8.99 -33.12
N ARG D 265 -13.83 -10.18 -33.54
CA ARG D 265 -13.88 -11.37 -32.69
C ARG D 265 -12.51 -12.01 -32.45
N LYS D 266 -11.50 -11.57 -33.20
CA LYS D 266 -10.18 -12.19 -33.14
C LYS D 266 -9.13 -11.34 -33.84
N ALA D 267 -7.87 -11.54 -33.45
CA ALA D 267 -6.74 -10.83 -34.06
C ALA D 267 -6.84 -10.78 -35.59
N SER D 268 -7.17 -11.91 -36.22
CA SER D 268 -7.19 -12.01 -37.68
C SER D 268 -8.21 -11.05 -38.32
N ASP D 269 -9.36 -10.84 -37.67
CA ASP D 269 -10.33 -9.86 -38.13
C ASP D 269 -9.69 -8.47 -38.27
N VAL D 270 -8.89 -8.07 -37.28
CA VAL D 270 -8.21 -6.75 -37.30
C VAL D 270 -7.20 -6.69 -38.44
N HIS D 271 -6.47 -7.78 -38.65
CA HIS D 271 -5.46 -7.84 -39.71
C HIS D 271 -6.09 -7.70 -41.10
N GLU D 272 -7.26 -8.31 -41.25
CA GLU D 272 -8.01 -8.23 -42.50
C GLU D 272 -8.47 -6.78 -42.79
N VAL D 273 -9.01 -6.10 -41.78
CA VAL D 273 -9.34 -4.68 -41.89
C VAL D 273 -8.09 -3.86 -42.25
N ARG D 274 -6.96 -4.16 -41.60
CA ARG D 274 -5.67 -3.53 -41.92
C ARG D 274 -5.25 -3.80 -43.40
N LYS D 275 -5.48 -5.01 -43.89
CA LYS D 275 -5.15 -5.39 -45.29
C LYS D 275 -6.03 -4.65 -46.32
N VAL D 276 -7.29 -4.42 -45.99
CA VAL D 276 -8.22 -3.70 -46.86
C VAL D 276 -7.85 -2.21 -46.99
N LEU D 277 -7.50 -1.58 -45.87
CA LEU D 277 -7.05 -0.20 -45.87
C LEU D 277 -5.72 -0.03 -46.59
N GLY D 278 -4.92 -1.09 -46.62
CA GLY D 278 -3.71 -1.12 -47.45
C GLY D 278 -2.65 -0.09 -47.11
N GLU D 279 -1.67 0.05 -48.01
CA GLU D 279 -0.58 1.01 -47.82
C GLU D 279 -1.12 2.44 -47.85
N LYS D 280 -2.08 2.70 -48.75
CA LYS D 280 -2.71 4.04 -48.87
C LYS D 280 -3.38 4.49 -47.54
N GLY D 281 -3.98 3.54 -46.84
CA GLY D 281 -4.64 3.80 -45.54
C GLY D 281 -3.87 3.26 -44.34
N LYS D 282 -2.55 3.16 -44.47
CA LYS D 282 -1.68 2.61 -43.41
C LYS D 282 -1.67 3.43 -42.11
N ASN D 283 -2.00 4.71 -42.22
CA ASN D 283 -2.01 5.61 -41.06
C ASN D 283 -3.37 5.83 -40.44
N ILE D 284 -4.40 5.21 -41.03
CA ILE D 284 -5.74 5.30 -40.50
C ILE D 284 -5.86 4.32 -39.32
N LYS D 285 -6.28 4.85 -38.17
CA LYS D 285 -6.31 4.09 -36.93
C LYS D 285 -7.52 3.16 -36.89
N ILE D 286 -7.26 1.92 -36.48
CA ILE D 286 -8.28 0.90 -36.38
C ILE D 286 -8.71 0.71 -34.93
N ILE D 287 -9.91 1.17 -34.63
CA ILE D 287 -10.57 0.98 -33.35
C ILE D 287 -11.48 -0.25 -33.50
N SER D 288 -11.17 -1.34 -32.80
CA SER D 288 -11.99 -2.56 -32.90
C SER D 288 -13.19 -2.47 -31.98
N LYS D 289 -14.36 -2.76 -32.52
CA LYS D 289 -15.60 -2.81 -31.75
C LYS D 289 -15.83 -4.20 -31.18
N ILE D 290 -15.94 -4.25 -29.84
CA ILE D 290 -16.13 -5.47 -29.09
C ILE D 290 -17.61 -5.57 -28.83
N GLU D 291 -18.24 -6.56 -29.47
CA GLU D 291 -19.69 -6.65 -29.59
C GLU D 291 -20.28 -8.02 -29.19
N ASN D 292 -19.43 -9.01 -28.89
CA ASN D 292 -19.92 -10.34 -28.52
C ASN D 292 -19.02 -11.10 -27.53
N HIS D 293 -19.48 -12.27 -27.07
CA HIS D 293 -18.75 -13.13 -26.14
CA HIS D 293 -18.71 -13.09 -26.12
C HIS D 293 -17.32 -13.41 -26.66
N GLU D 294 -17.23 -13.79 -27.93
CA GLU D 294 -15.93 -14.19 -28.49
C GLU D 294 -14.87 -13.09 -28.44
N GLY D 295 -15.27 -11.84 -28.69
CA GLY D 295 -14.36 -10.69 -28.64
C GLY D 295 -13.89 -10.35 -27.25
N VAL D 296 -14.75 -10.55 -26.26
CA VAL D 296 -14.38 -10.33 -24.87
C VAL D 296 -13.36 -11.39 -24.47
N ARG D 297 -13.68 -12.64 -24.77
CA ARG D 297 -12.81 -13.78 -24.44
C ARG D 297 -11.45 -13.70 -25.11
N ARG D 298 -11.41 -13.16 -26.32
CA ARG D 298 -10.16 -13.05 -27.07
C ARG D 298 -9.67 -11.60 -27.14
N PHE D 299 -10.07 -10.81 -26.14
CA PHE D 299 -9.76 -9.37 -26.09
C PHE D 299 -8.26 -9.08 -26.23
N ASP D 300 -7.42 -9.87 -25.57
CA ASP D 300 -5.99 -9.59 -25.54
C ASP D 300 -5.37 -9.61 -26.94
N GLU D 301 -5.55 -10.71 -27.69
CA GLU D 301 -5.05 -10.74 -29.08
C GLU D 301 -5.65 -9.62 -29.94
N ILE D 302 -6.94 -9.32 -29.77
CA ILE D 302 -7.58 -8.21 -30.50
C ILE D 302 -6.95 -6.82 -30.14
N LEU D 303 -6.75 -6.58 -28.84
CA LEU D 303 -6.13 -5.34 -28.37
C LEU D 303 -4.74 -5.13 -28.97
N GLU D 304 -3.93 -6.18 -28.99
CA GLU D 304 -2.54 -6.09 -29.47
C GLU D 304 -2.46 -5.68 -30.95
N ALA D 305 -3.43 -6.12 -31.75
CA ALA D 305 -3.44 -5.86 -33.19
C ALA D 305 -4.07 -4.50 -33.54
N SER D 306 -4.93 -4.00 -32.67
CA SER D 306 -5.69 -2.77 -32.93
C SER D 306 -4.92 -1.54 -32.45
N ASP D 307 -5.38 -0.37 -32.91
CA ASP D 307 -4.89 0.90 -32.43
C ASP D 307 -5.74 1.40 -31.24
N GLY D 308 -6.83 0.71 -30.94
CA GLY D 308 -7.73 1.15 -29.86
C GLY D 308 -8.99 0.32 -29.83
N ILE D 309 -9.88 0.61 -28.88
CA ILE D 309 -11.03 -0.28 -28.61
C ILE D 309 -12.29 0.54 -28.39
N MET D 310 -13.42 0.06 -28.95
CA MET D 310 -14.73 0.57 -28.57
C MET D 310 -15.46 -0.46 -27.71
N VAL D 311 -15.89 -0.03 -26.53
CA VAL D 311 -16.78 -0.83 -25.72
C VAL D 311 -18.18 -0.61 -26.31
N ALA D 312 -18.56 -1.52 -27.22
CA ALA D 312 -19.77 -1.41 -28.01
C ALA D 312 -20.97 -1.97 -27.24
N ARG D 313 -21.38 -1.21 -26.22
CA ARG D 313 -22.31 -1.71 -25.19
C ARG D 313 -23.68 -2.15 -25.73
N GLY D 314 -24.14 -1.48 -26.79
CA GLY D 314 -25.43 -1.79 -27.39
C GLY D 314 -25.52 -3.24 -27.81
N ASP D 315 -24.73 -3.62 -28.81
CA ASP D 315 -24.74 -4.98 -29.34
C ASP D 315 -24.19 -5.99 -28.34
N LEU D 316 -23.24 -5.55 -27.50
CA LEU D 316 -22.68 -6.43 -26.48
C LEU D 316 -23.74 -6.87 -25.49
N GLY D 317 -24.66 -5.96 -25.15
CA GLY D 317 -25.74 -6.26 -24.22
C GLY D 317 -26.88 -7.07 -24.81
N ILE D 318 -26.82 -7.34 -26.12
CA ILE D 318 -27.73 -8.31 -26.75
C ILE D 318 -27.09 -9.69 -26.70
N GLU D 319 -25.79 -9.75 -26.95
CA GLU D 319 -25.01 -10.98 -26.88
C GLU D 319 -24.84 -11.49 -25.45
N ILE D 320 -24.48 -10.60 -24.54
CA ILE D 320 -24.27 -11.01 -23.14
C ILE D 320 -25.40 -10.49 -22.25
N PRO D 321 -25.66 -11.20 -21.13
CA PRO D 321 -26.66 -10.68 -20.20
C PRO D 321 -26.38 -9.21 -19.89
N ALA D 322 -27.41 -8.36 -19.94
CA ALA D 322 -27.23 -6.91 -19.78
C ALA D 322 -26.54 -6.55 -18.46
N GLU D 323 -26.81 -7.34 -17.42
CA GLU D 323 -26.19 -7.12 -16.10
C GLU D 323 -24.68 -7.38 -16.03
N LYS D 324 -24.10 -8.00 -17.07
CA LYS D 324 -22.65 -8.29 -17.13
C LYS D 324 -21.85 -7.28 -17.95
N VAL D 325 -22.53 -6.35 -18.61
CA VAL D 325 -21.87 -5.42 -19.52
C VAL D 325 -20.90 -4.50 -18.79
N PHE D 326 -21.26 -4.07 -17.59
CA PHE D 326 -20.39 -3.20 -16.78
C PHE D 326 -19.05 -3.88 -16.45
N LEU D 327 -19.07 -5.21 -16.31
CA LEU D 327 -17.84 -6.02 -16.12
C LEU D 327 -16.97 -5.96 -17.37
N ALA D 328 -17.60 -6.15 -18.53
CA ALA D 328 -16.90 -6.11 -19.81
C ALA D 328 -16.28 -4.73 -20.05
N GLN D 329 -17.03 -3.68 -19.72
CA GLN D 329 -16.54 -2.31 -19.91
C GLN D 329 -15.35 -2.01 -19.01
N LYS D 330 -15.47 -2.35 -17.72
CA LYS D 330 -14.39 -2.07 -16.77
C LYS D 330 -13.14 -2.89 -17.09
N MET D 331 -13.33 -4.17 -17.46
CA MET D 331 -12.22 -5.03 -17.86
C MET D 331 -11.49 -4.46 -19.07
N MET D 332 -12.25 -3.96 -20.03
CA MET D 332 -11.66 -3.49 -21.27
C MET D 332 -10.97 -2.15 -21.09
N ILE D 333 -11.59 -1.23 -20.36
CA ILE D 333 -10.94 0.06 -20.07
C ILE D 333 -9.63 -0.17 -19.27
N GLY D 334 -9.69 -1.02 -18.25
CA GLY D 334 -8.51 -1.34 -17.44
C GLY D 334 -7.35 -1.89 -18.26
N ARG D 335 -7.63 -2.85 -19.11
CA ARG D 335 -6.60 -3.45 -19.96
C ARG D 335 -6.08 -2.51 -21.04
N CYS D 336 -6.94 -1.61 -21.53
CA CYS D 336 -6.50 -0.58 -22.47
C CYS D 336 -5.61 0.44 -21.77
N ASN D 337 -6.05 0.87 -20.60
CA ASN D 337 -5.22 1.74 -19.76
C ASN D 337 -3.85 1.10 -19.50
N ARG D 338 -3.85 -0.21 -19.25
CA ARG D 338 -2.63 -0.93 -18.96
C ARG D 338 -1.70 -1.03 -20.19
N ALA D 339 -2.31 -1.19 -21.37
CA ALA D 339 -1.58 -1.26 -22.65
C ALA D 339 -1.25 0.12 -23.23
N GLY D 340 -1.92 1.15 -22.74
CA GLY D 340 -1.70 2.51 -23.23
C GLY D 340 -2.35 2.77 -24.60
N LYS D 341 -3.43 2.04 -24.91
CA LYS D 341 -4.17 2.23 -26.17
C LYS D 341 -5.52 2.88 -25.86
N PRO D 342 -5.98 3.82 -26.73
CA PRO D 342 -7.25 4.52 -26.49
C PRO D 342 -8.46 3.57 -26.40
N VAL D 343 -9.39 3.86 -25.49
CA VAL D 343 -10.61 3.05 -25.36
C VAL D 343 -11.80 3.98 -25.36
N ILE D 344 -12.84 3.63 -26.10
CA ILE D 344 -14.08 4.45 -26.21
C ILE D 344 -15.22 3.76 -25.47
N CYS D 345 -15.91 4.50 -24.60
CA CYS D 345 -17.18 4.01 -24.03
C CYS D 345 -18.35 4.55 -24.84
N ALA D 346 -19.29 3.67 -25.21
CA ALA D 346 -20.29 4.04 -26.20
C ALA D 346 -21.68 3.50 -25.89
N THR D 347 -22.69 4.24 -26.36
CA THR D 347 -24.06 3.73 -26.60
C THR D 347 -24.99 3.84 -25.39
N GLN D 348 -26.00 4.69 -25.54
CA GLN D 348 -27.05 4.96 -24.53
C GLN D 348 -26.57 5.74 -23.30
N MET D 349 -25.50 6.52 -23.45
CA MET D 349 -24.95 7.30 -22.33
C MET D 349 -25.85 8.47 -21.88
N LEU D 350 -26.42 9.22 -22.82
CA LEU D 350 -27.40 10.30 -22.51
C LEU D 350 -28.72 10.07 -23.28
N GLU D 351 -29.10 8.80 -23.37
CA GLU D 351 -30.23 8.31 -24.21
C GLU D 351 -31.54 9.11 -24.15
N SER D 352 -31.95 9.54 -22.95
CA SER D 352 -33.21 10.25 -22.80
C SER D 352 -33.18 11.63 -23.46
N MET D 353 -31.98 12.17 -23.70
CA MET D 353 -31.84 13.49 -24.32
C MET D 353 -32.10 13.46 -25.85
N ILE D 354 -32.43 12.28 -26.38
CA ILE D 354 -33.04 12.16 -27.70
C ILE D 354 -34.39 12.91 -27.70
N LYS D 355 -35.19 12.73 -26.65
CA LYS D 355 -36.52 13.36 -26.53
C LYS D 355 -36.56 14.51 -25.49
N LYS D 356 -35.76 14.41 -24.42
CA LYS D 356 -35.80 15.37 -23.31
C LYS D 356 -34.58 16.31 -23.31
N PRO D 357 -34.78 17.59 -22.91
CA PRO D 357 -33.65 18.52 -22.86
C PRO D 357 -32.61 18.22 -21.76
N ARG D 358 -33.02 17.45 -20.75
CA ARG D 358 -32.16 17.11 -19.60
C ARG D 358 -32.03 15.60 -19.44
N PRO D 359 -30.86 15.13 -18.97
CA PRO D 359 -30.64 13.69 -18.82
C PRO D 359 -31.21 13.16 -17.51
N THR D 360 -31.19 11.84 -17.36
CA THR D 360 -31.59 11.20 -16.10
C THR D 360 -30.40 11.19 -15.14
N ARG D 361 -30.67 10.85 -13.89
CA ARG D 361 -29.61 10.78 -12.87
C ARG D 361 -28.67 9.59 -13.14
N ALA D 362 -29.24 8.51 -13.68
CA ALA D 362 -28.48 7.31 -14.08
C ALA D 362 -27.55 7.55 -15.28
N GLU D 363 -27.93 8.48 -16.14
CA GLU D 363 -27.18 8.81 -17.33
C GLU D 363 -26.02 9.73 -17.01
N GLY D 364 -26.25 10.72 -16.16
CA GLY D 364 -25.17 11.58 -15.71
C GLY D 364 -24.15 10.78 -14.91
N SER D 365 -24.65 9.85 -14.09
CA SER D 365 -23.81 8.90 -13.35
C SER D 365 -22.97 8.04 -14.31
N ASP D 366 -23.61 7.53 -15.35
CA ASP D 366 -22.94 6.67 -16.34
C ASP D 366 -21.77 7.36 -17.05
N VAL D 367 -21.95 8.62 -17.45
CA VAL D 367 -20.86 9.37 -18.10
C VAL D 367 -19.69 9.62 -17.11
N ALA D 368 -20.04 9.99 -15.89
CA ALA D 368 -19.07 10.20 -14.82
C ALA D 368 -18.22 8.95 -14.56
N ASN D 369 -18.89 7.81 -14.42
CA ASN D 369 -18.23 6.56 -14.08
C ASN D 369 -17.35 6.02 -15.22
N ALA D 370 -17.71 6.30 -16.48
CA ALA D 370 -16.85 5.92 -17.61
C ALA D 370 -15.52 6.64 -17.54
N VAL D 371 -15.57 7.90 -17.13
CA VAL D 371 -14.38 8.74 -17.01
C VAL D 371 -13.54 8.22 -15.84
N LEU D 372 -14.20 8.02 -14.70
CA LEU D 372 -13.54 7.43 -13.53
C LEU D 372 -12.93 6.07 -13.82
N ASP D 373 -13.62 5.22 -14.61
CA ASP D 373 -13.05 3.92 -15.04
C ASP D 373 -11.74 4.09 -15.79
N GLY D 374 -11.67 5.18 -16.57
CA GLY D 374 -10.48 5.55 -17.36
C GLY D 374 -10.68 5.54 -18.88
N ALA D 375 -11.91 5.75 -19.33
CA ALA D 375 -12.21 5.77 -20.77
C ALA D 375 -11.61 7.03 -21.41
N ASP D 376 -10.87 6.86 -22.50
CA ASP D 376 -10.26 8.00 -23.20
C ASP D 376 -11.31 8.89 -23.85
N CYS D 377 -12.36 8.26 -24.36
CA CYS D 377 -13.40 8.94 -25.12
C CYS D 377 -14.77 8.45 -24.74
N ILE D 378 -15.74 9.36 -24.80
CA ILE D 378 -17.14 9.06 -24.55
C ILE D 378 -17.91 9.40 -25.84
N MET D 379 -19.03 8.71 -26.08
CA MET D 379 -19.73 8.78 -27.37
C MET D 379 -21.22 9.10 -27.25
N LEU D 380 -21.72 9.79 -28.29
CA LEU D 380 -23.13 10.03 -28.48
C LEU D 380 -23.53 9.42 -29.82
N SER D 381 -24.66 8.73 -29.84
CA SER D 381 -25.17 8.13 -31.06
C SER D 381 -26.48 8.80 -31.46
N GLY D 382 -27.63 8.18 -31.15
CA GLY D 382 -28.93 8.77 -31.47
C GLY D 382 -29.14 10.16 -30.88
N GLU D 383 -28.49 10.42 -29.74
CA GLU D 383 -28.52 11.72 -29.04
C GLU D 383 -28.06 12.89 -29.93
N THR D 384 -27.07 12.64 -30.78
CA THR D 384 -26.58 13.68 -31.71
C THR D 384 -27.01 13.44 -33.16
N ALA D 385 -27.09 12.17 -33.56
CA ALA D 385 -27.47 11.80 -34.93
C ALA D 385 -28.90 12.21 -35.29
N LYS D 386 -29.87 11.85 -34.44
CA LYS D 386 -31.30 12.01 -34.79
C LYS D 386 -32.17 12.70 -33.72
N GLY D 387 -31.59 13.14 -32.60
CA GLY D 387 -32.39 13.63 -31.48
C GLY D 387 -32.81 15.09 -31.57
N ASP D 388 -33.69 15.49 -30.65
CA ASP D 388 -34.20 16.86 -30.57
C ASP D 388 -33.23 17.81 -29.85
N TYR D 389 -32.26 17.25 -29.13
CA TYR D 389 -31.35 18.05 -28.30
C TYR D 389 -29.87 17.60 -28.44
N PRO D 390 -29.30 17.74 -29.65
CA PRO D 390 -27.91 17.33 -29.92
C PRO D 390 -26.85 18.24 -29.27
N LEU D 391 -27.05 19.56 -29.30
CA LEU D 391 -26.09 20.49 -28.71
C LEU D 391 -26.05 20.34 -27.20
N GLU D 392 -27.23 20.18 -26.61
CA GLU D 392 -27.37 19.98 -25.17
C GLU D 392 -26.71 18.68 -24.70
N ALA D 393 -26.89 17.59 -25.45
CA ALA D 393 -26.23 16.31 -25.16
C ALA D 393 -24.69 16.44 -25.16
N VAL D 394 -24.14 17.18 -26.12
CA VAL D 394 -22.70 17.44 -26.15
C VAL D 394 -22.22 18.32 -24.97
N ARG D 395 -22.96 19.38 -24.67
CA ARG D 395 -22.59 20.29 -23.57
C ARG D 395 -22.65 19.57 -22.23
N MET D 396 -23.59 18.65 -22.10
CA MET D 396 -23.77 17.86 -20.89
C MET D 396 -22.58 16.92 -20.65
N GLN D 397 -22.27 16.10 -21.65
CA GLN D 397 -21.10 15.25 -21.60
C GLN D 397 -19.83 16.06 -21.32
N HIS D 398 -19.76 17.29 -21.84
CA HIS D 398 -18.63 18.18 -21.54
C HIS D 398 -18.58 18.57 -20.04
N LEU D 399 -19.74 18.96 -19.49
CA LEU D 399 -19.82 19.38 -18.07
C LEU D 399 -19.48 18.22 -17.12
N ILE D 400 -20.06 17.04 -17.38
CA ILE D 400 -19.82 15.84 -16.57
C ILE D 400 -18.36 15.38 -16.67
N ALA D 401 -17.86 15.23 -17.89
CA ALA D 401 -16.49 14.75 -18.08
C ALA D 401 -15.53 15.53 -17.19
N ARG D 402 -15.64 16.85 -17.23
CA ARG D 402 -14.78 17.76 -16.49
C ARG D 402 -14.86 17.51 -14.97
N GLU D 403 -16.07 17.39 -14.44
CA GLU D 403 -16.26 17.07 -13.02
C GLU D 403 -15.62 15.74 -12.65
N ALA D 404 -15.91 14.71 -13.45
CA ALA D 404 -15.41 13.34 -13.18
C ALA D 404 -13.90 13.29 -13.24
N GLU D 405 -13.30 14.05 -14.15
CA GLU D 405 -11.84 14.11 -14.29
C GLU D 405 -11.12 14.66 -13.04
N ALA D 406 -11.75 15.63 -12.37
CA ALA D 406 -11.24 16.13 -11.10
C ALA D 406 -11.36 15.08 -9.97
N ALA D 407 -12.39 14.23 -10.08
CA ALA D 407 -12.74 13.29 -9.03
C ALA D 407 -11.96 11.96 -9.13
N ILE D 408 -11.10 11.84 -10.14
CA ILE D 408 -10.18 10.72 -10.23
C ILE D 408 -9.16 10.74 -9.05
N TYR D 409 -8.90 9.52 -8.55
CA TYR D 409 -7.88 9.27 -7.53
C TYR D 409 -6.52 9.05 -8.19
N HIS D 410 -5.94 10.16 -8.65
CA HIS D 410 -4.66 10.14 -9.37
C HIS D 410 -3.54 9.56 -8.54
N LEU D 411 -3.63 9.74 -7.23
CA LEU D 411 -2.57 9.35 -6.31
C LEU D 411 -2.26 7.86 -6.45
N GLN D 412 -3.27 7.02 -6.28
CA GLN D 412 -3.12 5.58 -6.52
C GLN D 412 -3.13 5.16 -8.01
N LEU D 413 -3.85 5.91 -8.85
CA LEU D 413 -3.84 5.65 -10.30
C LEU D 413 -2.41 5.75 -10.88
N PHE D 414 -1.73 6.87 -10.63
CA PHE D 414 -0.34 7.08 -11.11
C PHE D 414 0.65 6.13 -10.44
N GLU D 415 0.44 5.86 -9.15
CA GLU D 415 1.25 4.88 -8.42
C GLU D 415 1.22 3.53 -9.09
N GLU D 416 0.01 3.07 -9.40
CA GLU D 416 -0.21 1.77 -10.04
C GLU D 416 0.31 1.73 -11.48
N LEU D 417 -0.07 2.71 -12.30
CA LEU D 417 0.42 2.80 -13.70
C LEU D 417 1.93 2.66 -13.74
N ARG D 418 2.55 3.38 -12.82
CA ARG D 418 3.97 3.46 -12.68
C ARG D 418 4.61 2.17 -12.13
N ARG D 419 3.89 1.41 -11.31
CA ARG D 419 4.34 0.07 -10.87
C ARG D 419 4.20 -0.97 -11.99
N LEU D 420 3.12 -0.84 -12.77
CA LEU D 420 2.88 -1.80 -13.84
C LEU D 420 3.60 -1.37 -15.14
N ALA D 421 4.76 -0.72 -15.01
CA ALA D 421 5.41 0.03 -16.12
C ALA D 421 6.89 -0.39 -16.33
N PRO D 422 7.19 -1.02 -17.50
CA PRO D 422 8.54 -1.53 -17.85
C PRO D 422 9.74 -0.54 -17.74
N ILE D 423 10.89 -1.08 -17.33
CA ILE D 423 12.13 -0.29 -17.28
C ILE D 423 12.89 -0.52 -18.57
N THR D 424 12.70 0.40 -19.51
CA THR D 424 13.32 0.32 -20.82
C THR D 424 14.34 1.43 -20.95
N SER D 425 15.34 1.22 -21.80
CA SER D 425 16.33 2.24 -22.09
C SER D 425 15.74 3.43 -22.88
N ASP D 426 14.43 3.40 -23.18
CA ASP D 426 13.76 4.42 -24.00
C ASP D 426 13.71 5.80 -23.31
N PRO D 427 14.47 6.78 -23.82
CA PRO D 427 14.52 8.13 -23.21
C PRO D 427 13.24 8.92 -23.36
N THR D 428 12.49 8.63 -24.41
CA THR D 428 11.20 9.26 -24.65
C THR D 428 10.18 8.86 -23.58
N GLU D 429 10.16 7.59 -23.21
CA GLU D 429 9.27 7.11 -22.14
C GLU D 429 9.68 7.70 -20.77
N ALA D 430 10.98 7.83 -20.53
CA ALA D 430 11.51 8.33 -19.26
C ALA D 430 11.28 9.84 -19.10
N THR D 431 11.38 10.57 -20.20
CA THR D 431 11.06 12.00 -20.23
C THR D 431 9.57 12.20 -19.94
N ALA D 432 8.73 11.41 -20.61
CA ALA D 432 7.27 11.47 -20.46
C ALA D 432 6.80 11.27 -19.03
N VAL D 433 7.32 10.22 -18.37
CA VAL D 433 6.98 9.91 -16.98
C VAL D 433 7.50 10.95 -16.01
N GLY D 434 8.72 11.42 -16.22
CA GLY D 434 9.27 12.56 -15.48
C GLY D 434 8.46 13.83 -15.57
N ALA D 435 7.89 14.08 -16.75
CA ALA D 435 7.02 15.27 -16.95
C ALA D 435 5.68 15.13 -16.25
N VAL D 436 5.07 13.94 -16.34
CA VAL D 436 3.82 13.67 -15.61
C VAL D 436 4.03 13.78 -14.09
N GLU D 437 5.14 13.26 -13.56
CA GLU D 437 5.41 13.38 -12.10
C GLU D 437 5.67 14.82 -11.71
N ALA D 438 6.44 15.52 -12.55
CA ALA D 438 6.70 16.95 -12.36
C ALA D 438 5.39 17.75 -12.34
N SER D 439 4.46 17.43 -13.25
CA SER D 439 3.15 18.09 -13.34
C SER D 439 2.31 17.92 -12.08
N PHE D 440 2.44 16.76 -11.42
CA PHE D 440 1.76 16.50 -10.17
C PHE D 440 2.38 17.27 -9.03
N LYS D 441 3.71 17.25 -9.00
CA LYS D 441 4.49 17.89 -7.94
C LYS D 441 4.21 19.38 -7.85
N CYS D 442 4.02 20.03 -8.99
CA CYS D 442 3.79 21.48 -9.00
C CYS D 442 2.39 21.86 -9.46
N CYS D 443 1.51 20.88 -9.63
CA CYS D 443 0.14 21.14 -10.08
C CYS D 443 0.12 22.06 -11.32
N SER D 444 0.92 21.72 -12.32
CA SER D 444 1.07 22.59 -13.50
C SER D 444 -0.28 22.77 -14.22
N GLY D 445 -0.43 23.91 -14.88
CA GLY D 445 -1.63 24.19 -15.63
C GLY D 445 -1.68 23.47 -16.95
N ALA D 446 -0.55 22.90 -17.38
CA ALA D 446 -0.51 22.16 -18.64
C ALA D 446 0.80 21.39 -18.81
N ILE D 447 0.73 20.32 -19.58
CA ILE D 447 1.94 19.71 -20.17
C ILE D 447 1.93 20.04 -21.69
N ILE D 448 2.94 20.77 -22.13
CA ILE D 448 3.08 21.18 -23.54
C ILE D 448 4.09 20.26 -24.20
N VAL D 449 3.69 19.64 -25.31
CA VAL D 449 4.53 18.67 -26.02
C VAL D 449 4.56 18.92 -27.54
N LEU D 450 5.75 19.01 -28.10
CA LEU D 450 5.89 19.05 -29.56
C LEU D 450 5.94 17.63 -30.08
N THR D 451 5.09 17.33 -31.05
CA THR D 451 5.05 16.00 -31.60
C THR D 451 4.72 16.05 -33.10
N LYS D 452 5.53 15.34 -33.88
CA LYS D 452 5.26 15.18 -35.32
C LYS D 452 4.17 14.12 -35.55
N SER D 453 4.36 12.96 -34.95
CA SER D 453 3.48 11.78 -35.15
C SER D 453 2.39 11.65 -34.07
N GLY D 454 2.54 12.40 -32.98
CA GLY D 454 1.63 12.30 -31.84
C GLY D 454 2.16 11.42 -30.72
N ARG D 455 3.20 10.63 -31.02
CA ARG D 455 3.68 9.58 -30.12
C ARG D 455 4.10 10.12 -28.76
N SER D 456 4.88 11.20 -28.75
CA SER D 456 5.37 11.82 -27.51
C SER D 456 4.23 12.24 -26.59
N ALA D 457 3.13 12.72 -27.16
CA ALA D 457 1.95 13.10 -26.35
C ALA D 457 1.14 11.88 -25.93
N HIS D 458 1.03 10.86 -26.79
CA HIS D 458 0.39 9.59 -26.38
C HIS D 458 1.10 9.01 -25.15
N GLN D 459 2.42 9.09 -25.13
CA GLN D 459 3.23 8.57 -24.06
C GLN D 459 3.03 9.33 -22.74
N VAL D 460 2.80 10.63 -22.82
CA VAL D 460 2.43 11.40 -21.63
C VAL D 460 1.04 11.06 -21.15
N ALA D 461 0.12 10.92 -22.10
CA ALA D 461 -1.30 10.68 -21.79
C ALA D 461 -1.52 9.34 -21.12
N ARG D 462 -0.65 8.36 -21.40
CA ARG D 462 -0.83 7.03 -20.82
C ARG D 462 -0.52 6.99 -19.31
N TYR D 463 0.19 8.00 -18.79
CA TYR D 463 0.39 8.12 -17.33
C TYR D 463 -0.69 8.95 -16.66
N ARG D 464 -1.70 9.33 -17.44
CA ARG D 464 -2.91 9.96 -16.95
CA ARG D 464 -2.93 9.95 -16.94
C ARG D 464 -2.67 11.14 -16.01
N PRO D 465 -2.00 12.16 -16.52
CA PRO D 465 -1.83 13.34 -15.67
C PRO D 465 -3.14 14.09 -15.44
N ARG D 466 -3.20 14.84 -14.34
CA ARG D 466 -4.34 15.73 -14.09
CA ARG D 466 -4.31 15.75 -14.06
C ARG D 466 -4.30 16.88 -15.09
N ALA D 467 -3.10 17.39 -15.36
CA ALA D 467 -2.91 18.54 -16.22
C ALA D 467 -3.18 18.22 -17.69
N PRO D 468 -3.80 19.18 -18.41
CA PRO D 468 -4.04 19.07 -19.85
C PRO D 468 -2.78 18.98 -20.70
N ILE D 469 -2.82 18.10 -21.70
CA ILE D 469 -1.68 17.90 -22.60
C ILE D 469 -1.97 18.66 -23.90
N ILE D 470 -1.36 19.83 -24.03
CA ILE D 470 -1.47 20.63 -25.24
C ILE D 470 -0.42 20.10 -26.24
N ALA D 471 -0.86 19.30 -27.22
CA ALA D 471 0.08 18.72 -28.19
C ALA D 471 0.18 19.62 -29.43
N VAL D 472 1.37 20.24 -29.63
CA VAL D 472 1.61 21.13 -30.77
C VAL D 472 2.24 20.37 -31.92
N THR D 473 1.57 20.37 -33.07
CA THR D 473 2.01 19.66 -34.26
C THR D 473 1.72 20.47 -35.52
N ARG D 474 2.56 20.30 -36.53
CA ARG D 474 2.29 20.81 -37.86
C ARG D 474 1.53 19.80 -38.71
N ASN D 475 1.30 18.62 -38.17
CA ASN D 475 0.74 17.51 -38.94
C ASN D 475 -0.77 17.44 -38.69
N PRO D 476 -1.57 17.76 -39.73
CA PRO D 476 -3.04 17.78 -39.62
C PRO D 476 -3.67 16.46 -39.17
N GLN D 477 -3.16 15.34 -39.66
CA GLN D 477 -3.72 14.04 -39.30
C GLN D 477 -3.34 13.66 -37.85
N THR D 478 -2.09 13.94 -37.46
CA THR D 478 -1.67 13.80 -36.06
C THR D 478 -2.61 14.54 -35.13
N ALA D 479 -2.90 15.80 -35.45
CA ALA D 479 -3.75 16.64 -34.62
C ALA D 479 -5.17 16.07 -34.46
N ARG D 480 -5.73 15.50 -35.52
CA ARG D 480 -7.09 14.95 -35.48
C ARG D 480 -7.15 13.65 -34.71
N GLN D 481 -6.15 12.79 -34.90
CA GLN D 481 -6.13 11.47 -34.27
C GLN D 481 -5.77 11.53 -32.78
N ALA D 482 -5.11 12.61 -32.35
CA ALA D 482 -4.72 12.82 -30.94
C ALA D 482 -5.92 12.93 -29.99
N HIS D 483 -7.08 13.30 -30.54
CA HIS D 483 -8.34 13.31 -29.80
C HIS D 483 -8.73 11.97 -29.15
N LEU D 484 -8.21 10.87 -29.69
CA LEU D 484 -8.45 9.55 -29.15
C LEU D 484 -7.90 9.35 -27.73
N TYR D 485 -6.94 10.17 -27.33
CA TYR D 485 -6.20 9.99 -26.08
C TYR D 485 -6.66 10.95 -25.00
N ARG D 486 -6.97 10.40 -23.82
CA ARG D 486 -7.34 11.21 -22.68
C ARG D 486 -6.32 12.32 -22.46
N GLY D 487 -6.82 13.53 -22.30
CA GLY D 487 -5.97 14.66 -21.93
C GLY D 487 -5.30 15.39 -23.07
N ILE D 488 -5.21 14.79 -24.25
CA ILE D 488 -4.52 15.48 -25.33
C ILE D 488 -5.42 16.53 -25.98
N PHE D 489 -4.94 17.77 -25.97
CA PHE D 489 -5.60 18.88 -26.65
CA PHE D 489 -5.60 18.88 -26.62
C PHE D 489 -4.74 19.24 -27.85
N PRO D 490 -5.16 18.78 -29.05
CA PRO D 490 -4.31 19.05 -30.20
C PRO D 490 -4.50 20.46 -30.72
N VAL D 491 -3.40 21.10 -31.06
CA VAL D 491 -3.42 22.39 -31.71
C VAL D 491 -2.52 22.23 -32.93
N LEU D 492 -2.96 22.79 -34.06
CA LEU D 492 -2.28 22.63 -35.34
C LEU D 492 -1.52 23.91 -35.69
N CYS D 493 -0.20 23.84 -35.59
CA CYS D 493 0.63 24.99 -35.91
C CYS D 493 0.78 25.08 -37.42
N LYS D 494 0.53 26.26 -37.98
CA LYS D 494 0.64 26.48 -39.41
C LYS D 494 1.67 27.54 -39.78
N ASP D 495 2.54 27.92 -38.84
CA ASP D 495 3.63 28.82 -39.18
C ASP D 495 4.60 28.08 -40.09
N PRO D 496 5.17 28.77 -41.09
CA PRO D 496 6.25 28.10 -41.81
C PRO D 496 7.42 27.71 -40.90
N VAL D 497 8.22 26.75 -41.34
CA VAL D 497 9.36 26.26 -40.58
C VAL D 497 10.48 27.30 -40.58
N GLN D 498 10.89 27.75 -39.39
CA GLN D 498 11.94 28.77 -39.25
C GLN D 498 13.27 28.14 -39.59
N GLU D 499 14.18 28.94 -40.16
CA GLU D 499 15.49 28.44 -40.59
C GLU D 499 16.33 28.03 -39.37
N ALA D 500 16.23 28.81 -38.29
CA ALA D 500 16.85 28.47 -37.00
C ALA D 500 15.91 27.53 -36.23
N TRP D 501 16.30 26.27 -36.09
CA TRP D 501 15.43 25.26 -35.48
C TRP D 501 15.09 25.58 -34.01
N ALA D 502 16.05 26.15 -33.27
CA ALA D 502 15.82 26.57 -31.90
C ALA D 502 14.68 27.59 -31.82
N GLU D 503 14.68 28.54 -32.75
CA GLU D 503 13.59 29.50 -32.86
C GLU D 503 12.29 28.80 -33.27
N ASP D 504 12.38 27.85 -34.20
CA ASP D 504 11.21 27.11 -34.66
C ASP D 504 10.55 26.33 -33.52
N VAL D 505 11.38 25.75 -32.65
CA VAL D 505 10.90 25.05 -31.47
C VAL D 505 10.20 26.04 -30.53
N ASP D 506 10.85 27.18 -30.26
CA ASP D 506 10.31 28.20 -29.33
C ASP D 506 9.05 28.86 -29.85
N LEU D 507 9.01 29.12 -31.16
CA LEU D 507 7.80 29.59 -31.85
C LEU D 507 6.58 28.74 -31.48
N ARG D 508 6.78 27.42 -31.50
CA ARG D 508 5.69 26.46 -31.25
C ARG D 508 5.34 26.29 -29.80
N VAL D 509 6.33 26.40 -28.91
CA VAL D 509 6.06 26.44 -27.48
C VAL D 509 5.23 27.70 -27.14
N ASN D 510 5.62 28.85 -27.69
CA ASN D 510 4.88 30.09 -27.45
C ASN D 510 3.46 30.03 -28.01
N PHE D 511 3.30 29.38 -29.17
CA PHE D 511 1.97 29.08 -29.73
C PHE D 511 1.09 28.33 -28.70
N ALA D 512 1.67 27.29 -28.09
CA ALA D 512 1.01 26.55 -26.98
C ALA D 512 0.65 27.46 -25.82
N MET D 513 1.56 28.35 -25.45
CA MET D 513 1.28 29.33 -24.38
C MET D 513 0.07 30.19 -24.73
N ASN D 514 0.02 30.65 -25.98
CA ASN D 514 -1.10 31.47 -26.49
C ASN D 514 -2.45 30.75 -26.52
N VAL D 515 -2.41 29.48 -26.87
CA VAL D 515 -3.61 28.64 -26.86
C VAL D 515 -4.16 28.52 -25.44
N GLY D 516 -3.29 28.18 -24.49
CA GLY D 516 -3.72 27.98 -23.12
C GLY D 516 -4.25 29.22 -22.43
N LYS D 517 -3.68 30.37 -22.74
CA LYS D 517 -4.21 31.65 -22.25
C LYS D 517 -5.59 31.93 -22.84
N ALA D 518 -5.69 31.77 -24.16
CA ALA D 518 -6.93 32.07 -24.90
C ALA D 518 -8.07 31.14 -24.50
N ARG D 519 -7.72 29.87 -24.31
CA ARG D 519 -8.66 28.84 -23.90
C ARG D 519 -9.08 28.96 -22.44
N GLY D 520 -8.29 29.68 -21.64
CA GLY D 520 -8.53 29.79 -20.20
C GLY D 520 -7.98 28.65 -19.38
N PHE D 521 -7.00 27.92 -19.92
CA PHE D 521 -6.40 26.78 -19.20
C PHE D 521 -5.41 27.23 -18.13
N PHE D 522 -4.84 28.41 -18.32
CA PHE D 522 -3.88 28.99 -17.39
C PHE D 522 -3.67 30.45 -17.75
N LYS D 523 -2.81 31.13 -17.00
CA LYS D 523 -2.52 32.54 -17.23
C LYS D 523 -1.07 32.89 -16.89
N LYS D 524 -0.61 34.04 -17.37
CA LYS D 524 0.75 34.56 -17.09
C LYS D 524 1.15 34.34 -15.63
N GLY D 525 2.39 33.88 -15.42
CA GLY D 525 2.88 33.53 -14.07
C GLY D 525 2.65 32.09 -13.64
N ASP D 526 1.64 31.42 -14.21
CA ASP D 526 1.38 30.00 -13.92
C ASP D 526 2.52 29.14 -14.43
N VAL D 527 2.82 28.04 -13.73
CA VAL D 527 3.93 27.15 -14.13
C VAL D 527 3.41 25.97 -14.94
N VAL D 528 4.12 25.65 -16.02
CA VAL D 528 3.69 24.60 -16.95
C VAL D 528 4.87 23.74 -17.29
N ILE D 529 4.62 22.55 -17.83
CA ILE D 529 5.68 21.62 -18.22
C ILE D 529 5.79 21.59 -19.73
N VAL D 530 7.01 21.69 -20.23
CA VAL D 530 7.22 21.77 -21.66
C VAL D 530 8.12 20.63 -22.08
N LEU D 531 7.67 19.87 -23.07
CA LEU D 531 8.39 18.70 -23.58
C LEU D 531 8.89 18.98 -25.01
N THR D 532 10.20 18.90 -25.20
CA THR D 532 10.82 19.08 -26.52
C THR D 532 11.88 18.01 -26.73
N GLY D 533 12.46 18.02 -27.93
CA GLY D 533 13.49 17.06 -28.30
C GLY D 533 14.77 17.76 -28.60
N TRP D 534 15.82 16.98 -28.86
CA TRP D 534 17.16 17.52 -29.06
C TRP D 534 17.50 17.79 -30.53
N ARG D 535 16.69 17.25 -31.45
CA ARG D 535 16.86 17.53 -32.89
C ARG D 535 15.53 17.30 -33.61
N PRO D 536 15.40 17.80 -34.86
CA PRO D 536 14.15 17.58 -35.63
C PRO D 536 13.87 16.09 -36.01
N GLY D 537 12.63 15.80 -36.38
CA GLY D 537 12.22 14.43 -36.69
C GLY D 537 11.72 13.69 -35.46
N SER D 538 10.90 12.67 -35.68
CA SER D 538 10.32 11.85 -34.61
C SER D 538 11.35 11.06 -33.75
N GLY D 539 10.96 10.82 -32.49
CA GLY D 539 11.71 9.92 -31.59
C GLY D 539 12.86 10.52 -30.83
N PHE D 540 12.98 11.84 -30.82
CA PHE D 540 14.09 12.50 -30.12
C PHE D 540 13.64 13.36 -28.94
N THR D 541 12.38 13.18 -28.53
CA THR D 541 11.87 13.83 -27.34
C THR D 541 12.69 13.39 -26.12
N ASN D 542 13.22 14.37 -25.38
CA ASN D 542 14.13 14.12 -24.28
C ASN D 542 14.35 15.30 -23.33
N THR D 543 13.65 16.41 -23.54
CA THR D 543 13.86 17.61 -22.78
C THR D 543 12.56 17.99 -22.09
N MET D 544 12.61 18.05 -20.77
CA MET D 544 11.51 18.56 -19.98
C MET D 544 11.94 19.85 -19.28
N ARG D 545 11.05 20.84 -19.26
CA ARG D 545 11.35 22.12 -18.62
C ARG D 545 10.14 22.59 -17.83
N VAL D 546 10.40 23.06 -16.63
CA VAL D 546 9.39 23.71 -15.83
C VAL D 546 9.58 25.20 -16.05
N VAL D 547 8.53 25.88 -16.51
CA VAL D 547 8.63 27.32 -16.85
C VAL D 547 7.35 28.10 -16.50
N PRO D 548 7.49 29.43 -16.25
CA PRO D 548 6.30 30.25 -16.12
C PRO D 548 5.66 30.57 -17.49
N VAL D 549 4.33 30.65 -17.51
CA VAL D 549 3.60 31.22 -18.62
C VAL D 549 4.01 32.71 -18.77
N PRO D 550 4.46 33.12 -19.97
CA PRO D 550 4.89 34.51 -20.17
C PRO D 550 3.74 35.50 -20.37
P1 FBP E . -7.94 -31.62 24.73
O1P FBP E . -9.00 -31.52 25.79
O2P FBP E . -6.59 -31.24 25.25
O3P FBP E . -7.86 -33.02 24.17
O1 FBP E . -8.35 -30.62 23.55
C1 FBP E . -8.74 -29.30 23.79
C2 FBP E . -8.50 -28.55 22.49
O2 FBP E . -8.92 -27.17 22.64
C3 FBP E . -9.24 -29.20 21.31
O3 FBP E . -10.57 -28.76 21.14
C4 FBP E . -8.35 -28.81 20.15
O4 FBP E . -8.55 -29.58 18.99
C5 FBP E . -6.97 -29.00 20.77
O5 FBP E . -7.10 -28.58 22.14
C6 FBP E . -5.91 -28.23 20.01
O6 FBP E . -4.74 -29.00 19.91
P2 FBP E . -3.76 -28.92 18.62
O4P FBP E . -4.58 -29.20 17.39
O5P FBP E . -2.69 -29.96 18.81
O6P FBP E . -3.13 -27.56 18.57
UNK UNX F . 29.52 -21.25 21.23
UNK UNX G . 22.85 -42.29 16.12
UNK UNX H . 17.85 -32.77 36.69
UNK UNX I . 17.93 -13.37 37.25
UNK UNX J . 8.91 -17.20 11.21
UNK UNX K . 11.93 -33.65 24.75
UNK UNX L . 20.21 -8.02 12.90
UNK UNX M . 28.39 -26.33 16.84
UNK UNX N . 19.16 -32.23 -2.00
UNK UNX O . -6.44 -27.66 16.15
UNK UNX P . 29.59 -20.63 13.33
OAC D8G Q . 9.65 -3.27 8.33
OAC D8G Q . 12.28 -0.25 4.76
CAQ D8G Q . 8.92 -2.83 7.45
CAQ D8G Q . 11.07 -0.29 4.50
CAU D8G Q . 9.45 -1.97 6.47
CAU D8G Q . 10.22 -1.08 5.26
NAV D8G Q . 10.65 -1.41 6.20
NAV D8G Q . 10.36 -1.92 6.30
CAB D8G Q . 11.90 -1.63 6.98
CAB D8G Q . 11.66 -2.21 6.97
CAS D8G Q . 10.59 -0.62 5.10
CAS D8G Q . 9.18 -2.45 6.68
CAJ D8G Q . 11.37 0.18 4.32
CAJ D8G Q . 8.61 -3.31 7.57
CAN D8G Q . 10.72 0.76 3.29
CAN D8G Q . 7.28 -3.48 7.44
CAA D8G Q . 11.34 1.70 2.26
CAA D8G Q . 6.38 -4.37 8.29
SAM D8G Q . 9.12 0.28 3.31
SAM D8G Q . 6.73 -2.56 6.19
CAT D8G Q . 9.27 -0.68 4.66
CAT D8G Q . 8.23 -1.92 5.78
CAR D8G Q . 8.57 -1.52 5.52
CAR D8G Q . 8.88 -1.06 4.93
CAI D8G Q . 7.24 -1.94 5.54
CAI D8G Q . 8.45 -0.27 3.86
NAL D8G Q . 6.79 -2.76 6.49
NAL D8G Q . 9.31 0.46 3.18
NAW D8G Q . 7.53 -3.20 7.39
NAW D8G Q . 10.52 0.49 3.43
CAK D8G Q . 6.91 -4.14 8.36
CAK D8G Q . 11.37 1.38 2.59
CAP D8G Q . 7.23 -5.53 7.79
CAP D8G Q . 11.35 2.72 3.32
CAH D8G Q . 6.57 -5.90 6.61
CAH D8G Q . 10.17 3.48 3.27
CAF D8G Q . 6.82 -7.12 6.02
CAF D8G Q . 10.11 4.71 3.93
CAE D8G Q . 7.74 -8.00 6.59
CAE D8G Q . 11.21 5.16 4.65
CAG D8G Q . 8.42 -7.65 7.74
CAG D8G Q . 12.38 4.42 4.72
CAO D8G Q . 8.17 -6.41 8.34
CAO D8G Q . 12.45 3.20 4.05
FAD D8G Q . 8.82 -6.08 9.48
FAD D8G Q . 13.58 2.45 4.11
P1 FBP R . 26.36 28.86 -13.65
O1P FBP R . 26.89 28.94 -15.05
O2P FBP R . 27.24 27.95 -12.84
O3P FBP R . 26.26 30.21 -13.00
O1 FBP R . 24.88 28.30 -13.63
C1 FBP R . 24.60 26.98 -14.07
C2 FBP R . 23.35 26.48 -13.36
O2 FBP R . 22.85 25.32 -14.09
C3 FBP R . 22.25 27.54 -13.29
O3 FBP R . 21.49 27.68 -14.48
C4 FBP R . 21.47 27.06 -12.10
O4 FBP R . 20.59 28.00 -11.52
C5 FBP R . 22.61 26.68 -11.18
O5 FBP R . 23.63 26.12 -11.99
C6 FBP R . 22.17 25.72 -10.07
O6 FBP R . 22.92 26.01 -8.92
P2 FBP R . 22.27 25.80 -7.47
O4P FBP R . 20.92 26.49 -7.43
O5P FBP R . 23.21 26.44 -6.49
O6P FBP R . 22.03 24.33 -7.18
UNK UNX S . 33.71 14.91 20.22
UNK UNX T . 28.81 9.99 33.36
UNK UNX U . 40.98 0.05 13.48
UNK UNX V . 19.53 0.34 12.38
UNK UNX W . 28.90 15.76 25.16
UNK UNX X . 18.57 25.95 -8.64
UNK UNX Y . 22.53 1.32 12.67
UNK UNX Z . 28.46 9.56 20.30
UNK UNX AA . 32.19 4.48 14.69
P1 FBP BA . -31.04 -14.49 23.32
O1P FBP BA . -31.05 -15.90 23.83
O2P FBP BA . -31.88 -14.30 22.08
O3P FBP BA . -31.50 -13.56 24.41
O1 FBP BA . -29.52 -14.13 22.97
C1 FBP BA . -28.71 -14.89 22.11
C2 FBP BA . -27.53 -14.03 21.67
O2 FBP BA . -26.61 -14.85 20.90
C3 FBP BA . -26.84 -13.38 22.88
O3 FBP BA . -25.82 -14.19 23.38
C4 FBP BA . -26.38 -12.07 22.31
O4 FBP BA . -26.08 -11.08 23.28
C5 FBP BA . -27.57 -11.70 21.45
O5 FBP BA . -27.99 -12.93 20.87
C6 FBP BA . -27.23 -10.65 20.42
O6 FBP BA . -28.26 -9.69 20.36
P2 FBP BA . -27.93 -8.20 19.92
O4P FBP BA . -26.88 -7.62 20.85
O5P FBP BA . -29.22 -7.39 20.00
O6P FBP BA . -27.36 -8.12 18.51
OAC D8G CA . -13.06 0.89 -5.37
OAC D8G CA . -10.66 4.08 -8.86
CAQ D8G CA . -11.85 0.98 -5.13
CAQ D8G CA . -9.92 3.68 -7.97
CAU D8G CA . -11.02 1.79 -5.92
CAU D8G CA . -10.41 2.84 -6.98
NAV D8G CA . -11.18 2.60 -6.98
NAV D8G CA . -11.60 2.32 -6.69
CAB D8G CA . -12.46 2.87 -7.66
CAB D8G CA . -12.83 2.55 -7.48
CAS D8G CA . -10.03 3.16 -7.35
CAS D8G CA . -11.57 1.57 -5.59
CAJ D8G CA . -9.52 4.01 -8.28
CAJ D8G CA . -12.37 0.81 -4.81
CAN D8G CA . -8.21 4.22 -8.18
CAN D8G CA . -11.78 0.25 -3.75
CAA D8G CA . -7.39 5.14 -9.10
CAA D8G CA . -12.47 -0.65 -2.72
SAM D8G CA . -7.59 3.33 -6.89
SAM D8G CA . -10.16 0.68 -3.73
CAT D8G CA . -9.05 2.66 -6.47
CAT D8G CA . -10.24 1.62 -5.13
CAR D8G CA . -9.68 1.82 -5.59
CAR D8G CA . -9.53 2.42 -6.01
CAI D8G CA . -9.22 1.07 -4.52
CAI D8G CA . -8.20 2.81 -6.06
NAL D8G CA . -10.04 0.32 -3.81
NAL D8G CA . -7.78 3.61 -7.05
NAW D8G CA . -11.26 0.24 -4.05
NAW D8G CA . -8.54 4.03 -7.94
CAK D8G CA . -12.07 -0.62 -3.16
CAK D8G CA . -7.98 4.91 -9.02
CAP D8G CA . -12.75 0.34 -2.18
CAP D8G CA . -7.65 3.97 -10.19
CAH D8G CA . -11.99 0.94 -1.17
CAH D8G CA . -6.59 3.07 -10.01
CAF D8G CA . -12.59 1.84 -0.29
CAF D8G CA . -6.25 2.18 -11.02
CAE D8G CA . -13.95 2.16 -0.42
CAE D8G CA . -6.97 2.16 -12.22
CAG D8G CA . -14.71 1.58 -1.44
CAG D8G CA . -8.03 3.03 -12.41
CAO D8G CA . -14.10 0.68 -2.31
CAO D8G CA . -8.38 3.93 -11.40
FAD D8G CA . -14.79 0.09 -3.30
FAD D8G CA . -9.41 4.77 -11.60
UNK UNX DA . -16.09 -12.81 3.18
UNK UNX EA . -38.32 24.65 -9.27
UNK UNX FA . -35.99 12.65 -4.44
UNK UNX GA . -29.53 -23.74 30.59
P1 FBP HA . 10.29 18.89 -35.73
O1P FBP HA . 11.09 20.17 -35.63
O2P FBP HA . 8.84 19.21 -35.94
O3P FBP HA . 10.84 18.04 -36.85
O1 FBP HA . 10.47 18.08 -34.37
C1 FBP HA . 10.42 18.76 -33.14
C2 FBP HA . 10.42 17.73 -32.02
O2 FBP HA . 10.37 18.44 -30.76
C3 FBP HA . 11.64 16.83 -32.06
O3 FBP HA . 12.69 17.42 -31.32
C4 FBP HA . 11.10 15.53 -31.50
O4 FBP HA . 11.85 14.37 -31.78
C5 FBP HA . 9.74 15.50 -32.17
O5 FBP HA . 9.31 16.86 -32.17
C6 FBP HA . 8.76 14.58 -31.46
O6 FBP HA . 7.86 13.99 -32.37
P2 FBP HA . 7.27 12.50 -32.11
O4P FBP HA . 8.38 11.61 -31.71
O5P FBP HA . 6.60 12.04 -33.39
O6P FBP HA . 6.21 12.49 -31.02
UNK UNX IA . -3.61 5.20 -22.14
UNK UNX JA . -24.35 7.27 -26.57
UNK UNX KA . -14.31 3.73 -9.92
UNK UNX LA . 9.82 11.08 -29.27
UNK UNX MA . -14.80 17.95 -9.39
UNK UNX NA . -23.18 -0.26 -30.69
UNK UNX OA . -23.09 -1.92 -32.34
#